data_6FWB
#
_entry.id   6FWB
#
_cell.length_a   68.430
_cell.length_b   103.027
_cell.length_c   114.465
_cell.angle_alpha   90.00
_cell.angle_beta   93.36
_cell.angle_gamma   90.00
#
_symmetry.space_group_name_H-M   'P 1 21 1'
#
loop_
_entity.id
_entity.type
_entity.pdbx_description
1 polymer 'S-adenosylmethionine synthase isoform type-2'
2 non-polymer 'SULFATE ION'
3 non-polymer 'TETRAETHYLENE GLYCOL'
4 non-polymer 'SODIUM ION'
5 non-polymer GLYCEROL
6 water water
#
_entity_poly.entity_id   1
_entity_poly.type   'polypeptide(L)'
_entity_poly.pdbx_seq_one_letter_code
;MAHHHHHHENLYFQGSMNGQLNGFHEAFIEEGTFLFTSESVGEGHPDKICDQISDAVLDAHLQQDPDAKVACETVAKTGM
ILLAGEITSRAAVDYQKVVREAVKHIGYDDSSKGFDYKTCNVLVALEQQSPDIAQGVHLDRNEEDIGAGDQGLMFGYATD
ETEECMPLTIVLAHKLNAKLAELRRNGTLPWLRPDSKTQVTVQYMQDRGAVLPIRVHTIVISVQHDEEVCLDEMRDALKE
KVIKAVVPAKYLDEDTIYHLQPSGRFVIGGPQGDAGLTGRKIIVDTYGGWGAHGGGAFSGKDYTKVDRSAAYAARWVAKS
LVKGGLCRRVLVQVSYAIGVSHPLSISIFHYGTSQKSERELLEIVKKNFDLRPGVIVRDLDLKKPIYQRTAAYGHFGRDS
FPWEVPKKLK
;
_entity_poly.pdbx_strand_id   B,A,C,D
#
loop_
_chem_comp.id
_chem_comp.type
_chem_comp.name
_chem_comp.formula
GOL non-polymer GLYCEROL 'C3 H8 O3'
NA non-polymer 'SODIUM ION' 'Na 1'
PG4 non-polymer 'TETRAETHYLENE GLYCOL' 'C8 H18 O5'
SO4 non-polymer 'SULFATE ION' 'O4 S -2'
#
# COMPACT_ATOMS: atom_id res chain seq x y z
N ILE A 29 -25.95 51.44 2.29
CA ILE A 29 -25.88 51.64 0.81
C ILE A 29 -24.95 50.55 0.25
N GLU A 30 -25.36 49.95 -0.86
CA GLU A 30 -24.55 49.00 -1.63
C GLU A 30 -23.08 49.42 -1.86
N GLU A 31 -22.87 50.70 -2.16
CA GLU A 31 -21.54 51.26 -2.49
C GLU A 31 -20.51 51.12 -1.36
N GLY A 32 -20.96 51.06 -0.09
CA GLY A 32 -20.07 50.90 1.05
C GLY A 32 -19.99 49.52 1.67
N THR A 33 -20.66 48.52 1.08
CA THR A 33 -20.64 47.16 1.65
C THR A 33 -19.85 46.21 0.75
N PHE A 34 -19.39 45.10 1.32
CA PHE A 34 -18.77 44.04 0.55
C PHE A 34 -19.15 42.68 1.12
N LEU A 35 -18.97 41.63 0.33
CA LEU A 35 -19.20 40.26 0.76
C LEU A 35 -17.86 39.59 1.04
N PHE A 36 -17.86 38.65 1.98
CA PHE A 36 -16.71 37.78 2.19
C PHE A 36 -17.20 36.42 2.64
N THR A 37 -16.55 35.37 2.13
CA THR A 37 -16.93 33.99 2.37
C THR A 37 -15.79 33.19 3.01
N SER A 38 -16.11 32.37 4.00
CA SER A 38 -15.18 31.35 4.53
C SER A 38 -15.88 30.01 4.63
N GLU A 39 -15.10 28.93 4.73
CA GLU A 39 -15.65 27.59 4.87
C GLU A 39 -15.02 26.86 6.05
N SER A 40 -15.70 25.82 6.49
CA SER A 40 -15.17 24.89 7.45
C SER A 40 -15.63 23.49 7.09
N VAL A 41 -14.99 22.47 7.66
CA VAL A 41 -15.38 21.08 7.43
C VAL A 41 -15.46 20.34 8.75
N GLY A 42 -16.26 19.27 8.76
CA GLY A 42 -16.46 18.45 9.93
C GLY A 42 -15.35 17.47 10.22
N GLU A 43 -15.46 16.83 11.38
CA GLU A 43 -14.48 15.82 11.78
C GLU A 43 -14.37 14.63 10.81
N GLY A 44 -15.48 14.30 10.13
CA GLY A 44 -15.44 13.21 9.17
C GLY A 44 -15.14 13.55 7.74
N HIS A 45 -14.89 14.83 7.45
CA HIS A 45 -14.35 15.19 6.14
C HIS A 45 -13.01 14.49 5.98
N PRO A 46 -12.77 13.82 4.85
CA PRO A 46 -11.57 12.95 4.76
C PRO A 46 -10.23 13.67 5.00
N ASP A 47 -10.10 14.90 4.55
CA ASP A 47 -8.88 15.70 4.84
C ASP A 47 -8.73 15.95 6.35
N LYS A 48 -9.83 16.29 7.02
CA LYS A 48 -9.82 16.51 8.46
C LYS A 48 -9.59 15.22 9.28
N ILE A 49 -10.08 14.08 8.79
CA ILE A 49 -9.77 12.79 9.40
C ILE A 49 -8.22 12.64 9.46
N CYS A 50 -7.56 12.95 8.36
CA CYS A 50 -6.09 12.80 8.26
C CYS A 50 -5.37 13.75 9.20
N ASP A 51 -5.82 15.00 9.27
CA ASP A 51 -5.23 15.97 10.20
C ASP A 51 -5.34 15.47 11.62
N GLN A 52 -6.53 14.96 12.00
CA GLN A 52 -6.73 14.48 13.37
C GLN A 52 -5.88 13.28 13.70
N ILE A 53 -5.78 12.32 12.76
CA ILE A 53 -4.94 11.15 12.96
C ILE A 53 -3.46 11.55 13.07
N SER A 54 -3.02 12.44 12.19
CA SER A 54 -1.63 12.94 12.24
C SER A 54 -1.27 13.57 13.59
N ASP A 55 -2.17 14.39 14.12
CA ASP A 55 -1.96 14.98 15.45
C ASP A 55 -2.19 14.01 16.61
N ALA A 56 -3.03 12.99 16.44
CA ALA A 56 -3.13 11.89 17.42
C ALA A 56 -1.82 11.15 17.53
N VAL A 57 -1.16 10.90 16.40
CA VAL A 57 0.15 10.26 16.38
C VAL A 57 1.18 11.16 17.08
N LEU A 58 1.19 12.45 16.73
CA LEU A 58 2.08 13.41 17.38
C LEU A 58 1.89 13.39 18.91
N ASP A 59 0.63 13.47 19.35
CA ASP A 59 0.33 13.46 20.79
C ASP A 59 0.81 12.15 21.47
N ALA A 60 0.58 11.02 20.80
CA ALA A 60 0.99 9.72 21.33
C ALA A 60 2.49 9.68 21.56
N HIS A 61 3.26 10.24 20.64
CA HIS A 61 4.71 10.34 20.83
C HIS A 61 5.08 11.29 21.98
N LEU A 62 4.48 12.47 22.00
CA LEU A 62 4.82 13.48 22.99
C LEU A 62 4.44 13.05 24.41
N GLN A 63 3.40 12.23 24.55
CA GLN A 63 3.03 11.67 25.87
C GLN A 63 4.17 10.87 26.51
N GLN A 64 4.93 10.16 25.69
CA GLN A 64 6.05 9.33 26.16
C GLN A 64 7.42 10.03 26.04
N ASP A 65 7.60 10.85 25.00
CA ASP A 65 8.85 11.51 24.72
C ASP A 65 8.58 12.96 24.33
N PRO A 66 8.70 13.89 25.30
CA PRO A 66 8.44 15.31 25.04
C PRO A 66 9.31 15.96 23.97
N ASP A 67 10.46 15.35 23.65
CA ASP A 67 11.34 15.83 22.60
C ASP A 67 11.25 15.07 21.27
N ALA A 68 10.20 14.27 21.10
CA ALA A 68 9.97 13.58 19.83
C ALA A 68 9.93 14.53 18.65
N LYS A 69 10.58 14.14 17.56
CA LYS A 69 10.48 14.85 16.29
C LYS A 69 9.53 14.04 15.40
N VAL A 70 8.50 14.70 14.90
CA VAL A 70 7.41 14.02 14.19
C VAL A 70 7.06 14.82 12.93
N ALA A 71 6.96 14.10 11.81
CA ALA A 71 6.45 14.64 10.56
C ALA A 71 5.58 13.54 9.94
N CYS A 72 4.36 13.43 10.43
CA CYS A 72 3.46 12.31 10.14
C CYS A 72 2.37 12.76 9.16
N GLU A 73 2.39 12.17 7.97
CA GLU A 73 1.35 12.37 6.97
C GLU A 73 0.36 11.20 7.04
N THR A 74 -0.92 11.52 6.91
CA THR A 74 -1.96 10.50 6.85
C THR A 74 -2.68 10.62 5.51
N VAL A 75 -3.01 9.46 4.93
CA VAL A 75 -3.78 9.38 3.70
C VAL A 75 -4.97 8.47 3.98
N ALA A 76 -6.17 8.90 3.55
CA ALA A 76 -7.37 8.11 3.78
C ALA A 76 -8.10 7.94 2.46
N LYS A 77 -8.50 6.70 2.19
CA LYS A 77 -9.30 6.40 0.98
C LYS A 77 -10.09 5.15 1.34
N THR A 78 -11.03 4.73 0.51
CA THR A 78 -11.89 3.58 0.83
C THR A 78 -11.14 2.46 1.55
N GLY A 79 -11.52 2.21 2.79
CA GLY A 79 -10.99 1.12 3.59
C GLY A 79 -9.56 1.25 4.08
N MET A 80 -8.90 2.39 3.90
CA MET A 80 -7.46 2.51 4.17
C MET A 80 -7.10 3.78 4.93
N ILE A 81 -6.28 3.59 5.97
CA ILE A 81 -5.53 4.68 6.58
C ILE A 81 -4.06 4.31 6.40
N LEU A 82 -3.31 5.19 5.72
CA LEU A 82 -1.88 4.97 5.51
C LEU A 82 -1.15 6.09 6.26
N LEU A 83 -0.14 5.70 7.05
CA LEU A 83 0.70 6.67 7.76
C LEU A 83 2.07 6.65 7.12
N ALA A 84 2.57 7.83 6.78
CA ALA A 84 3.88 7.94 6.14
C ALA A 84 4.61 9.14 6.73
N GLY A 85 5.93 9.06 6.80
CA GLY A 85 6.71 10.17 7.28
C GLY A 85 7.84 9.68 8.16
N GLU A 86 8.39 10.62 8.92
CA GLU A 86 9.63 10.44 9.65
C GLU A 86 9.42 10.80 11.11
N ILE A 87 9.94 9.96 11.99
CA ILE A 87 9.82 10.18 13.43
C ILE A 87 11.17 9.86 14.06
N THR A 88 11.61 10.73 14.98
CA THR A 88 12.76 10.42 15.85
C THR A 88 12.21 10.52 17.27
N SER A 89 12.11 9.39 17.94
CA SER A 89 11.41 9.30 19.20
C SER A 89 11.83 8.08 20.00
N ARG A 90 11.79 8.22 21.33
CA ARG A 90 11.94 7.08 22.24
C ARG A 90 10.63 6.37 22.53
N ALA A 91 9.50 6.90 22.04
CA ALA A 91 8.20 6.33 22.34
C ALA A 91 7.99 5.01 21.60
N ALA A 92 7.20 4.12 22.19
CA ALA A 92 6.72 2.92 21.51
C ALA A 92 5.22 3.10 21.39
N VAL A 93 4.77 3.35 20.16
CA VAL A 93 3.38 3.76 19.92
C VAL A 93 2.62 2.64 19.22
N ASP A 94 1.44 2.32 19.73
CA ASP A 94 0.57 1.33 19.14
C ASP A 94 -0.29 2.04 18.07
N TYR A 95 0.14 1.98 16.81
CA TYR A 95 -0.57 2.68 15.75
C TYR A 95 -1.97 2.12 15.48
N GLN A 96 -2.18 0.84 15.69
CA GLN A 96 -3.54 0.25 15.55
C GLN A 96 -4.50 0.95 16.49
N LYS A 97 -4.09 1.07 17.74
CA LYS A 97 -4.89 1.72 18.73
C LYS A 97 -5.10 3.22 18.43
N VAL A 98 -4.03 3.94 18.10
CA VAL A 98 -4.13 5.37 17.88
C VAL A 98 -5.09 5.67 16.71
N VAL A 99 -4.86 4.95 15.59
CA VAL A 99 -5.66 5.18 14.40
C VAL A 99 -7.11 4.79 14.64
N ARG A 100 -7.32 3.57 15.14
CA ARG A 100 -8.68 3.05 15.22
C ARG A 100 -9.50 3.80 16.25
N GLU A 101 -8.88 4.19 17.38
CA GLU A 101 -9.61 5.01 18.38
C GLU A 101 -9.99 6.38 17.83
N ALA A 102 -9.14 6.98 16.99
CA ALA A 102 -9.48 8.26 16.37
C ALA A 102 -10.67 8.13 15.41
N VAL A 103 -10.64 7.09 14.59
CA VAL A 103 -11.72 6.85 13.63
C VAL A 103 -13.03 6.53 14.37
N LYS A 104 -12.94 5.72 15.42
CA LYS A 104 -14.12 5.47 16.29
C LYS A 104 -14.68 6.77 16.85
N HIS A 105 -13.81 7.64 17.37
CA HIS A 105 -14.26 8.91 17.98
C HIS A 105 -14.98 9.80 16.93
N ILE A 106 -14.41 9.84 15.73
CA ILE A 106 -14.99 10.61 14.63
C ILE A 106 -16.39 10.10 14.28
N GLY A 107 -16.58 8.78 14.38
CA GLY A 107 -17.88 8.15 14.25
C GLY A 107 -18.05 7.15 13.12
N TYR A 108 -16.94 6.71 12.50
CA TYR A 108 -17.01 5.71 11.44
C TYR A 108 -16.86 4.33 12.03
N ASP A 109 -18.00 3.66 12.26
CA ASP A 109 -18.06 2.40 12.97
C ASP A 109 -18.89 1.32 12.29
N ASP A 110 -19.13 1.49 10.98
CA ASP A 110 -19.91 0.51 10.24
C ASP A 110 -19.77 0.66 8.74
N SER A 111 -19.76 -0.45 8.03
CA SER A 111 -19.75 -0.45 6.56
C SER A 111 -20.89 0.38 5.96
N SER A 112 -22.05 0.42 6.62
CA SER A 112 -23.20 1.20 6.13
C SER A 112 -22.91 2.71 6.06
N LYS A 113 -21.92 3.17 6.84
CA LYS A 113 -21.50 4.57 6.85
C LYS A 113 -20.34 4.86 5.91
N GLY A 114 -19.80 3.81 5.29
CA GLY A 114 -18.73 3.93 4.31
C GLY A 114 -17.35 3.65 4.85
N PHE A 115 -17.21 3.48 6.16
CA PHE A 115 -15.89 3.31 6.79
C PHE A 115 -16.09 2.80 8.20
N ASP A 116 -15.21 1.89 8.63
CA ASP A 116 -15.37 1.26 9.96
C ASP A 116 -14.00 1.10 10.61
N TYR A 117 -13.82 1.71 11.78
CA TYR A 117 -12.57 1.58 12.54
C TYR A 117 -12.21 0.12 12.87
N LYS A 118 -13.21 -0.74 13.00
CA LYS A 118 -12.98 -2.15 13.36
C LYS A 118 -12.33 -2.95 12.24
N THR A 119 -12.61 -2.59 10.99
CA THR A 119 -12.25 -3.43 9.86
C THR A 119 -11.37 -2.74 8.81
N CYS A 120 -11.03 -1.47 9.00
CA CYS A 120 -10.21 -0.76 8.04
C CYS A 120 -8.76 -1.26 8.08
N ASN A 121 -8.08 -1.05 6.93
CA ASN A 121 -6.68 -1.41 6.75
C ASN A 121 -5.88 -0.25 7.32
N VAL A 122 -4.98 -0.54 8.26
CA VAL A 122 -4.01 0.43 8.74
C VAL A 122 -2.62 0.01 8.24
N LEU A 123 -2.03 0.86 7.41
CA LEU A 123 -0.73 0.59 6.80
C LEU A 123 0.23 1.59 7.34
N VAL A 124 1.31 1.06 7.95
CA VAL A 124 2.27 1.95 8.59
C VAL A 124 3.57 1.91 7.80
N ALA A 125 3.84 3.06 7.18
CA ALA A 125 5.07 3.24 6.39
C ALA A 125 5.96 4.27 7.04
N LEU A 126 5.65 4.75 8.25
CA LEU A 126 6.52 5.63 9.01
C LEU A 126 7.89 5.06 9.23
N GLU A 127 8.92 5.89 9.15
CA GLU A 127 10.29 5.48 9.42
C GLU A 127 10.65 6.18 10.73
N GLN A 128 10.83 5.36 11.77
CA GLN A 128 11.14 5.85 13.14
C GLN A 128 12.55 5.48 13.46
N GLN A 129 13.36 6.47 13.91
CA GLN A 129 14.70 6.25 14.46
C GLN A 129 14.68 6.57 15.94
N SER A 130 15.67 6.08 16.68
CA SER A 130 15.97 6.55 18.06
C SER A 130 16.84 7.81 18.00
N PRO A 131 16.72 8.68 18.99
CA PRO A 131 17.65 9.83 19.04
C PRO A 131 19.09 9.39 19.41
N ASP A 132 20.07 10.23 19.12
CA ASP A 132 21.43 10.07 19.70
C ASP A 132 21.40 10.39 21.19
N ASN A 142 21.49 25.24 24.14
CA ASN A 142 20.61 26.22 24.77
C ASN A 142 19.41 26.49 23.88
N GLU A 143 18.22 26.13 24.33
CA GLU A 143 17.04 26.12 23.45
C GLU A 143 16.63 27.47 22.95
N GLU A 144 16.91 28.55 23.71
CA GLU A 144 16.57 29.88 23.29
C GLU A 144 17.28 30.37 22.03
N ASP A 145 18.42 29.79 21.72
CA ASP A 145 19.23 30.19 20.56
C ASP A 145 19.05 29.32 19.29
N ILE A 146 18.05 28.44 19.27
CA ILE A 146 17.78 27.63 18.08
C ILE A 146 17.52 28.57 16.91
N GLY A 147 18.20 28.38 15.79
CA GLY A 147 18.03 29.26 14.60
C GLY A 147 16.77 28.85 13.88
N ALA A 148 16.13 29.79 13.18
CA ALA A 148 15.07 29.44 12.25
C ALA A 148 15.61 28.43 11.22
N GLY A 149 14.83 27.42 10.88
CA GLY A 149 15.23 26.41 9.90
C GLY A 149 15.25 26.91 8.45
N ASP A 150 14.61 28.04 8.20
CA ASP A 150 14.46 28.57 6.84
C ASP A 150 14.28 30.07 6.90
N GLN A 151 14.42 30.70 5.74
CA GLN A 151 14.07 32.10 5.61
C GLN A 151 12.58 32.09 5.38
N GLY A 152 11.78 32.93 6.01
CA GLY A 152 10.34 32.71 5.91
C GLY A 152 9.53 33.71 6.68
N LEU A 153 8.23 33.59 6.50
CA LEU A 153 7.27 34.64 6.83
C LEU A 153 6.11 33.91 7.47
N MET A 154 5.62 34.49 8.54
CA MET A 154 4.47 33.97 9.30
C MET A 154 3.55 35.13 9.59
N PHE A 155 2.26 34.86 9.55
CA PHE A 155 1.25 35.92 9.80
C PHE A 155 0.40 35.56 10.99
N GLY A 156 0.07 36.59 11.76
CA GLY A 156 -0.99 36.50 12.76
C GLY A 156 -2.06 37.51 12.39
N TYR A 157 -3.31 37.20 12.73
CA TYR A 157 -4.41 38.09 12.42
C TYR A 157 -5.41 38.06 13.57
N ALA A 158 -6.03 39.20 13.81
CA ALA A 158 -7.11 39.31 14.77
C ALA A 158 -8.04 40.45 14.37
N THR A 159 -9.30 40.32 14.78
CA THR A 159 -10.33 41.28 14.46
C THR A 159 -11.34 41.34 15.61
N ASP A 160 -11.81 42.53 15.94
CA ASP A 160 -12.75 42.69 17.08
C ASP A 160 -14.20 42.33 16.77
N GLU A 161 -14.46 41.82 15.57
CA GLU A 161 -15.84 41.56 15.14
C GLU A 161 -16.54 40.40 15.89
N THR A 162 -15.78 39.52 16.54
CA THR A 162 -16.32 38.48 17.41
C THR A 162 -15.57 38.47 18.74
N GLU A 163 -16.16 37.87 19.77
CA GLU A 163 -15.48 37.65 21.05
C GLU A 163 -14.20 36.83 20.94
N GLU A 164 -14.19 35.85 20.04
CA GLU A 164 -13.03 35.05 19.70
C GLU A 164 -11.89 35.82 18.98
N CYS A 165 -12.15 37.07 18.59
N CYS A 165 -12.15 37.07 18.59
CA CYS A 165 -11.20 37.89 17.83
CA CYS A 165 -11.20 37.88 17.84
C CYS A 165 -10.88 37.29 16.46
C CYS A 165 -10.88 37.28 16.46
N MET A 166 -11.90 36.64 15.87
CA MET A 166 -11.77 36.00 14.57
C MET A 166 -12.83 36.52 13.62
N PRO A 167 -12.60 36.35 12.30
CA PRO A 167 -13.65 36.73 11.35
C PRO A 167 -14.97 35.99 11.58
N LEU A 168 -16.09 36.68 11.47
CA LEU A 168 -17.39 36.07 11.70
C LEU A 168 -17.65 34.93 10.73
N THR A 169 -17.22 35.07 9.49
CA THR A 169 -17.42 34.05 8.47
C THR A 169 -16.88 32.68 8.91
N ILE A 170 -15.64 32.64 9.37
CA ILE A 170 -15.00 31.37 9.77
C ILE A 170 -15.52 30.88 11.15
N VAL A 171 -15.78 31.79 12.08
CA VAL A 171 -16.36 31.42 13.38
C VAL A 171 -17.69 30.69 13.19
N LEU A 172 -18.57 31.28 12.39
CA LEU A 172 -19.87 30.66 12.14
C LEU A 172 -19.75 29.34 11.37
N ALA A 173 -18.86 29.29 10.37
CA ALA A 173 -18.67 28.07 9.64
C ALA A 173 -18.20 26.92 10.56
N HIS A 174 -17.20 27.19 11.42
CA HIS A 174 -16.72 26.18 12.37
C HIS A 174 -17.84 25.73 13.33
N LYS A 175 -18.55 26.71 13.89
CA LYS A 175 -19.57 26.40 14.88
C LYS A 175 -20.76 25.60 14.28
N LEU A 176 -21.04 25.80 13.00
CA LEU A 176 -22.06 25.00 12.33
C LEU A 176 -21.64 23.53 12.28
N ASN A 177 -20.40 23.25 11.94
CA ASN A 177 -19.90 21.85 11.95
C ASN A 177 -19.90 21.25 13.35
N ALA A 178 -19.49 22.05 14.34
CA ALA A 178 -19.49 21.58 15.73
C ALA A 178 -20.92 21.22 16.22
N LYS A 179 -21.89 22.04 15.81
CA LYS A 179 -23.28 21.80 16.15
C LYS A 179 -23.81 20.52 15.51
N LEU A 180 -23.46 20.29 14.24
CA LEU A 180 -23.84 19.03 13.58
C LEU A 180 -23.31 17.83 14.36
N ALA A 181 -22.02 17.88 14.72
CA ALA A 181 -21.41 16.79 15.48
C ALA A 181 -22.09 16.60 16.85
N GLU A 182 -22.44 17.70 17.51
CA GLU A 182 -23.11 17.65 18.80
C GLU A 182 -24.47 16.93 18.71
N LEU A 183 -25.27 17.32 17.70
CA LEU A 183 -26.59 16.74 17.50
C LEU A 183 -26.56 15.31 16.96
N ARG A 184 -25.50 14.97 16.22
CA ARG A 184 -25.27 13.60 15.81
C ARG A 184 -24.96 12.72 17.04
N ARG A 185 -24.01 13.18 17.85
CA ARG A 185 -23.52 12.39 18.98
C ARG A 185 -24.53 12.28 20.14
N ASN A 186 -25.37 13.30 20.34
CA ASN A 186 -26.40 13.22 21.39
C ASN A 186 -27.70 12.54 20.92
N GLY A 187 -27.75 12.14 19.66
CA GLY A 187 -28.89 11.39 19.13
C GLY A 187 -30.14 12.19 18.79
N THR A 188 -30.07 13.53 18.88
CA THR A 188 -31.17 14.41 18.42
C THR A 188 -31.46 14.29 16.93
N LEU A 189 -30.39 14.22 16.14
CA LEU A 189 -30.49 14.01 14.69
C LEU A 189 -29.73 12.74 14.33
N PRO A 190 -30.33 11.56 14.57
CA PRO A 190 -29.61 10.28 14.46
C PRO A 190 -29.26 9.86 13.03
N TRP A 191 -29.86 10.52 12.04
CA TRP A 191 -29.56 10.31 10.62
C TRP A 191 -28.27 10.98 10.13
N LEU A 192 -27.67 11.84 10.96
CA LEU A 192 -26.41 12.49 10.58
C LEU A 192 -25.26 11.51 10.55
N ARG A 193 -24.31 11.75 9.63
CA ARG A 193 -23.07 11.01 9.57
C ARG A 193 -21.90 12.00 9.71
N PRO A 194 -20.66 11.48 9.82
CA PRO A 194 -19.58 12.41 10.25
C PRO A 194 -19.06 13.46 9.26
N ASP A 195 -19.17 13.18 7.96
CA ASP A 195 -18.65 14.05 6.91
C ASP A 195 -19.57 15.25 6.71
N SER A 196 -19.03 16.47 6.79
CA SER A 196 -19.78 17.70 6.54
C SER A 196 -18.89 18.80 6.04
N LYS A 197 -19.52 19.77 5.37
CA LYS A 197 -18.86 21.00 4.93
C LYS A 197 -19.85 22.12 5.09
N THR A 198 -19.36 23.28 5.54
CA THR A 198 -20.19 24.47 5.66
C THR A 198 -19.48 25.64 5.03
N GLN A 199 -20.25 26.66 4.64
CA GLN A 199 -19.68 27.86 4.08
C GLN A 199 -20.58 29.02 4.37
N VAL A 200 -20.00 30.13 4.84
CA VAL A 200 -20.78 31.29 5.27
C VAL A 200 -20.27 32.53 4.55
N THR A 201 -21.18 33.23 3.89
CA THR A 201 -20.93 34.53 3.26
C THR A 201 -21.60 35.58 4.15
N VAL A 202 -20.80 36.55 4.60
CA VAL A 202 -21.28 37.67 5.41
C VAL A 202 -21.16 38.97 4.60
N GLN A 203 -22.17 39.81 4.75
CA GLN A 203 -22.17 41.13 4.17
C GLN A 203 -21.64 42.10 5.23
N TYR A 204 -20.59 42.83 4.87
CA TYR A 204 -19.89 43.71 5.78
C TYR A 204 -19.97 45.17 5.33
N MET A 205 -19.81 46.09 6.28
CA MET A 205 -19.40 47.45 5.96
C MET A 205 -18.02 47.72 6.57
N GLN A 206 -17.31 48.67 5.97
CA GLN A 206 -16.07 49.18 6.50
C GLN A 206 -16.36 50.26 7.53
N ASP A 207 -15.64 50.26 8.64
CA ASP A 207 -15.75 51.27 9.69
C ASP A 207 -14.33 51.69 10.08
N ARG A 208 -13.77 52.62 9.29
CA ARG A 208 -12.42 53.11 9.51
C ARG A 208 -11.38 52.00 9.61
N GLY A 209 -11.41 51.08 8.66
CA GLY A 209 -10.49 49.97 8.62
C GLY A 209 -10.96 48.75 9.37
N ALA A 210 -11.83 48.91 10.37
CA ALA A 210 -12.47 47.79 11.03
C ALA A 210 -13.57 47.26 10.11
N VAL A 211 -13.92 45.98 10.29
CA VAL A 211 -15.00 45.40 9.47
C VAL A 211 -16.17 45.07 10.37
N LEU A 212 -17.35 45.53 9.94
CA LEU A 212 -18.58 45.44 10.73
C LEU A 212 -19.55 44.50 10.02
N PRO A 213 -19.81 43.31 10.63
CA PRO A 213 -20.76 42.41 10.02
C PRO A 213 -22.16 43.00 10.08
N ILE A 214 -22.86 42.98 8.95
CA ILE A 214 -24.23 43.50 8.90
C ILE A 214 -25.24 42.37 8.96
N ARG A 215 -25.04 41.36 8.13
CA ARG A 215 -25.95 40.24 7.99
C ARG A 215 -25.23 39.06 7.36
N VAL A 216 -25.78 37.87 7.60
CA VAL A 216 -25.39 36.66 6.88
C VAL A 216 -26.15 36.69 5.54
N HIS A 217 -25.36 36.68 4.47
CA HIS A 217 -25.86 36.75 3.11
C HIS A 217 -26.28 35.36 2.59
N THR A 218 -25.37 34.39 2.74
CA THR A 218 -25.57 33.03 2.25
C THR A 218 -24.95 32.00 3.21
N ILE A 219 -25.64 30.89 3.44
CA ILE A 219 -25.12 29.75 4.20
C ILE A 219 -25.24 28.50 3.34
N VAL A 220 -24.15 27.74 3.25
CA VAL A 220 -24.14 26.42 2.64
C VAL A 220 -23.88 25.39 3.73
N ILE A 221 -24.69 24.34 3.77
CA ILE A 221 -24.39 23.17 4.58
C ILE A 221 -24.62 21.89 3.77
N SER A 222 -23.59 21.08 3.66
CA SER A 222 -23.70 19.73 3.10
C SER A 222 -23.24 18.76 4.17
N VAL A 223 -24.07 17.77 4.51
CA VAL A 223 -23.72 16.80 5.54
C VAL A 223 -24.16 15.40 5.15
N GLN A 224 -23.27 14.45 5.40
CA GLN A 224 -23.53 13.05 5.11
C GLN A 224 -24.69 12.55 5.97
N HIS A 225 -25.48 11.64 5.40
CA HIS A 225 -26.69 11.21 6.09
C HIS A 225 -27.07 9.76 5.76
N ASP A 226 -28.02 9.23 6.54
CA ASP A 226 -28.44 7.85 6.32
C ASP A 226 -29.44 7.73 5.15
N GLU A 227 -29.76 6.50 4.80
CA GLU A 227 -30.60 6.22 3.63
C GLU A 227 -32.10 6.35 3.87
N GLU A 228 -32.53 6.58 5.11
CA GLU A 228 -33.96 6.65 5.45
C GLU A 228 -34.53 8.05 5.41
N VAL A 229 -33.74 9.04 5.84
CA VAL A 229 -34.26 10.39 6.07
C VAL A 229 -34.56 11.13 4.75
N CYS A 230 -35.66 11.89 4.72
CA CYS A 230 -36.05 12.62 3.50
C CYS A 230 -35.37 14.00 3.43
N LEU A 231 -35.19 14.52 2.21
CA LEU A 231 -34.54 15.82 2.00
C LEU A 231 -35.20 16.96 2.76
N ASP A 232 -36.53 17.05 2.71
CA ASP A 232 -37.21 18.17 3.38
C ASP A 232 -37.01 18.18 4.88
N GLU A 233 -37.04 17.01 5.52
CA GLU A 233 -36.79 16.91 6.95
C GLU A 233 -35.34 17.32 7.27
N MET A 234 -34.37 16.88 6.46
CA MET A 234 -33.00 17.32 6.66
C MET A 234 -32.83 18.83 6.57
N ARG A 235 -33.43 19.42 5.53
CA ARG A 235 -33.29 20.86 5.31
C ARG A 235 -33.93 21.65 6.42
N ASP A 236 -35.10 21.23 6.86
CA ASP A 236 -35.77 21.86 8.00
C ASP A 236 -34.90 21.79 9.25
N ALA A 237 -34.34 20.63 9.54
CA ALA A 237 -33.48 20.45 10.72
C ALA A 237 -32.23 21.32 10.66
N LEU A 238 -31.63 21.40 9.47
CA LEU A 238 -30.42 22.21 9.29
C LEU A 238 -30.71 23.69 9.54
N LYS A 239 -31.89 24.17 9.12
CA LYS A 239 -32.25 25.57 9.36
C LYS A 239 -32.61 25.81 10.83
N GLU A 240 -33.48 24.97 11.37
CA GLU A 240 -34.09 25.22 12.69
C GLU A 240 -33.22 24.79 13.87
N LYS A 241 -32.59 23.61 13.77
CA LYS A 241 -31.84 23.04 14.88
C LYS A 241 -30.34 23.33 14.81
N VAL A 242 -29.84 23.69 13.63
CA VAL A 242 -28.41 23.95 13.46
C VAL A 242 -28.17 25.44 13.26
N ILE A 243 -28.58 26.00 12.13
CA ILE A 243 -28.32 27.42 11.82
C ILE A 243 -28.89 28.35 12.89
N LYS A 244 -30.16 28.20 13.25
CA LYS A 244 -30.78 29.08 14.25
C LYS A 244 -30.22 28.87 15.67
N ALA A 245 -29.62 27.73 15.94
CA ALA A 245 -28.94 27.48 17.21
C ALA A 245 -27.55 28.12 17.27
N VAL A 246 -26.96 28.41 16.12
CA VAL A 246 -25.57 28.88 16.03
C VAL A 246 -25.45 30.35 15.67
N VAL A 247 -26.22 30.80 14.68
CA VAL A 247 -26.07 32.16 14.15
C VAL A 247 -27.00 33.08 14.94
N PRO A 248 -26.44 34.17 15.52
CA PRO A 248 -27.32 35.15 16.19
C PRO A 248 -28.47 35.62 15.27
N ALA A 249 -29.69 35.63 15.81
CA ALA A 249 -30.89 36.02 15.04
C ALA A 249 -30.77 37.36 14.32
N LYS A 250 -30.06 38.31 14.92
CA LYS A 250 -29.88 39.65 14.34
C LYS A 250 -29.17 39.62 12.97
N TYR A 251 -28.40 38.57 12.67
CA TYR A 251 -27.72 38.44 11.38
C TYR A 251 -28.52 37.67 10.32
N LEU A 252 -29.63 37.04 10.71
CA LEU A 252 -30.49 36.32 9.75
C LEU A 252 -31.71 37.17 9.40
N ASP A 253 -32.08 37.18 8.13
CA ASP A 253 -33.29 37.88 7.70
C ASP A 253 -33.97 37.13 6.56
N GLU A 254 -35.07 37.69 6.08
CA GLU A 254 -35.85 37.03 5.04
C GLU A 254 -35.14 36.89 3.69
N ASP A 255 -34.07 37.66 3.47
CA ASP A 255 -33.28 37.58 2.24
C ASP A 255 -32.06 36.66 2.33
N THR A 256 -31.71 36.19 3.53
CA THR A 256 -30.57 35.24 3.69
C THR A 256 -30.81 34.02 2.80
N ILE A 257 -29.79 33.66 2.02
CA ILE A 257 -29.87 32.55 1.06
C ILE A 257 -29.35 31.27 1.73
N TYR A 258 -30.13 30.20 1.63
CA TYR A 258 -29.80 28.90 2.22
C TYR A 258 -29.62 27.84 1.14
N HIS A 259 -28.42 27.27 1.09
CA HIS A 259 -28.13 26.13 0.22
C HIS A 259 -27.88 24.95 1.14
N LEU A 260 -28.93 24.21 1.44
CA LEU A 260 -28.88 23.13 2.42
C LEU A 260 -29.04 21.81 1.69
N GLN A 261 -28.08 20.90 1.84
CA GLN A 261 -27.94 19.70 0.98
C GLN A 261 -28.15 20.06 -0.50
N PRO A 262 -27.37 21.04 -1.01
CA PRO A 262 -27.62 21.59 -2.35
C PRO A 262 -27.44 20.61 -3.50
N SER A 263 -26.62 19.56 -3.35
CA SER A 263 -26.51 18.59 -4.44
C SER A 263 -27.48 17.41 -4.30
N GLY A 264 -28.42 17.46 -3.35
CA GLY A 264 -29.33 16.33 -3.09
C GLY A 264 -28.65 15.30 -2.21
N ARG A 265 -28.79 14.00 -2.48
CA ARG A 265 -28.30 13.00 -1.57
C ARG A 265 -26.77 13.01 -1.34
N PHE A 266 -26.40 12.69 -0.11
CA PHE A 266 -25.03 12.65 0.36
C PHE A 266 -24.99 11.46 1.33
N VAL A 267 -25.21 10.28 0.77
CA VAL A 267 -25.12 9.02 1.53
C VAL A 267 -23.68 8.54 1.56
N ILE A 268 -23.02 8.60 0.38
CA ILE A 268 -21.62 8.23 0.24
C ILE A 268 -20.75 9.43 0.58
N GLY A 269 -19.79 9.19 1.45
CA GLY A 269 -19.05 10.27 2.10
C GLY A 269 -17.86 9.65 2.75
N GLY A 270 -17.13 10.47 3.51
CA GLY A 270 -15.93 10.03 4.19
C GLY A 270 -14.86 9.72 3.16
N PRO A 271 -13.90 8.87 3.54
CA PRO A 271 -12.85 8.46 2.61
C PRO A 271 -13.33 7.66 1.39
N GLN A 272 -14.49 7.04 1.46
CA GLN A 272 -15.04 6.32 0.30
C GLN A 272 -15.36 7.31 -0.82
N GLY A 273 -15.98 8.42 -0.45
CA GLY A 273 -16.38 9.46 -1.41
C GLY A 273 -15.20 10.22 -2.00
N ASP A 274 -14.16 10.41 -1.21
CA ASP A 274 -13.11 11.37 -1.58
C ASP A 274 -11.86 10.99 -0.82
N ALA A 275 -10.70 10.92 -1.49
CA ALA A 275 -9.46 10.63 -0.77
C ALA A 275 -9.16 11.86 0.07
N GLY A 276 -8.62 11.62 1.25
CA GLY A 276 -8.17 12.70 2.11
C GLY A 276 -6.68 12.59 2.40
N LEU A 277 -6.10 13.74 2.69
CA LEU A 277 -4.70 13.85 3.03
C LEU A 277 -4.52 14.89 4.14
N THR A 278 -3.49 14.68 4.96
CA THR A 278 -3.08 15.70 5.94
C THR A 278 -2.67 17.00 5.25
N GLY A 279 -3.02 18.13 5.86
CA GLY A 279 -2.51 19.44 5.41
C GLY A 279 -3.19 20.00 4.18
N ARG A 280 -4.45 19.58 3.93
CA ARG A 280 -5.22 20.03 2.81
C ARG A 280 -6.40 20.94 3.20
N LYS A 281 -6.40 21.41 4.45
CA LYS A 281 -7.42 22.34 4.92
C LYS A 281 -6.76 23.49 5.70
N ILE A 282 -5.68 24.04 5.12
CA ILE A 282 -4.86 24.99 5.87
C ILE A 282 -5.55 26.34 6.11
N ILE A 283 -6.48 26.68 5.24
CA ILE A 283 -7.24 27.95 5.35
C ILE A 283 -8.37 27.81 6.35
N VAL A 284 -9.03 26.66 6.31
CA VAL A 284 -9.99 26.26 7.37
C VAL A 284 -9.32 26.28 8.76
N ASP A 285 -8.07 25.84 8.80
CA ASP A 285 -7.31 25.77 10.04
C ASP A 285 -6.93 27.13 10.62
N THR A 286 -6.95 28.18 9.80
CA THR A 286 -6.39 29.46 10.17
C THR A 286 -7.45 30.54 10.13
N TYR A 287 -7.49 31.38 9.09
CA TYR A 287 -8.35 32.57 9.11
C TYR A 287 -9.46 32.62 8.06
N GLY A 288 -9.68 31.51 7.36
CA GLY A 288 -10.84 31.48 6.43
C GLY A 288 -10.70 32.41 5.22
N GLY A 289 -9.46 32.78 4.85
CA GLY A 289 -9.19 33.65 3.73
C GLY A 289 -8.81 35.08 4.13
N TRP A 290 -9.12 35.44 5.37
CA TRP A 290 -8.77 36.73 5.91
C TRP A 290 -7.27 36.76 6.27
N GLY A 291 -6.74 37.95 6.50
CA GLY A 291 -5.33 38.09 6.94
C GLY A 291 -4.40 37.66 5.83
N ALA A 292 -3.52 36.71 6.08
CA ALA A 292 -2.65 36.16 5.02
C ALA A 292 -2.09 34.84 5.49
N HIS A 293 -1.54 34.05 4.57
CA HIS A 293 -0.99 32.75 4.93
C HIS A 293 0.31 32.56 4.14
N GLY A 294 1.33 32.14 4.85
CA GLY A 294 2.64 31.95 4.25
C GLY A 294 2.92 30.57 3.70
N GLY A 295 2.13 29.57 4.08
CA GLY A 295 2.10 28.26 3.31
C GLY A 295 2.21 26.94 4.01
N GLY A 296 2.69 26.92 5.23
CA GLY A 296 2.89 25.64 5.93
C GLY A 296 1.60 25.03 6.50
N ALA A 297 1.47 23.71 6.41
CA ALA A 297 0.40 22.98 7.17
C ALA A 297 0.83 22.77 8.62
N PHE A 298 -0.12 22.57 9.51
CA PHE A 298 0.16 22.36 10.92
C PHE A 298 0.21 20.89 11.36
N SER A 299 -0.78 20.10 11.01
CA SER A 299 -0.97 18.79 11.65
C SER A 299 0.13 17.78 11.29
N GLY A 300 0.47 16.96 12.29
CA GLY A 300 1.49 15.92 12.15
C GLY A 300 2.90 16.41 12.34
N LYS A 301 3.07 17.70 12.70
CA LYS A 301 4.39 18.32 12.85
C LYS A 301 4.57 18.73 14.31
N ASP A 302 5.67 18.33 14.89
CA ASP A 302 5.97 18.73 16.27
C ASP A 302 6.33 20.22 16.34
N TYR A 303 6.40 20.72 17.55
CA TYR A 303 6.60 22.16 17.83
C TYR A 303 7.95 22.73 17.35
N THR A 304 8.95 21.90 17.03
CA THR A 304 10.18 22.45 16.45
C THR A 304 10.01 22.94 15.00
N LYS A 305 8.89 22.58 14.37
CA LYS A 305 8.56 23.13 13.08
C LYS A 305 8.02 24.55 13.28
N VAL A 306 8.83 25.52 12.92
CA VAL A 306 8.55 26.95 13.16
C VAL A 306 7.25 27.41 12.44
N ASP A 307 6.95 26.78 11.30
CA ASP A 307 5.72 27.13 10.62
C ASP A 307 4.48 26.78 11.42
N ARG A 308 4.57 25.95 12.45
CA ARG A 308 3.48 25.76 13.38
C ARG A 308 3.63 26.69 14.59
N SER A 309 4.71 26.53 15.35
CA SER A 309 4.86 27.26 16.61
CA SER A 309 4.86 27.27 16.60
C SER A 309 4.88 28.79 16.43
N ALA A 310 5.57 29.29 15.42
CA ALA A 310 5.63 30.74 15.18
C ALA A 310 4.32 31.29 14.59
N ALA A 311 3.57 30.46 13.87
CA ALA A 311 2.21 30.84 13.47
C ALA A 311 1.29 31.03 14.70
N TYR A 312 1.40 30.11 15.65
CA TYR A 312 0.68 30.23 16.91
C TYR A 312 1.10 31.50 17.66
N ALA A 313 2.41 31.75 17.75
CA ALA A 313 2.88 32.96 18.44
C ALA A 313 2.43 34.25 17.73
N ALA A 314 2.40 34.24 16.39
CA ALA A 314 1.94 35.43 15.67
C ALA A 314 0.47 35.73 15.94
N ARG A 315 -0.34 34.67 15.98
CA ARG A 315 -1.73 34.80 16.43
C ARG A 315 -1.83 35.40 17.84
N TRP A 316 -1.02 34.87 18.74
CA TRP A 316 -0.99 35.34 20.14
C TRP A 316 -0.72 36.86 20.22
N VAL A 317 0.23 37.33 19.41
CA VAL A 317 0.55 38.76 19.32
C VAL A 317 -0.65 39.56 18.82
N ALA A 318 -1.20 39.12 17.68
CA ALA A 318 -2.34 39.82 17.07
C ALA A 318 -3.55 39.91 18.02
N LYS A 319 -3.89 38.78 18.64
CA LYS A 319 -5.02 38.73 19.56
C LYS A 319 -4.76 39.61 20.79
N SER A 320 -3.52 39.59 21.28
CA SER A 320 -3.17 40.45 22.43
C SER A 320 -3.30 41.93 22.11
N LEU A 321 -2.93 42.33 20.90
CA LEU A 321 -3.10 43.73 20.47
C LEU A 321 -4.55 44.19 20.43
N VAL A 322 -5.42 43.34 19.89
CA VAL A 322 -6.83 43.66 19.78
C VAL A 322 -7.54 43.62 21.15
N LYS A 323 -7.32 42.56 21.91
CA LYS A 323 -7.91 42.46 23.26
C LYS A 323 -7.38 43.52 24.23
N GLY A 324 -6.16 43.99 24.00
CA GLY A 324 -5.60 45.11 24.77
C GLY A 324 -6.11 46.48 24.37
N GLY A 325 -7.00 46.55 23.38
CA GLY A 325 -7.60 47.83 22.95
C GLY A 325 -6.68 48.71 22.13
N LEU A 326 -5.60 48.15 21.61
CA LEU A 326 -4.62 48.92 20.86
C LEU A 326 -5.01 49.07 19.39
N CYS A 327 -5.80 48.14 18.88
N CYS A 327 -5.81 48.15 18.88
CA CYS A 327 -6.35 48.24 17.54
CA CYS A 327 -6.38 48.25 17.55
C CYS A 327 -7.63 47.40 17.46
C CYS A 327 -7.63 47.40 17.46
N ARG A 328 -8.42 47.61 16.42
CA ARG A 328 -9.61 46.84 16.18
C ARG A 328 -9.36 45.64 15.26
N ARG A 329 -8.31 45.72 14.45
CA ARG A 329 -8.02 44.73 13.43
C ARG A 329 -6.53 44.85 13.13
N VAL A 330 -5.84 43.72 12.99
CA VAL A 330 -4.39 43.78 12.81
C VAL A 330 -3.85 42.54 12.12
N LEU A 331 -2.85 42.77 11.29
CA LEU A 331 -2.08 41.72 10.63
C LEU A 331 -0.64 41.90 11.08
N VAL A 332 -0.10 40.85 11.68
CA VAL A 332 1.28 40.85 12.20
C VAL A 332 2.11 39.93 11.31
N GLN A 333 3.20 40.45 10.75
CA GLN A 333 3.98 39.73 9.75
C GLN A 333 5.38 39.62 10.36
N VAL A 334 5.79 38.40 10.65
CA VAL A 334 7.06 38.12 11.34
CA VAL A 334 7.06 38.12 11.33
C VAL A 334 7.91 37.39 10.30
N SER A 335 9.09 37.93 10.06
CA SER A 335 10.03 37.33 9.10
C SER A 335 11.18 36.76 9.95
N TYR A 336 11.67 35.62 9.49
CA TYR A 336 12.84 34.95 10.09
C TYR A 336 13.90 34.77 9.01
N ALA A 337 15.14 34.90 9.50
CA ALA A 337 16.34 34.64 8.66
C ALA A 337 16.91 33.27 9.02
N ILE A 338 17.22 32.47 8.00
CA ILE A 338 17.69 31.07 8.24
C ILE A 338 18.92 31.13 9.15
N GLY A 339 18.93 30.26 10.16
CA GLY A 339 20.01 30.20 11.15
C GLY A 339 20.07 31.28 12.22
N VAL A 340 19.08 32.17 12.27
CA VAL A 340 19.04 33.28 13.22
C VAL A 340 17.81 33.07 14.12
N SER A 341 17.96 33.24 15.44
CA SER A 341 16.87 33.00 16.36
C SER A 341 15.87 34.15 16.41
N HIS A 342 16.34 35.38 16.67
CA HIS A 342 15.42 36.54 16.70
C HIS A 342 14.84 36.81 15.31
N PRO A 343 13.56 37.23 15.24
CA PRO A 343 13.00 37.60 13.93
C PRO A 343 13.82 38.68 13.25
N LEU A 344 13.92 38.56 11.93
CA LEU A 344 14.69 39.52 11.12
C LEU A 344 13.99 40.87 11.05
N SER A 345 12.67 40.83 10.96
CA SER A 345 11.84 42.00 10.85
C SER A 345 10.45 41.64 11.33
N ILE A 346 9.74 42.63 11.88
CA ILE A 346 8.31 42.50 12.20
C ILE A 346 7.62 43.72 11.62
N SER A 347 6.51 43.46 10.93
CA SER A 347 5.65 44.52 10.47
C SER A 347 4.24 44.31 11.05
N ILE A 348 3.67 45.43 11.45
CA ILE A 348 2.31 45.48 11.99
C ILE A 348 1.49 46.35 11.06
N PHE A 349 0.39 45.79 10.58
CA PHE A 349 -0.56 46.52 9.71
C PHE A 349 -1.88 46.58 10.43
N HIS A 350 -2.25 47.79 10.86
CA HIS A 350 -3.45 47.93 11.69
C HIS A 350 -4.68 48.41 10.92
N TYR A 351 -4.57 48.53 9.60
CA TYR A 351 -5.67 48.89 8.71
C TYR A 351 -6.28 50.28 9.02
N GLY A 352 -5.51 51.13 9.71
CA GLY A 352 -6.00 52.41 10.23
C GLY A 352 -6.86 52.34 11.47
N THR A 353 -6.86 51.22 12.19
CA THR A 353 -7.76 51.02 13.33
C THR A 353 -7.11 51.27 14.71
N SER A 354 -6.01 52.03 14.74
CA SER A 354 -5.39 52.41 16.00
C SER A 354 -5.07 53.88 16.04
N GLN A 355 -5.10 54.44 17.24
CA GLN A 355 -4.59 55.81 17.46
C GLN A 355 -3.05 55.82 17.45
N LYS A 356 -2.42 54.66 17.73
CA LYS A 356 -0.98 54.56 17.71
C LYS A 356 -0.47 54.30 16.29
N SER A 357 0.76 54.75 16.04
CA SER A 357 1.43 54.46 14.80
C SER A 357 1.85 53.00 14.80
N GLU A 358 2.08 52.48 13.60
CA GLU A 358 2.54 51.10 13.45
C GLU A 358 3.95 50.93 14.13
N ARG A 359 4.80 51.96 14.07
CA ARG A 359 6.08 51.95 14.79
C ARG A 359 5.89 51.83 16.32
N GLU A 360 4.90 52.54 16.86
CA GLU A 360 4.56 52.44 18.28
C GLU A 360 4.08 51.03 18.66
N LEU A 361 3.23 50.45 17.81
CA LEU A 361 2.76 49.09 18.04
C LEU A 361 3.92 48.11 18.01
N LEU A 362 4.87 48.31 17.09
CA LEU A 362 6.07 47.47 17.02
C LEU A 362 6.89 47.54 18.32
N GLU A 363 7.05 48.75 18.88
CA GLU A 363 7.74 48.88 20.16
C GLU A 363 7.05 48.11 21.29
N ILE A 364 5.72 48.17 21.31
CA ILE A 364 4.92 47.45 22.29
C ILE A 364 5.11 45.93 22.14
N VAL A 365 5.09 45.47 20.89
CA VAL A 365 5.30 44.03 20.62
C VAL A 365 6.69 43.60 21.09
N LYS A 366 7.72 44.37 20.76
CA LYS A 366 9.09 44.00 21.13
C LYS A 366 9.31 44.03 22.64
N LYS A 367 8.63 44.94 23.33
CA LYS A 367 8.69 44.99 24.79
C LYS A 367 8.01 43.77 25.47
N ASN A 368 6.98 43.22 24.83
CA ASN A 368 6.10 42.24 25.47
C ASN A 368 6.25 40.80 24.96
N PHE A 369 6.92 40.60 23.82
CA PHE A 369 7.04 39.28 23.20
C PHE A 369 8.48 38.96 22.83
N ASP A 370 8.81 37.69 22.98
CA ASP A 370 10.08 37.14 22.55
C ASP A 370 9.72 36.04 21.56
N LEU A 371 9.93 36.31 20.27
CA LEU A 371 9.47 35.44 19.21
C LEU A 371 10.57 34.57 18.62
N ARG A 372 11.62 34.30 19.42
CA ARG A 372 12.56 33.27 19.09
C ARG A 372 11.89 31.91 19.16
N PRO A 373 12.10 31.02 18.17
CA PRO A 373 11.34 29.75 18.12
C PRO A 373 11.44 28.91 19.41
N GLY A 374 12.65 28.83 19.96
CA GLY A 374 12.85 28.04 21.16
C GLY A 374 12.25 28.66 22.41
N VAL A 375 12.02 29.98 22.39
CA VAL A 375 11.41 30.65 23.52
C VAL A 375 9.89 30.58 23.41
N ILE A 376 9.35 30.71 22.19
CA ILE A 376 7.91 30.48 21.96
C ILE A 376 7.49 29.11 22.53
N VAL A 377 8.28 28.06 22.25
CA VAL A 377 7.96 26.70 22.69
C VAL A 377 7.81 26.65 24.25
N ARG A 378 8.74 27.34 24.93
CA ARG A 378 8.71 27.42 26.38
C ARG A 378 7.50 28.20 26.89
N ASP A 379 7.29 29.40 26.33
CA ASP A 379 6.26 30.31 26.83
C ASP A 379 4.85 29.81 26.58
N LEU A 380 4.62 29.10 25.49
CA LEU A 380 3.30 28.55 25.19
C LEU A 380 3.18 27.05 25.55
N ASP A 381 4.23 26.47 26.21
CA ASP A 381 4.18 25.14 26.75
C ASP A 381 3.89 24.10 25.66
N LEU A 382 4.59 24.20 24.54
CA LEU A 382 4.22 23.46 23.32
C LEU A 382 4.73 21.99 23.29
N LYS A 383 5.46 21.54 24.31
CA LYS A 383 5.85 20.13 24.36
C LYS A 383 4.74 19.19 24.88
N LYS A 384 3.64 19.76 25.35
CA LYS A 384 2.51 19.01 25.85
C LYS A 384 1.70 18.39 24.68
N PRO A 385 1.09 17.23 24.90
CA PRO A 385 0.26 16.55 23.90
C PRO A 385 -1.12 17.19 23.73
N ILE A 386 -1.13 18.37 23.14
CA ILE A 386 -2.35 19.22 23.02
C ILE A 386 -2.89 19.31 21.57
N TYR A 387 -2.26 18.55 20.66
CA TYR A 387 -2.39 18.85 19.24
C TYR A 387 -3.62 18.26 18.58
N GLN A 388 -4.05 17.07 19.00
CA GLN A 388 -5.23 16.44 18.39
C GLN A 388 -6.43 17.36 18.50
N ARG A 389 -6.54 18.11 19.61
CA ARG A 389 -7.65 19.06 19.80
C ARG A 389 -7.67 20.20 18.76
N THR A 390 -6.50 20.55 18.23
CA THR A 390 -6.41 21.61 17.23
C THR A 390 -6.86 21.20 15.82
N ALA A 391 -6.95 19.90 15.57
CA ALA A 391 -7.04 19.38 14.21
C ALA A 391 -8.43 19.38 13.58
N ALA A 392 -9.44 19.80 14.29
CA ALA A 392 -10.75 20.14 13.68
C ALA A 392 -11.29 21.39 14.35
N TYR A 393 -12.11 22.16 13.63
CA TYR A 393 -12.78 23.37 14.12
C TYR A 393 -11.87 24.60 14.28
N GLY A 394 -10.69 24.55 13.68
CA GLY A 394 -9.78 25.68 13.61
C GLY A 394 -8.73 25.66 14.71
N HIS A 395 -7.52 26.09 14.37
CA HIS A 395 -6.45 26.26 15.36
C HIS A 395 -6.57 27.59 16.09
N PHE A 396 -7.36 28.52 15.55
CA PHE A 396 -7.50 29.85 16.12
C PHE A 396 -8.96 30.17 16.49
N GLY A 397 -9.12 30.95 17.54
CA GLY A 397 -10.43 31.34 18.02
C GLY A 397 -11.00 30.53 19.14
N ARG A 398 -10.26 29.56 19.69
CA ARG A 398 -10.76 28.74 20.80
C ARG A 398 -10.00 29.00 22.09
N ASP A 399 -10.67 29.37 23.17
CA ASP A 399 -10.00 29.76 24.43
C ASP A 399 -9.15 28.71 25.18
N SER A 400 -9.30 27.45 24.84
CA SER A 400 -8.58 26.36 25.50
C SER A 400 -7.09 26.25 25.09
N PHE A 401 -6.62 27.04 24.12
CA PHE A 401 -5.23 26.94 23.64
C PHE A 401 -4.38 28.09 24.17
N PRO A 402 -3.10 27.85 24.50
CA PRO A 402 -2.31 28.93 25.14
C PRO A 402 -2.12 30.21 24.30
N TRP A 403 -2.05 30.05 22.99
CA TRP A 403 -1.90 31.18 22.06
C TRP A 403 -3.20 32.02 21.92
N GLU A 404 -4.31 31.56 22.50
CA GLU A 404 -5.57 32.26 22.52
C GLU A 404 -5.86 32.97 23.84
N VAL A 405 -4.93 32.88 24.81
CA VAL A 405 -5.05 33.60 26.06
C VAL A 405 -4.27 34.90 25.87
N PRO A 406 -4.98 36.04 25.70
CA PRO A 406 -4.21 37.25 25.38
C PRO A 406 -3.26 37.63 26.51
N LYS A 407 -2.09 38.14 26.14
CA LYS A 407 -1.13 38.63 27.11
C LYS A 407 -1.49 40.06 27.47
N LYS A 408 -1.51 40.34 28.77
CA LYS A 408 -1.68 41.72 29.25
C LYS A 408 -0.42 42.49 28.87
N LEU A 409 -0.59 43.59 28.14
CA LEU A 409 0.53 44.32 27.58
C LEU A 409 0.98 45.48 28.50
N LYS A 410 2.28 45.54 28.77
CA LYS A 410 2.89 46.58 29.61
C LYS A 410 3.72 47.58 28.79
N GLY B 32 8.33 53.66 5.98
CA GLY B 32 7.22 52.82 5.45
C GLY B 32 7.71 51.65 4.59
N THR B 33 8.86 51.06 4.94
CA THR B 33 9.36 49.87 4.21
C THR B 33 9.19 48.59 5.02
N PHE B 34 9.11 47.47 4.30
CA PHE B 34 8.93 46.18 4.93
C PHE B 34 9.66 45.11 4.12
N LEU B 35 9.89 43.95 4.74
CA LEU B 35 10.49 42.79 4.06
C LEU B 35 9.38 41.80 3.76
N PHE B 36 9.53 41.08 2.65
CA PHE B 36 8.61 40.00 2.32
C PHE B 36 9.40 38.88 1.67
N THR B 37 9.06 37.66 2.04
CA THR B 37 9.74 36.46 1.57
C THR B 37 8.75 35.52 0.88
N SER B 38 9.15 35.00 -0.30
CA SER B 38 8.44 33.89 -0.93
C SER B 38 9.40 32.73 -1.19
N GLU B 39 8.81 31.53 -1.26
CA GLU B 39 9.57 30.31 -1.48
C GLU B 39 9.06 29.61 -2.75
N SER B 40 9.96 28.85 -3.36
CA SER B 40 9.58 27.93 -4.39
C SER B 40 10.37 26.65 -4.19
N VAL B 41 9.84 25.57 -4.75
CA VAL B 41 10.53 24.30 -4.67
C VAL B 41 10.66 23.69 -6.07
N GLY B 42 11.67 22.85 -6.21
CA GLY B 42 11.98 22.24 -7.47
C GLY B 42 11.14 21.00 -7.75
N GLU B 43 11.28 20.51 -8.98
CA GLU B 43 10.51 19.36 -9.44
C GLU B 43 10.73 18.10 -8.60
N GLY B 44 11.91 17.95 -8.02
CA GLY B 44 12.27 16.84 -7.18
C GLY B 44 11.88 16.93 -5.71
N HIS B 45 11.36 18.06 -5.27
CA HIS B 45 10.86 18.18 -3.89
C HIS B 45 9.67 17.20 -3.80
N PRO B 46 9.62 16.39 -2.74
CA PRO B 46 8.60 15.28 -2.74
C PRO B 46 7.13 15.74 -2.87
N ASP B 47 6.77 16.89 -2.31
CA ASP B 47 5.42 17.44 -2.52
C ASP B 47 5.18 17.80 -4.00
N LYS B 48 6.18 18.43 -4.64
CA LYS B 48 6.07 18.79 -6.05
C LYS B 48 6.11 17.56 -6.99
N ILE B 49 6.82 16.50 -6.61
CA ILE B 49 6.75 15.23 -7.34
C ILE B 49 5.30 14.78 -7.43
N CYS B 50 4.59 14.85 -6.30
CA CYS B 50 3.21 14.41 -6.23
C CYS B 50 2.29 15.26 -7.09
N ASP B 51 2.48 16.59 -7.04
CA ASP B 51 1.71 17.48 -7.90
C ASP B 51 1.91 17.15 -9.38
N GLN B 52 3.17 16.93 -9.77
CA GLN B 52 3.47 16.66 -11.17
C GLN B 52 2.90 15.31 -11.63
N ILE B 53 3.00 14.29 -10.79
CA ILE B 53 2.43 12.99 -11.11
C ILE B 53 0.91 13.06 -11.21
N SER B 54 0.28 13.77 -10.25
CA SER B 54 -1.17 13.95 -10.29
C SER B 54 -1.65 14.60 -11.59
N ASP B 55 -0.94 15.62 -12.05
CA ASP B 55 -1.27 16.28 -13.32
C ASP B 55 -0.89 15.48 -14.56
N ALA B 56 0.17 14.65 -14.47
CA ALA B 56 0.46 13.67 -15.53
C ALA B 56 -0.69 12.69 -15.74
N VAL B 57 -1.24 12.22 -14.63
CA VAL B 57 -2.41 11.33 -14.67
C VAL B 57 -3.62 12.04 -15.27
N LEU B 58 -3.87 13.25 -14.81
CA LEU B 58 -4.96 14.05 -15.38
C LEU B 58 -4.82 14.21 -16.90
N ASP B 59 -3.61 14.61 -17.34
CA ASP B 59 -3.35 14.79 -18.76
C ASP B 59 -3.57 13.48 -19.55
N ALA B 60 -3.10 12.36 -19.00
CA ALA B 60 -3.26 11.06 -19.65
C ALA B 60 -4.74 10.75 -19.89
N HIS B 61 -5.59 11.04 -18.90
CA HIS B 61 -7.03 10.87 -19.10
C HIS B 61 -7.62 11.83 -20.15
N LEU B 62 -7.26 13.10 -20.04
CA LEU B 62 -7.82 14.13 -20.93
C LEU B 62 -7.39 13.92 -22.39
N GLN B 63 -6.22 13.33 -22.60
CA GLN B 63 -5.75 13.00 -23.97
C GLN B 63 -6.71 12.06 -24.69
N GLN B 64 -7.31 11.13 -23.95
CA GLN B 64 -8.26 10.17 -24.51
C GLN B 64 -9.73 10.57 -24.33
N ASP B 65 -10.05 11.22 -23.21
CA ASP B 65 -11.41 11.58 -22.85
C ASP B 65 -11.42 13.00 -22.32
N PRO B 66 -11.75 13.99 -23.17
CA PRO B 66 -11.77 15.40 -22.74
C PRO B 66 -12.74 15.73 -21.61
N ASP B 67 -13.73 14.87 -21.39
CA ASP B 67 -14.72 15.04 -20.32
C ASP B 67 -14.45 14.18 -19.07
N ALA B 68 -13.25 13.61 -18.97
CA ALA B 68 -12.86 12.85 -17.79
C ALA B 68 -13.01 13.67 -16.53
N LYS B 69 -13.54 13.04 -15.48
CA LYS B 69 -13.58 13.61 -14.13
C LYS B 69 -12.44 12.94 -13.36
N VAL B 70 -11.54 13.72 -12.82
CA VAL B 70 -10.32 13.23 -12.18
C VAL B 70 -10.10 13.97 -10.88
N ALA B 71 -9.84 13.20 -9.82
CA ALA B 71 -9.41 13.72 -8.53
C ALA B 71 -8.33 12.77 -8.04
N CYS B 72 -7.11 12.97 -8.54
CA CYS B 72 -6.02 12.03 -8.31
C CYS B 72 -5.02 12.61 -7.31
N GLU B 73 -4.94 11.98 -6.12
CA GLU B 73 -3.97 12.37 -5.11
C GLU B 73 -2.77 11.44 -5.21
N THR B 74 -1.58 12.00 -5.05
CA THR B 74 -0.36 11.22 -5.07
C THR B 74 0.35 11.34 -3.71
N VAL B 75 0.93 10.23 -3.26
CA VAL B 75 1.75 10.18 -2.05
C VAL B 75 3.11 9.62 -2.43
N ALA B 76 4.19 10.23 -1.93
CA ALA B 76 5.54 9.77 -2.25
C ALA B 76 6.32 9.60 -0.94
N LYS B 77 7.07 8.52 -0.82
CA LYS B 77 7.95 8.30 0.35
C LYS B 77 9.04 7.36 -0.14
N THR B 78 9.97 6.97 0.74
CA THR B 78 11.04 6.06 0.38
C THR B 78 10.51 4.92 -0.50
N GLY B 79 11.01 4.86 -1.74
CA GLY B 79 10.73 3.75 -2.62
C GLY B 79 9.30 3.64 -3.17
N MET B 80 8.44 4.65 -2.96
CA MET B 80 6.99 4.46 -3.20
C MET B 80 6.32 5.66 -3.82
N ILE B 81 5.51 5.42 -4.86
CA ILE B 81 4.48 6.33 -5.31
C ILE B 81 3.12 5.62 -5.17
N LEU B 82 2.18 6.25 -4.47
CA LEU B 82 0.82 5.74 -4.32
C LEU B 82 -0.16 6.73 -4.94
N LEU B 83 -1.11 6.23 -5.75
CA LEU B 83 -2.19 7.04 -6.31
C LEU B 83 -3.49 6.68 -5.60
N ALA B 84 -4.23 7.69 -5.15
CA ALA B 84 -5.53 7.48 -4.51
C ALA B 84 -6.53 8.50 -4.98
N GLY B 85 -7.79 8.11 -5.11
CA GLY B 85 -8.78 9.07 -5.54
C GLY B 85 -9.81 8.45 -6.45
N GLU B 86 -10.47 9.30 -7.22
CA GLU B 86 -11.71 8.96 -7.92
C GLU B 86 -11.60 9.46 -9.34
N ILE B 87 -11.99 8.63 -10.31
CA ILE B 87 -11.96 8.99 -11.72
C ILE B 87 -13.26 8.50 -12.39
N THR B 88 -13.83 9.31 -13.26
CA THR B 88 -14.93 8.87 -14.16
C THR B 88 -14.43 9.20 -15.55
N SER B 89 -14.11 8.18 -16.32
CA SER B 89 -13.42 8.38 -17.59
C SER B 89 -13.60 7.18 -18.51
N ARG B 90 -13.61 7.44 -19.81
CA ARG B 90 -13.55 6.40 -20.83
C ARG B 90 -12.13 6.02 -21.21
N ALA B 91 -11.13 6.69 -20.66
CA ALA B 91 -9.73 6.44 -21.02
C ALA B 91 -9.27 5.12 -20.44
N ALA B 92 -8.32 4.47 -21.11
CA ALA B 92 -7.61 3.32 -20.58
C ALA B 92 -6.17 3.79 -20.38
N VAL B 93 -5.80 3.97 -19.13
CA VAL B 93 -4.53 4.61 -18.77
C VAL B 93 -3.69 3.55 -18.05
N ASP B 94 -2.43 3.44 -18.47
CA ASP B 94 -1.46 2.53 -17.83
C ASP B 94 -0.78 3.38 -16.75
N TYR B 95 -1.25 3.25 -15.51
CA TYR B 95 -0.71 4.09 -14.43
C TYR B 95 0.77 3.81 -14.11
N GLN B 96 1.22 2.56 -14.27
CA GLN B 96 2.66 2.26 -14.07
C GLN B 96 3.51 3.07 -15.02
N LYS B 97 3.11 3.07 -16.29
CA LYS B 97 3.81 3.86 -17.28
C LYS B 97 3.74 5.36 -17.04
N VAL B 98 2.56 5.88 -16.74
CA VAL B 98 2.41 7.33 -16.54
C VAL B 98 3.25 7.79 -15.35
N VAL B 99 3.18 7.08 -14.25
CA VAL B 99 3.94 7.43 -13.05
C VAL B 99 5.45 7.32 -13.31
N ARG B 100 5.89 6.19 -13.84
CA ARG B 100 7.33 5.96 -14.01
C ARG B 100 7.93 6.93 -15.04
N GLU B 101 7.20 7.21 -16.12
CA GLU B 101 7.65 8.22 -17.10
C GLU B 101 7.76 9.64 -16.49
N ALA B 102 6.84 10.00 -15.59
CA ALA B 102 6.91 11.27 -14.88
C ALA B 102 8.13 11.35 -13.97
N VAL B 103 8.40 10.28 -13.23
CA VAL B 103 9.57 10.22 -12.33
C VAL B 103 10.86 10.28 -13.17
N LYS B 104 10.90 9.55 -14.28
CA LYS B 104 12.03 9.64 -15.21
C LYS B 104 12.24 11.10 -15.69
N HIS B 105 11.16 11.75 -16.10
CA HIS B 105 11.22 13.15 -16.57
C HIS B 105 11.78 14.10 -15.51
N ILE B 106 11.30 13.92 -14.28
CA ILE B 106 11.79 14.70 -13.13
C ILE B 106 13.29 14.52 -12.95
N GLY B 107 13.78 13.31 -13.17
CA GLY B 107 15.20 12.99 -13.20
C GLY B 107 15.69 11.94 -12.23
N TYR B 108 14.79 11.17 -11.63
CA TYR B 108 15.17 10.14 -10.64
C TYR B 108 15.30 8.80 -11.31
N ASP B 109 16.55 8.42 -11.62
CA ASP B 109 16.84 7.22 -12.39
C ASP B 109 17.94 6.32 -11.77
N ASP B 110 18.19 6.46 -10.47
CA ASP B 110 19.22 5.64 -9.81
C ASP B 110 19.17 5.71 -8.29
N SER B 111 19.52 4.59 -7.65
CA SER B 111 19.68 4.52 -6.19
C SER B 111 20.54 5.64 -5.61
N SER B 112 21.60 5.98 -6.32
CA SER B 112 22.55 7.03 -5.86
C SER B 112 21.88 8.40 -5.68
N LYS B 113 20.77 8.63 -6.36
CA LYS B 113 20.00 9.88 -6.25
C LYS B 113 18.88 9.81 -5.23
N GLY B 114 18.65 8.63 -4.68
CA GLY B 114 17.62 8.43 -3.66
C GLY B 114 16.31 7.87 -4.19
N PHE B 115 16.17 7.75 -5.51
CA PHE B 115 14.87 7.29 -6.10
C PHE B 115 15.12 6.90 -7.54
N ASP B 116 14.44 5.87 -8.01
CA ASP B 116 14.62 5.37 -9.37
C ASP B 116 13.28 4.95 -9.97
N TYR B 117 12.90 5.58 -11.07
CA TYR B 117 11.66 5.24 -11.78
C TYR B 117 11.59 3.79 -12.21
N LYS B 118 12.74 3.17 -12.48
CA LYS B 118 12.78 1.77 -12.96
C LYS B 118 12.38 0.76 -11.89
N THR B 119 12.70 1.06 -10.63
CA THR B 119 12.65 0.08 -9.56
C THR B 119 11.80 0.49 -8.35
N CYS B 120 11.19 1.66 -8.38
CA CYS B 120 10.34 2.07 -7.24
C CYS B 120 9.00 1.30 -7.29
N ASN B 121 8.34 1.26 -6.15
CA ASN B 121 6.99 0.66 -5.99
C ASN B 121 5.96 1.69 -6.44
N VAL B 122 5.08 1.29 -7.33
CA VAL B 122 3.91 2.07 -7.72
C VAL B 122 2.65 1.31 -7.29
N LEU B 123 1.85 1.94 -6.42
CA LEU B 123 0.60 1.37 -5.90
C LEU B 123 -0.56 2.19 -6.33
N VAL B 124 -1.62 1.56 -6.84
CA VAL B 124 -2.79 2.27 -7.37
C VAL B 124 -4.05 1.95 -6.61
N ALA B 125 -4.70 2.96 -6.04
CA ALA B 125 -5.94 2.85 -5.29
C ALA B 125 -6.97 3.84 -5.88
N LEU B 126 -7.05 3.86 -7.18
CA LEU B 126 -7.98 4.75 -7.90
C LEU B 126 -9.25 4.03 -8.18
N GLU B 127 -10.38 4.67 -7.87
CA GLU B 127 -11.68 4.06 -8.14
C GLU B 127 -12.29 4.74 -9.34
N GLN B 128 -12.40 3.98 -10.43
CA GLN B 128 -12.69 4.51 -11.77
C GLN B 128 -14.05 4.00 -12.17
N GLN B 129 -14.95 4.90 -12.58
CA GLN B 129 -16.27 4.57 -13.12
C GLN B 129 -16.30 4.91 -14.61
N SER B 130 -17.26 4.30 -15.34
CA SER B 130 -17.63 4.81 -16.70
C SER B 130 -18.65 5.92 -16.54
N PRO B 131 -18.63 6.91 -17.47
CA PRO B 131 -19.68 7.93 -17.44
C PRO B 131 -21.03 7.37 -17.89
N GLU B 143 -22.14 21.64 -20.52
CA GLU B 143 -22.91 22.88 -20.73
C GLU B 143 -22.70 23.97 -19.68
N GLU B 144 -23.28 25.12 -19.97
CA GLU B 144 -23.04 26.33 -19.21
C GLU B 144 -23.60 26.28 -17.80
N ASP B 145 -24.63 25.47 -17.57
CA ASP B 145 -25.23 25.36 -16.22
C ASP B 145 -24.83 24.11 -15.44
N ILE B 146 -23.70 23.49 -15.79
CA ILE B 146 -23.14 22.45 -14.95
C ILE B 146 -22.87 23.11 -13.58
N GLY B 147 -23.24 22.40 -12.51
CA GLY B 147 -22.99 22.85 -11.15
C GLY B 147 -21.54 22.74 -10.79
N ALA B 148 -21.09 23.59 -9.85
CA ALA B 148 -19.76 23.46 -9.28
C ALA B 148 -19.65 22.05 -8.68
N GLY B 149 -18.48 21.46 -8.86
CA GLY B 149 -18.21 20.10 -8.34
C GLY B 149 -18.02 20.04 -6.83
N ASP B 150 -17.86 21.18 -6.17
CA ASP B 150 -17.71 21.28 -4.73
C ASP B 150 -18.11 22.71 -4.31
N GLN B 151 -18.30 22.91 -3.01
CA GLN B 151 -18.31 24.23 -2.47
C GLN B 151 -16.87 24.75 -2.44
N GLY B 152 -16.70 26.02 -2.17
CA GLY B 152 -15.40 26.57 -1.82
C GLY B 152 -15.27 28.06 -2.12
N LEU B 153 -14.11 28.58 -1.72
CA LEU B 153 -13.73 29.95 -2.02
C LEU B 153 -12.37 29.98 -2.71
N MET B 154 -12.17 30.93 -3.59
CA MET B 154 -10.97 31.02 -4.39
C MET B 154 -10.59 32.49 -4.54
N PHE B 155 -9.29 32.81 -4.56
CA PHE B 155 -8.84 34.16 -4.80
C PHE B 155 -8.01 34.28 -6.07
N GLY B 156 -8.06 35.47 -6.67
CA GLY B 156 -7.15 35.89 -7.70
C GLY B 156 -6.43 37.14 -7.26
N TYR B 157 -5.21 37.34 -7.74
CA TYR B 157 -4.40 38.47 -7.33
C TYR B 157 -3.54 38.91 -8.50
N ALA B 158 -3.31 40.22 -8.57
CA ALA B 158 -2.39 40.77 -9.55
C ALA B 158 -1.79 42.04 -8.97
N THR B 159 -0.58 42.33 -9.42
CA THR B 159 0.17 43.49 -8.95
C THR B 159 1.00 44.02 -10.12
N ASP B 160 1.06 45.33 -10.26
CA ASP B 160 1.82 45.94 -11.37
C ASP B 160 3.35 45.99 -11.16
N GLU B 161 3.86 45.37 -10.10
CA GLU B 161 5.27 45.45 -9.78
C GLU B 161 6.21 44.69 -10.74
N THR B 162 5.68 43.75 -11.51
CA THR B 162 6.42 43.10 -12.59
C THR B 162 5.59 43.10 -13.86
N GLU B 163 6.23 42.90 -15.02
CA GLU B 163 5.51 42.79 -16.30
C GLU B 163 4.48 41.64 -16.30
N GLU B 164 4.83 40.52 -15.65
CA GLU B 164 3.88 39.39 -15.56
C GLU B 164 2.76 39.60 -14.51
N CYS B 165 2.70 40.76 -13.88
CA CYS B 165 1.64 41.12 -12.94
C CYS B 165 1.65 40.22 -11.69
N MET B 166 2.84 39.81 -11.28
CA MET B 166 3.02 38.94 -10.11
C MET B 166 3.98 39.56 -9.11
N PRO B 167 3.91 39.12 -7.85
CA PRO B 167 4.90 39.62 -6.88
C PRO B 167 6.34 39.27 -7.28
N LEU B 168 7.27 40.20 -7.10
CA LEU B 168 8.64 39.93 -7.46
C LEU B 168 9.25 38.74 -6.66
N THR B 169 8.89 38.62 -5.39
CA THR B 169 9.47 37.57 -4.53
C THR B 169 9.20 36.18 -5.13
N ILE B 170 7.95 35.91 -5.51
CA ILE B 170 7.59 34.58 -6.03
C ILE B 170 8.08 34.36 -7.47
N VAL B 171 8.06 35.41 -8.30
CA VAL B 171 8.60 35.32 -9.66
C VAL B 171 10.07 34.90 -9.60
N LEU B 172 10.85 35.58 -8.79
CA LEU B 172 12.29 35.27 -8.68
C LEU B 172 12.53 33.89 -8.08
N ALA B 173 11.77 33.51 -7.06
CA ALA B 173 11.93 32.18 -6.45
C ALA B 173 11.67 31.08 -7.46
N HIS B 174 10.57 31.20 -8.20
CA HIS B 174 10.25 30.20 -9.24
C HIS B 174 11.29 30.18 -10.35
N LYS B 175 11.70 31.34 -10.83
CA LYS B 175 12.65 31.41 -11.94
C LYS B 175 14.03 30.87 -11.55
N LEU B 176 14.40 30.99 -10.29
CA LEU B 176 15.65 30.38 -9.82
C LEU B 176 15.57 28.86 -9.95
N ASN B 177 14.46 28.25 -9.50
CA ASN B 177 14.29 26.81 -9.66
C ASN B 177 14.24 26.39 -11.12
N ALA B 178 13.55 27.16 -11.96
CA ALA B 178 13.46 26.85 -13.40
C ALA B 178 14.84 26.90 -14.07
N LYS B 179 15.67 27.86 -13.65
CA LYS B 179 17.02 27.97 -14.17
C LYS B 179 17.87 26.77 -13.75
N LEU B 180 17.76 26.34 -12.49
CA LEU B 180 18.45 25.11 -12.06
C LEU B 180 18.06 23.92 -12.93
N ALA B 181 16.77 23.73 -13.15
CA ALA B 181 16.29 22.65 -14.03
C ALA B 181 16.83 22.76 -15.45
N GLU B 182 16.86 23.98 -15.98
CA GLU B 182 17.40 24.23 -17.33
C GLU B 182 18.87 23.82 -17.45
N LEU B 183 19.67 24.22 -16.47
CA LEU B 183 21.13 23.93 -16.46
C LEU B 183 21.43 22.46 -16.10
N ARG B 184 20.52 21.83 -15.35
CA ARG B 184 20.62 20.40 -15.10
C ARG B 184 20.36 19.64 -16.39
N ARG B 185 19.24 19.97 -17.05
CA ARG B 185 18.80 19.25 -18.25
C ARG B 185 19.64 19.51 -19.47
N ASN B 186 20.27 20.68 -19.59
CA ASN B 186 21.17 20.94 -20.73
C ASN B 186 22.59 20.47 -20.49
N GLY B 187 22.87 19.92 -19.30
CA GLY B 187 24.16 19.32 -18.99
C GLY B 187 25.28 20.28 -18.64
N THR B 188 25.00 21.59 -18.60
CA THR B 188 26.04 22.59 -18.34
C THR B 188 26.42 22.60 -16.86
N LEU B 189 25.53 22.24 -15.95
CA LEU B 189 25.90 21.92 -14.57
C LEU B 189 25.52 20.45 -14.30
N PRO B 190 26.43 19.53 -14.69
CA PRO B 190 26.08 18.11 -14.77
C PRO B 190 25.90 17.44 -13.41
N TRP B 191 26.37 18.09 -12.36
CA TRP B 191 26.27 17.67 -10.98
C TRP B 191 24.94 17.96 -10.32
N LEU B 192 24.06 18.72 -10.96
CA LEU B 192 22.74 19.01 -10.39
C LEU B 192 21.83 17.82 -10.34
N ARG B 193 21.01 17.73 -9.29
CA ARG B 193 19.98 16.71 -9.17
C ARG B 193 18.62 17.38 -8.94
N PRO B 194 17.51 16.62 -8.94
CA PRO B 194 16.21 17.29 -9.07
C PRO B 194 15.62 18.07 -7.91
N ASP B 195 15.96 17.71 -6.66
CA ASP B 195 15.28 18.31 -5.48
C ASP B 195 15.94 19.68 -5.19
N SER B 196 15.12 20.71 -5.01
CA SER B 196 15.65 22.05 -4.66
C SER B 196 14.65 22.88 -3.88
N LYS B 197 15.14 23.90 -3.19
CA LYS B 197 14.31 24.91 -2.57
C LYS B 197 14.97 26.25 -2.71
N THR B 198 14.19 27.26 -3.03
CA THR B 198 14.67 28.63 -3.10
C THR B 198 13.79 29.51 -2.23
N GLN B 199 14.40 30.56 -1.69
CA GLN B 199 13.68 31.56 -0.93
C GLN B 199 14.24 32.94 -1.26
N VAL B 200 13.35 33.89 -1.53
CA VAL B 200 13.75 35.24 -1.89
C VAL B 200 13.06 36.24 -1.00
N THR B 201 13.88 37.06 -0.31
CA THR B 201 13.40 38.15 0.53
C THR B 201 13.67 39.46 -0.18
N VAL B 202 12.63 40.24 -0.41
CA VAL B 202 12.69 41.54 -1.05
C VAL B 202 12.29 42.62 -0.05
N GLN B 203 12.99 43.75 -0.12
CA GLN B 203 12.65 44.94 0.63
C GLN B 203 11.74 45.83 -0.20
N TYR B 204 10.57 46.14 0.33
CA TYR B 204 9.54 46.91 -0.35
C TYR B 204 9.24 48.24 0.32
N MET B 205 8.76 49.20 -0.46
CA MET B 205 8.09 50.39 0.06
C MET B 205 6.62 50.36 -0.36
N GLN B 206 5.77 50.92 0.50
CA GLN B 206 4.35 51.09 0.23
C GLN B 206 4.17 52.41 -0.54
N ASP B 207 3.31 52.40 -1.55
CA ASP B 207 3.00 53.59 -2.35
C ASP B 207 1.49 53.65 -2.54
N ARG B 208 0.80 54.15 -1.52
CA ARG B 208 -0.66 54.28 -1.51
C ARG B 208 -1.39 53.00 -1.92
N GLY B 209 -1.06 51.92 -1.23
CA GLY B 209 -1.65 50.62 -1.50
C GLY B 209 -0.89 49.79 -2.51
N ALA B 210 -0.17 50.42 -3.44
CA ALA B 210 0.72 49.69 -4.33
C ALA B 210 2.00 49.31 -3.56
N VAL B 211 2.70 48.28 -4.02
CA VAL B 211 3.97 47.89 -3.43
C VAL B 211 5.09 48.06 -4.44
N LEU B 212 6.20 48.65 -3.99
CA LEU B 212 7.34 48.98 -4.85
C LEU B 212 8.55 48.20 -4.39
N PRO B 213 9.02 47.23 -5.20
CA PRO B 213 10.25 46.52 -4.80
C PRO B 213 11.44 47.45 -4.85
N ILE B 214 12.25 47.45 -3.81
CA ILE B 214 13.45 48.31 -3.74
C ILE B 214 14.70 47.49 -4.06
N ARG B 215 14.87 46.36 -3.37
CA ARG B 215 16.10 45.55 -3.52
C ARG B 215 15.84 44.13 -3.06
N VAL B 216 16.65 43.19 -3.57
CA VAL B 216 16.70 41.84 -3.01
C VAL B 216 17.58 41.88 -1.76
N HIS B 217 16.98 41.50 -0.65
CA HIS B 217 17.64 41.50 0.66
C HIS B 217 18.44 40.20 0.86
N THR B 218 17.78 39.06 0.63
CA THR B 218 18.39 37.75 0.83
C THR B 218 17.91 36.76 -0.25
N ILE B 219 18.83 35.94 -0.75
CA ILE B 219 18.48 34.77 -1.59
C ILE B 219 19.02 33.52 -0.94
N VAL B 220 18.16 32.51 -0.82
CA VAL B 220 18.56 31.19 -0.33
C VAL B 220 18.35 30.22 -1.48
N ILE B 221 19.33 29.38 -1.77
CA ILE B 221 19.18 28.26 -2.72
C ILE B 221 19.81 27.02 -2.13
N SER B 222 19.04 25.94 -2.06
CA SER B 222 19.52 24.62 -1.71
C SER B 222 19.14 23.69 -2.85
N VAL B 223 20.10 22.95 -3.40
CA VAL B 223 19.82 22.06 -4.52
C VAL B 223 20.61 20.76 -4.39
N GLN B 224 19.93 19.67 -4.69
CA GLN B 224 20.52 18.35 -4.67
C GLN B 224 21.66 18.23 -5.68
N HIS B 225 22.67 17.45 -5.36
CA HIS B 225 23.87 17.36 -6.20
C HIS B 225 24.57 16.01 -6.10
N ASP B 226 25.49 15.77 -7.02
CA ASP B 226 26.24 14.52 -7.05
C ASP B 226 27.37 14.49 -6.01
N GLU B 227 28.02 13.33 -5.90
CA GLU B 227 29.06 13.13 -4.89
C GLU B 227 30.44 13.63 -5.28
N GLU B 228 30.62 14.09 -6.51
CA GLU B 228 31.95 14.51 -6.99
C GLU B 228 32.21 16.01 -6.79
N VAL B 229 31.18 16.83 -6.96
CA VAL B 229 31.37 18.29 -7.00
C VAL B 229 31.67 18.86 -5.60
N CYS B 230 32.55 19.85 -5.51
CA CYS B 230 32.89 20.47 -4.21
CA CYS B 230 32.89 20.47 -4.22
C CYS B 230 31.94 21.62 -3.89
N LEU B 231 31.76 21.90 -2.60
CA LEU B 231 30.86 22.98 -2.13
C LEU B 231 31.15 24.34 -2.74
N ASP B 232 32.43 24.72 -2.73
CA ASP B 232 32.83 26.05 -3.21
C ASP B 232 32.51 26.24 -4.70
N GLU B 233 32.75 25.21 -5.51
CA GLU B 233 32.40 25.27 -6.93
C GLU B 233 30.89 25.37 -7.12
N MET B 234 30.11 24.61 -6.34
CA MET B 234 28.65 24.73 -6.42
C MET B 234 28.19 26.16 -6.09
N ARG B 235 28.72 26.74 -5.01
CA ARG B 235 28.29 28.05 -4.57
C ARG B 235 28.63 29.11 -5.61
N ASP B 236 29.83 29.03 -6.17
CA ASP B 236 30.22 29.92 -7.27
C ASP B 236 29.26 29.81 -8.48
N ALA B 237 28.97 28.59 -8.88
CA ALA B 237 28.04 28.35 -10.01
C ALA B 237 26.63 28.90 -9.74
N LEU B 238 26.14 28.69 -8.52
CA LEU B 238 24.83 29.19 -8.14
C LEU B 238 24.75 30.73 -8.21
N LYS B 239 25.82 31.40 -7.84
CA LYS B 239 25.85 32.87 -7.91
C LYS B 239 25.98 33.34 -9.38
N GLU B 240 26.93 32.77 -10.11
CA GLU B 240 27.29 33.27 -11.44
C GLU B 240 26.35 32.80 -12.56
N LYS B 241 25.98 31.52 -12.55
CA LYS B 241 25.20 30.92 -13.64
C LYS B 241 23.71 30.88 -13.39
N VAL B 242 23.31 30.99 -12.12
CA VAL B 242 21.90 30.92 -11.75
C VAL B 242 21.39 32.31 -11.34
N ILE B 243 21.85 32.82 -10.21
CA ILE B 243 21.32 34.08 -9.67
C ILE B 243 21.53 35.25 -10.66
N LYS B 244 22.75 35.42 -11.17
CA LYS B 244 23.03 36.51 -12.10
C LYS B 244 22.31 36.37 -13.47
N ALA B 245 21.92 35.15 -13.82
CA ALA B 245 21.14 34.91 -15.03
C ALA B 245 19.66 35.24 -14.84
N VAL B 246 19.18 35.25 -13.60
CA VAL B 246 17.75 35.35 -13.30
C VAL B 246 17.36 36.71 -12.72
N VAL B 247 18.13 37.22 -11.75
CA VAL B 247 17.73 38.40 -11.00
C VAL B 247 18.24 39.65 -11.69
N PRO B 248 17.35 40.60 -12.02
CA PRO B 248 17.86 41.88 -12.59
C PRO B 248 18.94 42.51 -11.72
N ALA B 249 20.04 42.92 -12.34
CA ALA B 249 21.19 43.52 -11.62
C ALA B 249 20.78 44.72 -10.75
N LYS B 250 19.77 45.47 -11.18
CA LYS B 250 19.30 46.65 -10.44
C LYS B 250 18.78 46.33 -9.03
N TYR B 251 18.34 45.10 -8.79
CA TYR B 251 17.87 44.67 -7.47
C TYR B 251 18.95 44.06 -6.56
N LEU B 252 20.13 43.79 -7.11
CA LEU B 252 21.24 43.23 -6.34
C LEU B 252 22.24 44.35 -5.99
N ASP B 253 22.74 44.32 -4.76
CA ASP B 253 23.78 45.26 -4.35
C ASP B 253 24.78 44.57 -3.42
N GLU B 254 25.76 45.34 -2.97
CA GLU B 254 26.83 44.79 -2.13
C GLU B 254 26.37 44.25 -0.78
N ASP B 255 25.18 44.65 -0.32
CA ASP B 255 24.62 44.16 0.95
C ASP B 255 23.68 42.96 0.83
N THR B 256 23.29 42.60 -0.39
CA THR B 256 22.45 41.42 -0.63
C THR B 256 23.10 40.18 -0.01
N ILE B 257 22.32 39.43 0.77
CA ILE B 257 22.80 38.25 1.48
C ILE B 257 22.53 36.99 0.65
N TYR B 258 23.57 36.16 0.48
CA TYR B 258 23.46 34.89 -0.26
C TYR B 258 23.71 33.68 0.61
N HIS B 259 22.69 32.83 0.75
CA HIS B 259 22.82 31.58 1.47
C HIS B 259 22.68 30.44 0.46
N LEU B 260 23.84 29.96 -0.02
CA LEU B 260 23.88 28.99 -1.11
C LEU B 260 24.38 27.65 -0.54
N GLN B 261 23.60 26.60 -0.75
CA GLN B 261 23.79 25.30 -0.05
C GLN B 261 24.01 25.49 1.45
N PRO B 262 23.10 26.19 2.11
CA PRO B 262 23.34 26.59 3.51
C PRO B 262 23.37 25.43 4.52
N SER B 263 22.75 24.29 4.22
CA SER B 263 22.87 23.17 5.13
C SER B 263 24.01 22.19 4.74
N GLY B 264 24.89 22.60 3.83
CA GLY B 264 26.02 21.76 3.42
C GLY B 264 25.60 20.74 2.39
N ARG B 265 26.15 19.53 2.46
CA ARG B 265 25.89 18.52 1.44
C ARG B 265 24.41 18.07 1.35
N PHE B 266 23.99 17.79 0.13
CA PHE B 266 22.61 17.54 -0.24
C PHE B 266 22.71 16.52 -1.39
N VAL B 267 23.23 15.34 -1.09
CA VAL B 267 23.43 14.29 -2.09
C VAL B 267 22.14 13.50 -2.34
N ILE B 268 21.47 13.15 -1.26
CA ILE B 268 20.22 12.41 -1.30
C ILE B 268 19.10 13.40 -1.24
N GLY B 269 18.07 13.19 -2.05
CA GLY B 269 16.88 14.01 -1.93
C GLY B 269 15.68 13.29 -2.46
N GLY B 270 14.63 14.05 -2.76
CA GLY B 270 13.41 13.46 -3.24
C GLY B 270 12.71 12.71 -2.14
N PRO B 271 11.94 11.66 -2.48
CA PRO B 271 11.17 10.98 -1.44
C PRO B 271 11.99 10.19 -0.41
N GLN B 272 13.27 9.93 -0.66
CA GLN B 272 14.09 9.10 0.24
C GLN B 272 14.15 9.71 1.64
N GLY B 273 13.62 8.97 2.61
CA GLY B 273 13.58 9.43 4.00
C GLY B 273 12.69 10.65 4.23
N ASP B 274 11.64 10.77 3.43
CA ASP B 274 10.84 11.97 3.43
C ASP B 274 9.40 11.46 3.04
N ALA B 275 8.45 12.33 3.08
CA ALA B 275 7.15 12.03 2.53
C ALA B 275 6.61 13.30 1.86
N GLY B 276 6.00 13.10 0.71
CA GLY B 276 5.36 14.16 -0.04
C GLY B 276 3.92 13.79 -0.32
N LEU B 277 3.09 14.81 -0.53
CA LEU B 277 1.70 14.66 -0.91
C LEU B 277 1.29 15.72 -1.92
N THR B 278 0.32 15.40 -2.78
CA THR B 278 -0.30 16.40 -3.65
C THR B 278 -0.94 17.51 -2.86
N GLY B 279 -0.80 18.75 -3.33
CA GLY B 279 -1.51 19.87 -2.74
C GLY B 279 -1.00 20.39 -1.41
N ARG B 280 0.29 20.20 -1.18
CA ARG B 280 0.97 20.70 0.00
C ARG B 280 1.90 21.88 -0.28
N LYS B 281 1.80 22.43 -1.49
CA LYS B 281 2.57 23.61 -1.90
C LYS B 281 1.63 24.63 -2.54
N ILE B 282 0.47 24.86 -1.92
CA ILE B 282 -0.55 25.67 -2.57
C ILE B 282 -0.20 27.17 -2.62
N ILE B 283 0.65 27.62 -1.69
CA ILE B 283 1.08 29.01 -1.66
C ILE B 283 2.20 29.24 -2.67
N VAL B 284 3.12 28.28 -2.74
CA VAL B 284 4.12 28.23 -3.80
C VAL B 284 3.48 28.22 -5.19
N ASP B 285 2.36 27.52 -5.33
CA ASP B 285 1.65 27.39 -6.61
C ASP B 285 0.98 28.68 -7.08
N THR B 286 0.75 29.62 -6.16
CA THR B 286 -0.06 30.77 -6.42
C THR B 286 0.76 32.03 -6.30
N TYR B 287 0.68 32.74 -5.18
CA TYR B 287 1.23 34.11 -5.07
C TYR B 287 2.32 34.25 -4.00
N GLY B 288 2.81 33.14 -3.45
CA GLY B 288 3.94 33.23 -2.53
C GLY B 288 3.73 33.95 -1.24
N GLY B 289 2.50 33.98 -0.78
CA GLY B 289 2.12 34.62 0.50
C GLY B 289 1.36 35.89 0.29
N TRP B 290 1.46 36.46 -0.91
CA TRP B 290 0.73 37.67 -1.24
C TRP B 290 -0.72 37.34 -1.53
N GLY B 291 -1.57 38.36 -1.48
CA GLY B 291 -2.98 38.21 -1.74
C GLY B 291 -3.62 37.34 -0.66
N ALA B 292 -4.28 36.28 -1.08
CA ALA B 292 -4.99 35.40 -0.14
C ALA B 292 -5.18 34.06 -0.81
N HIS B 293 -5.56 33.06 -0.01
CA HIS B 293 -5.83 31.74 -0.57
C HIS B 293 -7.08 31.14 0.04
N GLY B 294 -7.90 30.48 -0.78
CA GLY B 294 -9.13 29.82 -0.31
C GLY B 294 -8.97 28.40 0.21
N GLY B 295 -7.80 27.81 -0.01
CA GLY B 295 -7.37 26.51 0.54
C GLY B 295 -7.29 25.33 -0.41
N GLY B 296 -7.93 25.45 -1.59
CA GLY B 296 -8.00 24.36 -2.53
C GLY B 296 -6.71 24.13 -3.31
N ALA B 297 -6.31 22.87 -3.47
CA ALA B 297 -5.15 22.51 -4.27
C ALA B 297 -5.58 22.40 -5.71
N PHE B 298 -4.60 22.51 -6.62
CA PHE B 298 -4.89 22.44 -8.05
C PHE B 298 -4.68 21.10 -8.69
N SER B 299 -3.53 20.48 -8.42
CA SER B 299 -3.07 19.33 -9.19
C SER B 299 -3.96 18.10 -9.01
N GLY B 300 -4.12 17.36 -10.09
CA GLY B 300 -4.89 16.13 -10.10
C GLY B 300 -6.37 16.33 -10.31
N LYS B 301 -6.81 17.57 -10.57
CA LYS B 301 -8.22 17.92 -10.66
C LYS B 301 -8.61 18.44 -12.03
N ASP B 302 -9.70 17.90 -12.59
CA ASP B 302 -10.30 18.45 -13.80
C ASP B 302 -11.06 19.74 -13.57
N TYR B 303 -11.56 20.34 -14.66
CA TYR B 303 -12.20 21.66 -14.64
C TYR B 303 -13.45 21.81 -13.79
N THR B 304 -14.15 20.71 -13.51
CA THR B 304 -15.35 20.81 -12.66
C THR B 304 -15.01 21.06 -11.19
N LYS B 305 -13.75 20.86 -10.83
CA LYS B 305 -13.29 21.20 -9.47
C LYS B 305 -12.99 22.69 -9.50
N VAL B 306 -13.90 23.47 -8.97
CA VAL B 306 -13.78 24.92 -8.96
C VAL B 306 -12.56 25.40 -8.20
N ASP B 307 -12.02 24.60 -7.25
CA ASP B 307 -10.73 24.87 -6.62
C ASP B 307 -9.63 25.24 -7.63
N ARG B 308 -9.69 24.60 -8.79
CA ARG B 308 -8.74 24.89 -9.84
C ARG B 308 -9.30 25.90 -10.83
N SER B 309 -10.40 25.57 -11.49
CA SER B 309 -10.87 26.39 -12.60
C SER B 309 -11.24 27.81 -12.19
N ALA B 310 -11.90 27.97 -11.03
CA ALA B 310 -12.28 29.30 -10.56
C ALA B 310 -11.10 30.11 -10.06
N ALA B 311 -10.07 29.43 -9.51
CA ALA B 311 -8.83 30.11 -9.16
C ALA B 311 -8.13 30.64 -10.41
N TYR B 312 -8.09 29.85 -11.48
CA TYR B 312 -7.53 30.34 -12.75
C TYR B 312 -8.33 31.52 -13.29
N ALA B 313 -9.65 31.41 -13.24
CA ALA B 313 -10.52 32.51 -13.72
C ALA B 313 -10.35 33.76 -12.85
N ALA B 314 -10.20 33.60 -11.54
CA ALA B 314 -10.01 34.76 -10.65
C ALA B 314 -8.69 35.46 -10.93
N ARG B 315 -7.63 34.69 -11.20
CA ARG B 315 -6.36 35.26 -11.68
C ARG B 315 -6.57 36.05 -12.96
N TRP B 316 -7.29 35.45 -13.91
CA TRP B 316 -7.55 36.08 -15.20
C TRP B 316 -8.26 37.43 -15.03
N VAL B 317 -9.23 37.48 -14.12
CA VAL B 317 -9.96 38.71 -13.80
C VAL B 317 -9.00 39.74 -13.20
N ALA B 318 -8.25 39.35 -12.19
CA ALA B 318 -7.32 40.25 -11.50
C ALA B 318 -6.29 40.84 -12.47
N LYS B 319 -5.68 39.97 -13.29
CA LYS B 319 -4.70 40.42 -14.27
C LYS B 319 -5.32 41.34 -15.33
N SER B 320 -6.54 41.04 -15.74
CA SER B 320 -7.26 41.90 -16.69
C SER B 320 -7.53 43.30 -16.11
N LEU B 321 -7.86 43.36 -14.83
CA LEU B 321 -8.06 44.66 -14.16
C LEU B 321 -6.79 45.52 -14.10
N VAL B 322 -5.67 44.89 -13.78
CA VAL B 322 -4.39 45.61 -13.67
C VAL B 322 -3.86 46.00 -15.06
N LYS B 323 -3.85 45.05 -16.00
CA LYS B 323 -3.39 45.34 -17.38
C LYS B 323 -4.31 46.32 -18.09
N GLY B 324 -5.58 46.37 -17.73
CA GLY B 324 -6.53 47.35 -18.25
C GLY B 324 -6.40 48.74 -17.64
N GLY B 325 -5.46 48.93 -16.70
CA GLY B 325 -5.23 50.24 -16.10
C GLY B 325 -6.29 50.67 -15.09
N LEU B 326 -7.08 49.72 -14.59
CA LEU B 326 -8.14 50.03 -13.63
C LEU B 326 -7.62 50.09 -12.20
N CYS B 327 -6.52 49.40 -11.92
CA CYS B 327 -5.89 49.46 -10.61
C CYS B 327 -4.44 49.00 -10.72
N ARG B 328 -3.67 49.23 -9.68
CA ARG B 328 -2.28 48.80 -9.64
C ARG B 328 -2.11 47.44 -8.96
N ARG B 329 -3.08 47.08 -8.11
CA ARG B 329 -2.97 45.90 -7.26
C ARG B 329 -4.40 45.52 -6.88
N VAL B 330 -4.73 44.23 -6.93
CA VAL B 330 -6.11 43.83 -6.68
C VAL B 330 -6.21 42.39 -6.22
N LEU B 331 -7.18 42.14 -5.35
CA LEU B 331 -7.52 40.84 -4.85
C LEU B 331 -8.99 40.57 -5.21
N VAL B 332 -9.24 39.44 -5.86
CA VAL B 332 -10.56 39.00 -6.27
C VAL B 332 -10.95 37.79 -5.44
N GLN B 333 -12.10 37.82 -4.77
CA GLN B 333 -12.69 36.61 -4.21
C GLN B 333 -13.90 36.09 -4.98
N VAL B 334 -13.97 34.78 -5.18
CA VAL B 334 -15.16 34.10 -5.69
CA VAL B 334 -15.21 34.13 -5.65
C VAL B 334 -15.56 32.93 -4.77
N SER B 335 -16.84 32.57 -4.69
CA SER B 335 -17.22 31.35 -3.97
C SER B 335 -18.38 30.61 -4.61
N TYR B 336 -18.46 29.29 -4.35
CA TYR B 336 -19.42 28.40 -4.97
C TYR B 336 -20.09 27.51 -3.94
N ALA B 337 -21.27 26.98 -4.29
CA ALA B 337 -21.89 25.86 -3.59
C ALA B 337 -21.93 24.66 -4.54
N ILE B 338 -21.74 23.46 -3.98
CA ILE B 338 -21.76 22.21 -4.76
C ILE B 338 -23.12 22.11 -5.45
N GLY B 339 -23.09 21.77 -6.75
CA GLY B 339 -24.30 21.64 -7.52
C GLY B 339 -24.96 22.93 -8.02
N VAL B 340 -24.37 24.10 -7.75
CA VAL B 340 -24.91 25.39 -8.17
C VAL B 340 -23.94 26.01 -9.17
N SER B 341 -24.44 26.55 -10.28
CA SER B 341 -23.53 27.05 -11.34
C SER B 341 -22.98 28.47 -11.02
N HIS B 342 -23.88 29.41 -10.76
CA HIS B 342 -23.44 30.81 -10.55
C HIS B 342 -22.70 30.95 -9.22
N PRO B 343 -21.65 31.79 -9.17
CA PRO B 343 -20.98 32.00 -7.88
C PRO B 343 -21.94 32.54 -6.82
N LEU B 344 -21.74 32.13 -5.59
CA LEU B 344 -22.46 32.67 -4.44
C LEU B 344 -22.04 34.08 -4.12
N SER B 345 -20.76 34.38 -4.31
CA SER B 345 -20.26 35.72 -4.03
C SER B 345 -19.09 36.06 -4.93
N ILE B 346 -18.98 37.33 -5.26
CA ILE B 346 -17.82 37.89 -5.97
C ILE B 346 -17.45 39.19 -5.25
N SER B 347 -16.18 39.38 -4.94
CA SER B 347 -15.70 40.54 -4.19
C SER B 347 -14.41 41.05 -4.82
N ILE B 348 -14.21 42.36 -4.88
CA ILE B 348 -13.01 42.98 -5.45
C ILE B 348 -12.41 43.97 -4.44
N PHE B 349 -11.13 43.80 -4.08
CA PHE B 349 -10.44 44.66 -3.13
C PHE B 349 -9.21 45.24 -3.81
N HIS B 350 -9.14 46.56 -3.97
CA HIS B 350 -8.08 47.18 -4.79
C HIS B 350 -6.99 47.89 -3.99
N TYR B 351 -7.03 47.74 -2.66
CA TYR B 351 -5.98 48.29 -1.76
C TYR B 351 -5.84 49.82 -1.82
N GLY B 352 -6.87 50.50 -2.33
CA GLY B 352 -6.82 51.93 -2.61
C GLY B 352 -6.06 52.34 -3.86
N THR B 353 -5.80 51.40 -4.78
CA THR B 353 -4.96 51.68 -5.96
C THR B 353 -5.74 52.00 -7.23
N SER B 354 -7.00 52.41 -7.09
CA SER B 354 -7.83 52.82 -8.22
C SER B 354 -8.54 54.11 -7.87
N GLN B 355 -8.82 54.93 -8.88
CA GLN B 355 -9.74 56.06 -8.71
C GLN B 355 -11.20 55.58 -8.68
N LYS B 356 -11.48 54.41 -9.23
CA LYS B 356 -12.81 53.80 -9.16
C LYS B 356 -13.04 53.10 -7.83
N SER B 357 -14.29 53.07 -7.39
CA SER B 357 -14.66 52.34 -6.19
C SER B 357 -14.58 50.85 -6.47
N GLU B 358 -14.46 50.09 -5.39
CA GLU B 358 -14.47 48.63 -5.49
C GLU B 358 -15.82 48.13 -6.05
N ARG B 359 -16.92 48.79 -5.69
CA ARG B 359 -18.23 48.48 -6.26
C ARG B 359 -18.26 48.68 -7.78
N GLU B 360 -17.63 49.76 -8.26
CA GLU B 360 -17.51 49.99 -9.70
C GLU B 360 -16.70 48.91 -10.41
N LEU B 361 -15.59 48.51 -9.80
CA LEU B 361 -14.77 47.44 -10.37
C LEU B 361 -15.56 46.14 -10.41
N LEU B 362 -16.35 45.86 -9.37
CA LEU B 362 -17.22 44.67 -9.35
C LEU B 362 -18.24 44.69 -10.50
N GLU B 363 -18.83 45.85 -10.78
CA GLU B 363 -19.74 45.97 -11.93
C GLU B 363 -19.05 45.68 -13.25
N ILE B 364 -17.82 46.18 -13.40
CA ILE B 364 -17.02 45.95 -14.60
C ILE B 364 -16.72 44.45 -14.76
N VAL B 365 -16.36 43.80 -13.65
CA VAL B 365 -16.11 42.35 -13.67
C VAL B 365 -17.38 41.59 -14.10
N LYS B 366 -18.52 41.91 -13.50
CA LYS B 366 -19.76 41.20 -13.78
C LYS B 366 -20.25 41.44 -15.22
N LYS B 367 -19.97 42.62 -15.76
CA LYS B 367 -20.28 42.92 -17.16
C LYS B 367 -19.40 42.13 -18.16
N ASN B 368 -18.17 41.80 -17.77
CA ASN B 368 -17.17 41.26 -18.68
C ASN B 368 -16.86 39.77 -18.50
N PHE B 369 -17.24 39.19 -17.36
CA PHE B 369 -16.88 37.81 -17.03
C PHE B 369 -18.12 37.03 -16.56
N ASP B 370 -18.16 35.77 -16.97
CA ASP B 370 -19.16 34.81 -16.54
C ASP B 370 -18.40 33.69 -15.85
N LEU B 371 -18.53 33.64 -14.52
CA LEU B 371 -17.72 32.75 -13.71
C LEU B 371 -18.43 31.45 -13.33
N ARG B 372 -19.42 31.03 -14.12
CA ARG B 372 -19.94 29.69 -14.01
C ARG B 372 -18.88 28.71 -14.53
N PRO B 373 -18.68 27.56 -13.85
CA PRO B 373 -17.68 26.60 -14.29
C PRO B 373 -17.80 26.14 -15.75
N GLY B 374 -19.03 25.96 -16.23
CA GLY B 374 -19.26 25.56 -17.60
C GLY B 374 -18.85 26.61 -18.62
N VAL B 375 -18.81 27.88 -18.24
CA VAL B 375 -18.38 28.94 -19.14
C VAL B 375 -16.88 29.12 -19.05
N ILE B 376 -16.35 29.09 -17.83
CA ILE B 376 -14.92 29.19 -17.59
C ILE B 376 -14.15 28.14 -18.40
N VAL B 377 -14.63 26.90 -18.42
CA VAL B 377 -13.99 25.80 -19.20
C VAL B 377 -13.85 26.14 -20.65
N ARG B 378 -14.86 26.78 -21.23
CA ARG B 378 -14.81 27.20 -22.64
C ARG B 378 -13.82 28.34 -22.83
N ASP B 379 -13.95 29.38 -21.99
CA ASP B 379 -13.13 30.58 -22.14
C ASP B 379 -11.62 30.33 -21.94
N LEU B 380 -11.27 29.44 -21.02
CA LEU B 380 -9.88 29.13 -20.71
C LEU B 380 -9.40 27.81 -21.29
N ASP B 381 -10.24 27.17 -22.14
CA ASP B 381 -9.86 25.95 -22.85
C ASP B 381 -9.38 24.82 -21.91
N LEU B 382 -10.14 24.58 -20.84
CA LEU B 382 -9.66 23.74 -19.74
C LEU B 382 -9.77 22.23 -19.93
N LYS B 383 -10.32 21.77 -21.04
CA LYS B 383 -10.28 20.33 -21.36
C LYS B 383 -8.93 19.88 -21.97
N LYS B 384 -8.06 20.81 -22.30
CA LYS B 384 -6.77 20.45 -22.94
C LYS B 384 -5.79 19.83 -21.96
N PRO B 385 -4.99 18.85 -22.42
CA PRO B 385 -4.03 18.18 -21.50
C PRO B 385 -2.77 19.00 -21.33
N ILE B 386 -2.91 20.14 -20.66
CA ILE B 386 -1.81 21.12 -20.48
C ILE B 386 -1.40 21.23 -19.02
N TYR B 387 -1.88 20.32 -18.19
CA TYR B 387 -1.77 20.51 -16.74
C TYR B 387 -0.43 20.13 -16.12
N GLN B 388 0.24 19.11 -16.65
CA GLN B 388 1.55 18.73 -16.11
C GLN B 388 2.53 19.92 -16.11
N ARG B 389 2.44 20.78 -17.12
CA ARG B 389 3.28 21.98 -17.22
C ARG B 389 3.03 22.99 -16.10
N THR B 390 1.83 23.00 -15.52
CA THR B 390 1.51 23.91 -14.43
C THR B 390 2.05 23.47 -13.07
N ALA B 391 2.48 22.21 -12.95
CA ALA B 391 2.68 21.59 -11.64
C ALA B 391 4.02 21.93 -10.94
N ALA B 392 4.92 22.61 -11.66
CA ALA B 392 6.07 23.22 -11.04
C ALA B 392 6.25 24.61 -11.65
N TYR B 393 6.92 25.47 -10.87
CA TYR B 393 7.29 26.84 -11.26
C TYR B 393 6.12 27.83 -11.24
N GLY B 394 5.01 27.44 -10.63
CA GLY B 394 3.89 28.33 -10.42
C GLY B 394 2.81 28.18 -11.46
N HIS B 395 1.56 28.34 -11.03
CA HIS B 395 0.46 28.27 -11.98
C HIS B 395 0.21 29.62 -12.68
N PHE B 396 0.78 30.69 -12.13
CA PHE B 396 0.50 32.05 -12.58
C PHE B 396 1.78 32.80 -12.93
N GLY B 397 1.65 33.83 -13.78
CA GLY B 397 2.77 34.62 -14.24
C GLY B 397 3.49 34.09 -15.48
N ARG B 398 2.97 33.03 -16.12
CA ARG B 398 3.62 32.43 -17.27
C ARG B 398 2.75 32.62 -18.52
N ASP B 399 3.29 33.26 -19.57
CA ASP B 399 2.43 33.74 -20.68
C ASP B 399 1.76 32.70 -21.59
N SER B 400 2.20 31.46 -21.51
CA SER B 400 1.66 30.39 -22.34
C SER B 400 0.27 29.86 -21.89
N PHE B 401 -0.27 30.35 -20.76
CA PHE B 401 -1.54 29.86 -20.23
C PHE B 401 -2.69 30.83 -20.53
N PRO B 402 -3.89 30.29 -20.85
CA PRO B 402 -5.00 31.20 -21.25
C PRO B 402 -5.45 32.21 -20.18
N TRP B 403 -5.32 31.85 -18.92
CA TRP B 403 -5.66 32.75 -17.80
C TRP B 403 -4.66 33.88 -17.58
N GLU B 404 -3.55 33.86 -18.32
CA GLU B 404 -2.55 34.92 -18.31
C GLU B 404 -2.67 35.89 -19.50
N VAL B 405 -3.61 35.65 -20.40
CA VAL B 405 -3.88 36.57 -21.51
C VAL B 405 -5.00 37.51 -21.06
N PRO B 406 -4.67 38.77 -20.75
CA PRO B 406 -5.74 39.63 -20.22
C PRO B 406 -6.88 39.86 -21.19
N LYS B 407 -8.10 39.93 -20.67
CA LYS B 407 -9.28 40.22 -21.45
C LYS B 407 -9.42 41.73 -21.59
N LYS B 408 -9.65 42.18 -22.81
CA LYS B 408 -9.97 43.59 -23.07
C LYS B 408 -11.34 43.89 -22.48
N LEU B 409 -11.43 44.88 -21.61
CA LEU B 409 -12.66 45.14 -20.86
C LEU B 409 -13.55 46.19 -21.53
N LYS B 410 -14.83 45.81 -21.66
CA LYS B 410 -15.96 46.64 -22.09
C LYS B 410 -15.88 46.83 -23.57
N GLU C 31 16.69 -51.49 -17.43
CA GLU C 31 15.31 -52.05 -17.48
C GLU C 31 14.51 -51.83 -16.19
N GLY C 32 15.19 -51.68 -15.05
CA GLY C 32 14.54 -51.31 -13.79
C GLY C 32 14.90 -49.90 -13.30
N THR C 33 15.13 -48.97 -14.22
CA THR C 33 15.59 -47.62 -13.89
C THR C 33 14.48 -46.58 -14.09
N PHE C 34 14.59 -45.46 -13.38
CA PHE C 34 13.62 -44.38 -13.51
C PHE C 34 14.34 -43.04 -13.33
N LEU C 35 13.68 -41.97 -13.78
CA LEU C 35 14.18 -40.60 -13.60
C LEU C 35 13.40 -39.94 -12.48
N PHE C 36 14.05 -39.03 -11.76
CA PHE C 36 13.36 -38.20 -10.80
C PHE C 36 14.05 -36.84 -10.75
N THR C 37 13.25 -35.79 -10.66
CA THR C 37 13.71 -34.41 -10.69
C THR C 37 13.32 -33.65 -9.43
N SER C 38 14.24 -32.84 -8.90
CA SER C 38 13.94 -31.85 -7.86
C SER C 38 14.52 -30.50 -8.23
N GLU C 39 14.02 -29.44 -7.62
CA GLU C 39 14.51 -28.09 -7.84
C GLU C 39 14.85 -27.40 -6.53
N SER C 40 15.64 -26.35 -6.64
CA SER C 40 15.93 -25.45 -5.54
C SER C 40 16.03 -24.05 -6.08
N VAL C 41 15.94 -23.05 -5.20
CA VAL C 41 16.10 -21.66 -5.60
C VAL C 41 17.06 -20.95 -4.67
N GLY C 42 17.66 -19.88 -5.18
CA GLY C 42 18.62 -19.08 -4.45
C GLY C 42 18.02 -18.13 -3.48
N GLU C 43 18.90 -17.49 -2.68
CA GLU C 43 18.44 -16.53 -1.67
C GLU C 43 17.69 -15.33 -2.27
N GLY C 44 18.04 -14.96 -3.50
CA GLY C 44 17.38 -13.84 -4.15
C GLY C 44 16.18 -14.15 -4.99
N HIS C 45 15.77 -15.42 -5.08
CA HIS C 45 14.49 -15.75 -5.69
C HIS C 45 13.41 -15.06 -4.86
N PRO C 46 12.47 -14.34 -5.51
CA PRO C 46 11.53 -13.51 -4.74
C PRO C 46 10.71 -14.23 -3.68
N ASP C 47 10.29 -15.47 -3.94
CA ASP C 47 9.60 -16.28 -2.93
C ASP C 47 10.51 -16.57 -1.73
N LYS C 48 11.77 -16.91 -1.99
CA LYS C 48 12.73 -17.17 -0.93
C LYS C 48 13.14 -15.91 -0.14
N ILE C 49 13.17 -14.76 -0.81
CA ILE C 49 13.37 -13.49 -0.11
C ILE C 49 12.28 -13.35 0.99
N CYS C 50 11.03 -13.64 0.62
CA CYS C 50 9.90 -13.50 1.54
C CYS C 50 10.00 -14.48 2.71
N ASP C 51 10.37 -15.74 2.41
CA ASP C 51 10.56 -16.72 3.48
C ASP C 51 11.62 -16.26 4.45
N GLN C 52 12.73 -15.76 3.93
N GLN C 52 12.73 -15.76 3.94
CA GLN C 52 13.83 -15.31 4.80
CA GLN C 52 13.83 -15.31 4.80
C GLN C 52 13.43 -14.11 5.66
C GLN C 52 13.43 -14.11 5.66
N ILE C 53 12.74 -13.15 5.06
CA ILE C 53 12.26 -11.98 5.81
C ILE C 53 11.25 -12.40 6.89
N SER C 54 10.32 -13.28 6.53
CA SER C 54 9.33 -13.79 7.50
C SER C 54 9.98 -14.44 8.71
N ASP C 55 11.01 -15.26 8.47
CA ASP C 55 11.75 -15.88 9.57
C ASP C 55 12.69 -14.95 10.30
N ALA C 56 13.22 -13.91 9.62
CA ALA C 56 13.96 -12.83 10.31
C ALA C 56 13.07 -12.12 11.32
N VAL C 57 11.83 -11.84 10.92
CA VAL C 57 10.85 -11.22 11.80
C VAL C 57 10.54 -12.15 12.99
N LEU C 58 10.30 -13.43 12.71
CA LEU C 58 10.08 -14.41 13.77
C LEU C 58 11.25 -14.42 14.77
N ASP C 59 12.47 -14.52 14.24
CA ASP C 59 13.66 -14.52 15.09
C ASP C 59 13.79 -13.25 15.94
N ALA C 60 13.50 -12.09 15.33
CA ALA C 60 13.59 -10.81 16.05
C ALA C 60 12.63 -10.80 17.23
N HIS C 61 11.43 -11.34 17.05
CA HIS C 61 10.49 -11.47 18.18
C HIS C 61 10.99 -12.44 19.24
N LEU C 62 11.43 -13.62 18.81
CA LEU C 62 11.87 -14.66 19.76
C LEU C 62 13.11 -14.25 20.55
N GLN C 63 13.97 -13.41 19.98
CA GLN C 63 15.13 -12.88 20.69
C GLN C 63 14.75 -12.10 21.95
N GLN C 64 13.63 -11.38 21.89
CA GLN C 64 13.13 -10.59 23.02
C GLN C 64 12.04 -11.31 23.84
N ASP C 65 11.21 -12.11 23.18
CA ASP C 65 10.09 -12.79 23.81
C ASP C 65 10.02 -14.23 23.30
N PRO C 66 10.58 -15.18 24.07
CA PRO C 66 10.59 -16.59 23.66
C PRO C 66 9.22 -17.22 23.44
N ASP C 67 8.17 -16.63 24.01
CA ASP C 67 6.81 -17.11 23.83
C ASP C 67 5.98 -16.31 22.80
N ALA C 68 6.64 -15.49 21.99
CA ALA C 68 5.95 -14.76 20.93
C ALA C 68 5.18 -15.68 20.01
N LYS C 69 3.96 -15.26 19.65
CA LYS C 69 3.15 -15.94 18.64
C LYS C 69 3.25 -15.10 17.37
N VAL C 70 3.69 -15.74 16.29
CA VAL C 70 3.99 -15.03 15.05
C VAL C 70 3.39 -15.80 13.87
N ALA C 71 2.70 -15.04 13.00
CA ALA C 71 2.24 -15.54 11.71
C ALA C 71 2.47 -14.43 10.70
N CYS C 72 3.71 -14.32 10.23
CA CYS C 72 4.16 -13.19 9.44
C CYS C 72 4.30 -13.58 7.97
N GLU C 73 3.48 -12.97 7.12
CA GLU C 73 3.57 -13.14 5.68
C GLU C 73 4.34 -11.97 5.09
N THR C 74 5.20 -12.26 4.12
CA THR C 74 5.92 -11.23 3.39
C THR C 74 5.53 -11.31 1.91
N VAL C 75 5.37 -10.13 1.31
CA VAL C 75 5.11 -10.00 -0.13
C VAL C 75 6.17 -9.09 -0.69
N ALA C 76 6.76 -9.48 -1.83
CA ALA C 76 7.81 -8.69 -2.45
C ALA C 76 7.45 -8.46 -3.91
N LYS C 77 7.57 -7.22 -4.36
CA LYS C 77 7.37 -6.87 -5.77
C LYS C 77 8.22 -5.64 -6.01
N THR C 78 8.33 -5.17 -7.24
CA THR C 78 9.18 -4.02 -7.58
C THR C 78 9.15 -2.94 -6.50
N GLY C 79 10.29 -2.73 -5.84
CA GLY C 79 10.43 -1.67 -4.87
C GLY C 79 9.70 -1.81 -3.53
N MET C 80 9.09 -2.96 -3.26
CA MET C 80 8.21 -3.10 -2.08
C MET C 80 8.45 -4.40 -1.31
N ILE C 81 8.54 -4.26 0.02
CA ILE C 81 8.39 -5.37 0.94
C ILE C 81 7.19 -5.01 1.82
N LEU C 82 6.17 -5.87 1.80
CA LEU C 82 4.98 -5.68 2.63
C LEU C 82 4.94 -6.83 3.64
N LEU C 83 4.74 -6.48 4.91
CA LEU C 83 4.61 -7.47 5.97
C LEU C 83 3.17 -7.44 6.44
N ALA C 84 2.56 -8.63 6.52
CA ALA C 84 1.16 -8.74 6.90
C ALA C 84 1.00 -9.95 7.79
N GLY C 85 0.08 -9.90 8.72
CA GLY C 85 -0.19 -11.02 9.59
C GLY C 85 -0.44 -10.58 11.00
N GLU C 86 -0.28 -11.53 11.92
CA GLU C 86 -0.75 -11.38 13.30
C GLU C 86 0.40 -11.79 14.23
N ILE C 87 0.63 -10.97 15.25
CA ILE C 87 1.70 -11.24 16.20
C ILE C 87 1.15 -10.94 17.61
N THR C 88 1.46 -11.83 18.56
CA THR C 88 1.21 -11.56 19.98
C THR C 88 2.58 -11.68 20.65
N SER C 89 3.12 -10.57 21.10
CA SER C 89 4.50 -10.49 21.53
C SER C 89 4.72 -9.30 22.45
N ARG C 90 5.66 -9.46 23.39
CA ARG C 90 6.16 -8.35 24.19
C ARG C 90 7.33 -7.62 23.53
N ALA C 91 7.82 -8.13 22.39
CA ALA C 91 8.98 -7.54 21.74
C ALA C 91 8.64 -6.20 21.10
N ALA C 92 9.63 -5.32 21.02
CA ALA C 92 9.53 -4.10 20.24
C ALA C 92 10.54 -4.26 19.12
N VAL C 93 10.05 -4.46 17.91
CA VAL C 93 10.90 -4.87 16.79
C VAL C 93 10.99 -3.72 15.77
N ASP C 94 12.22 -3.41 15.36
CA ASP C 94 12.46 -2.39 14.36
C ASP C 94 12.38 -3.08 12.98
N TYR C 95 11.21 -3.00 12.34
CA TYR C 95 11.01 -3.68 11.06
C TYR C 95 11.86 -3.09 9.95
N GLN C 96 12.18 -1.79 9.98
CA GLN C 96 13.10 -1.20 8.98
C GLN C 96 14.43 -1.90 9.00
N LYS C 97 14.97 -2.07 10.20
CA LYS C 97 16.23 -2.74 10.37
C LYS C 97 16.17 -4.22 9.98
N VAL C 98 15.15 -4.94 10.45
CA VAL C 98 15.06 -6.36 10.18
C VAL C 98 14.95 -6.62 8.66
N VAL C 99 14.05 -5.88 8.01
CA VAL C 99 13.82 -6.10 6.58
C VAL C 99 15.05 -5.67 5.79
N ARG C 100 15.54 -4.46 6.04
CA ARG C 100 16.63 -3.93 5.19
C ARG C 100 17.92 -4.72 5.38
N GLU C 101 18.21 -5.14 6.62
CA GLU C 101 19.39 -6.00 6.85
C GLU C 101 19.32 -7.34 6.13
N ALA C 102 18.11 -7.93 6.08
CA ALA C 102 17.92 -9.19 5.36
C ALA C 102 18.16 -9.02 3.84
N VAL C 103 17.60 -7.94 3.29
CA VAL C 103 17.74 -7.66 1.86
C VAL C 103 19.21 -7.37 1.53
N LYS C 104 19.86 -6.58 2.38
CA LYS C 104 21.31 -6.34 2.23
C LYS C 104 22.09 -7.66 2.22
N HIS C 105 21.81 -8.53 3.18
CA HIS C 105 22.53 -9.81 3.27
C HIS C 105 22.35 -10.67 1.99
N ILE C 106 21.11 -10.70 1.49
CA ILE C 106 20.79 -11.42 0.27
C ILE C 106 21.58 -10.89 -0.91
N GLY C 107 21.81 -9.57 -0.93
CA GLY C 107 22.68 -8.94 -1.91
C GLY C 107 22.05 -7.89 -2.82
N TYR C 108 20.83 -7.44 -2.49
CA TYR C 108 20.17 -6.41 -3.30
C TYR C 108 20.47 -5.05 -2.72
N ASP C 109 21.47 -4.37 -3.32
CA ASP C 109 21.99 -3.12 -2.80
C ASP C 109 22.16 -2.02 -3.85
N ASP C 110 21.44 -2.14 -4.96
CA ASP C 110 21.51 -1.14 -6.01
C ASP C 110 20.39 -1.27 -7.03
N SER C 111 19.91 -0.12 -7.51
CA SER C 111 18.91 -0.11 -8.58
C SER C 111 19.32 -0.91 -9.82
N SER C 112 20.61 -0.94 -10.14
CA SER C 112 21.11 -1.71 -11.29
C SER C 112 20.82 -3.22 -11.20
N LYS C 113 20.63 -3.71 -9.98
CA LYS C 113 20.30 -5.13 -9.73
C LYS C 113 18.80 -5.39 -9.63
N GLY C 114 18.01 -4.33 -9.67
CA GLY C 114 16.55 -4.43 -9.66
C GLY C 114 15.93 -4.19 -8.30
N PHE C 115 16.73 -4.05 -7.25
CA PHE C 115 16.20 -3.91 -5.88
C PHE C 115 17.31 -3.42 -4.97
N ASP C 116 16.97 -2.55 -4.03
CA ASP C 116 17.99 -1.95 -3.15
C ASP C 116 17.43 -1.82 -1.74
N TYR C 117 18.10 -2.46 -0.78
CA TYR C 117 17.69 -2.38 0.63
C TYR C 117 17.64 -0.93 1.16
N LYS C 118 18.48 -0.06 0.61
CA LYS C 118 18.57 1.35 1.06
C LYS C 118 17.35 2.17 0.70
N THR C 119 16.70 1.84 -0.42
CA THR C 119 15.67 2.71 -0.99
C THR C 119 14.31 2.04 -1.19
N CYS C 120 14.18 0.76 -0.85
CA CYS C 120 12.91 0.07 -1.03
C CYS C 120 11.87 0.54 0.01
N ASN C 121 10.61 0.37 -0.37
CA ASN C 121 9.46 0.70 0.46
C ASN C 121 9.23 -0.47 1.38
N VAL C 122 9.22 -0.22 2.70
CA VAL C 122 8.81 -1.21 3.68
C VAL C 122 7.46 -0.80 4.27
N LEU C 123 6.44 -1.62 4.03
CA LEU C 123 5.07 -1.34 4.46
C LEU C 123 4.71 -2.38 5.50
N VAL C 124 4.34 -1.89 6.67
CA VAL C 124 4.03 -2.79 7.78
C VAL C 124 2.54 -2.75 8.06
N ALA C 125 1.91 -3.88 7.77
CA ALA C 125 0.48 -4.07 8.04
C ALA C 125 0.23 -5.13 9.09
N LEU C 126 1.27 -5.60 9.78
CA LEU C 126 1.17 -6.54 10.89
C LEU C 126 0.29 -5.98 12.00
N GLU C 127 -0.51 -6.85 12.61
CA GLU C 127 -1.33 -6.46 13.75
C GLU C 127 -0.71 -7.17 14.93
N GLN C 128 -0.10 -6.39 15.83
CA GLN C 128 0.57 -6.90 17.03
C GLN C 128 -0.24 -6.57 18.26
N GLN C 129 -0.53 -7.57 19.08
CA GLN C 129 -1.15 -7.39 20.42
C GLN C 129 -0.11 -7.76 21.48
N SER C 130 -0.33 -7.30 22.72
CA SER C 130 0.37 -7.82 23.90
C SER C 130 -0.31 -9.07 24.41
N PRO C 131 0.45 -9.98 25.04
CA PRO C 131 -0.20 -11.14 25.68
C PRO C 131 -1.00 -10.74 26.93
N GLY C 147 -3.80 -30.23 24.09
CA GLY C 147 -4.35 -30.95 22.95
C GLY C 147 -4.05 -30.24 21.65
N ALA C 148 -3.89 -31.00 20.57
CA ALA C 148 -3.80 -30.38 19.25
C ALA C 148 -5.06 -29.56 19.00
N GLY C 149 -4.93 -28.38 18.42
CA GLY C 149 -6.09 -27.56 18.00
C GLY C 149 -6.80 -28.15 16.76
N ASP C 150 -6.05 -28.96 16.00
CA ASP C 150 -6.47 -29.36 14.65
C ASP C 150 -6.28 -30.87 14.45
N GLN C 151 -7.02 -31.40 13.50
CA GLN C 151 -6.72 -32.72 12.96
C GLN C 151 -5.55 -32.47 11.98
N GLY C 152 -4.75 -33.47 11.67
CA GLY C 152 -3.55 -33.16 10.90
C GLY C 152 -2.68 -34.31 10.58
N LEU C 153 -1.94 -34.18 9.47
CA LEU C 153 -1.08 -35.22 8.97
C LEU C 153 0.22 -34.52 8.62
N MET C 154 1.31 -35.16 9.00
CA MET C 154 2.66 -34.61 8.81
C MET C 154 3.56 -35.75 8.41
N PHE C 155 4.50 -35.50 7.50
CA PHE C 155 5.38 -36.56 6.99
C PHE C 155 6.82 -36.23 7.29
N GLY C 156 7.56 -37.28 7.61
CA GLY C 156 9.01 -37.23 7.62
C GLY C 156 9.53 -38.24 6.62
N TYR C 157 10.69 -37.95 6.04
CA TYR C 157 11.28 -38.83 5.05
C TYR C 157 12.79 -38.81 5.21
N ALA C 158 13.40 -39.95 4.95
CA ALA C 158 14.84 -40.09 4.93
C ALA C 158 15.25 -41.20 3.99
N THR C 159 16.46 -41.10 3.46
CA THR C 159 17.00 -42.03 2.47
C THR C 159 18.51 -42.11 2.64
N ASP C 160 19.09 -43.30 2.51
CA ASP C 160 20.53 -43.49 2.70
C ASP C 160 21.39 -43.11 1.50
N GLU C 161 20.78 -42.54 0.47
CA GLU C 161 21.51 -42.28 -0.78
C GLU C 161 22.53 -41.13 -0.68
N THR C 162 22.41 -40.27 0.33
CA THR C 162 23.40 -39.25 0.64
C THR C 162 23.74 -39.30 2.13
N GLU C 163 24.89 -38.72 2.48
CA GLU C 163 25.27 -38.54 3.90
C GLU C 163 24.25 -37.73 4.71
N GLU C 164 23.66 -36.73 4.08
CA GLU C 164 22.57 -35.92 4.65
C GLU C 164 21.24 -36.68 4.88
N CYS C 165 21.15 -37.92 4.38
CA CYS C 165 19.93 -38.72 4.46
C CYS C 165 18.78 -38.08 3.68
N MET C 166 19.12 -37.42 2.58
CA MET C 166 18.15 -36.74 1.72
C MET C 166 18.27 -37.25 0.29
N PRO C 167 17.22 -37.04 -0.52
CA PRO C 167 17.35 -37.41 -1.93
C PRO C 167 18.47 -36.67 -2.64
N LEU C 168 19.20 -37.35 -3.50
CA LEU C 168 20.33 -36.74 -4.23
C LEU C 168 19.88 -35.58 -5.08
N THR C 169 18.70 -35.69 -5.68
CA THR C 169 18.18 -34.62 -6.54
C THR C 169 18.11 -33.27 -5.81
N ILE C 170 17.50 -33.25 -4.64
CA ILE C 170 17.33 -32.00 -3.87
C ILE C 170 18.63 -31.55 -3.21
N VAL C 171 19.47 -32.49 -2.74
CA VAL C 171 20.77 -32.13 -2.15
C VAL C 171 21.62 -31.39 -3.19
N LEU C 172 21.71 -31.95 -4.39
CA LEU C 172 22.51 -31.32 -5.44
C LEU C 172 21.91 -29.98 -5.89
N ALA C 173 20.59 -29.92 -6.01
CA ALA C 173 19.94 -28.66 -6.39
C ALA C 173 20.23 -27.55 -5.36
N HIS C 174 20.09 -27.85 -4.07
CA HIS C 174 20.40 -26.87 -3.00
C HIS C 174 21.88 -26.44 -3.06
N LYS C 175 22.77 -27.43 -3.15
CA LYS C 175 24.20 -27.14 -3.13
C LYS C 175 24.66 -26.32 -4.34
N LEU C 176 24.00 -26.50 -5.48
CA LEU C 176 24.31 -25.65 -6.64
C LEU C 176 23.98 -24.18 -6.36
N ASN C 177 22.83 -23.92 -5.76
CA ASN C 177 22.48 -22.53 -5.38
C ASN C 177 23.44 -21.96 -4.32
N ALA C 178 23.80 -22.78 -3.34
CA ALA C 178 24.76 -22.35 -2.31
C ALA C 178 26.14 -22.01 -2.93
N LYS C 179 26.56 -22.80 -3.91
CA LYS C 179 27.82 -22.54 -4.60
C LYS C 179 27.76 -21.24 -5.40
N LEU C 180 26.65 -20.98 -6.08
CA LEU C 180 26.48 -19.69 -6.78
C LEU C 180 26.63 -18.52 -5.80
N ALA C 181 25.95 -18.61 -4.66
CA ALA C 181 26.05 -17.56 -3.64
C ALA C 181 27.49 -17.40 -3.11
N GLU C 182 28.17 -18.52 -2.90
CA GLU C 182 29.56 -18.50 -2.42
C GLU C 182 30.48 -17.77 -3.40
N LEU C 183 30.36 -18.10 -4.69
CA LEU C 183 31.20 -17.50 -5.73
C LEU C 183 30.82 -16.06 -6.05
N ARG C 184 29.56 -15.71 -5.85
CA ARG C 184 29.12 -14.32 -5.94
C ARG C 184 29.75 -13.51 -4.81
N ARG C 185 29.61 -14.00 -3.58
CA ARG C 185 30.05 -13.27 -2.39
C ARG C 185 31.56 -13.20 -2.23
N ASN C 186 32.30 -14.20 -2.71
CA ASN C 186 33.77 -14.15 -2.64
C ASN C 186 34.41 -13.43 -3.84
N GLY C 187 33.59 -12.99 -4.79
CA GLY C 187 34.07 -12.20 -5.91
C GLY C 187 34.74 -12.96 -7.04
N THR C 188 34.72 -14.30 -7.00
CA THR C 188 35.20 -15.15 -8.10
C THR C 188 34.41 -14.97 -9.40
N LEU C 189 33.08 -14.89 -9.23
CA LEU C 189 32.16 -14.62 -10.34
C LEU C 189 31.39 -13.34 -10.02
N PRO C 190 32.01 -12.16 -10.22
CA PRO C 190 31.40 -10.90 -9.77
C PRO C 190 30.19 -10.44 -10.56
N TRP C 191 29.95 -11.05 -11.71
CA TRP C 191 28.76 -10.79 -12.55
C TRP C 191 27.48 -11.48 -12.06
N LEU C 192 27.58 -12.38 -11.08
CA LEU C 192 26.40 -13.03 -10.52
C LEU C 192 25.54 -12.07 -9.71
N ARG C 193 24.23 -12.29 -9.77
N ARG C 193 24.23 -12.29 -9.77
CA ARG C 193 23.28 -11.55 -8.94
CA ARG C 193 23.28 -11.55 -8.93
C ARG C 193 22.50 -12.57 -8.08
C ARG C 193 22.50 -12.56 -8.08
N PRO C 194 21.68 -12.09 -7.13
CA PRO C 194 21.16 -13.04 -6.12
C PRO C 194 20.09 -14.07 -6.54
N ASP C 195 19.29 -13.75 -7.55
CA ASP C 195 18.20 -14.58 -8.00
C ASP C 195 18.72 -15.77 -8.82
N SER C 196 18.35 -16.98 -8.44
CA SER C 196 18.74 -18.20 -9.17
C SER C 196 17.75 -19.30 -8.95
N LYS C 197 17.74 -20.24 -9.89
CA LYS C 197 16.96 -21.47 -9.78
C LYS C 197 17.78 -22.58 -10.39
N THR C 198 17.74 -23.75 -9.74
CA THR C 198 18.40 -24.93 -10.25
C THR C 198 17.45 -26.10 -10.26
N GLN C 199 17.72 -27.08 -11.12
CA GLN C 199 16.92 -28.29 -11.17
C GLN C 199 17.79 -29.45 -11.60
N VAL C 200 17.67 -30.56 -10.90
CA VAL C 200 18.52 -31.74 -11.15
C VAL C 200 17.64 -32.97 -11.35
N THR C 201 17.85 -33.63 -12.48
CA THR C 201 17.24 -34.92 -12.81
C THR C 201 18.31 -36.00 -12.65
N VAL C 202 18.02 -36.98 -11.79
CA VAL C 202 18.91 -38.12 -11.56
C VAL C 202 18.24 -39.39 -12.09
N GLN C 203 19.08 -40.24 -12.69
CA GLN C 203 18.66 -41.54 -13.14
C GLN C 203 18.99 -42.54 -12.04
N TYR C 204 17.96 -43.26 -11.59
CA TYR C 204 18.05 -44.17 -10.46
C TYR C 204 17.78 -45.62 -10.91
N MET C 205 18.31 -46.57 -10.16
CA MET C 205 17.80 -47.94 -10.18
C MET C 205 17.17 -48.26 -8.83
N GLN C 206 16.16 -49.12 -8.87
CA GLN C 206 15.50 -49.60 -7.66
C GLN C 206 16.28 -50.80 -7.17
N ASP C 207 16.48 -50.89 -5.85
CA ASP C 207 17.15 -52.02 -5.20
C ASP C 207 16.30 -52.44 -4.00
N ARG C 208 15.27 -53.21 -4.30
CA ARG C 208 14.26 -53.66 -3.35
C ARG C 208 13.70 -52.56 -2.47
N GLY C 209 13.22 -51.51 -3.13
CA GLY C 209 12.65 -50.37 -2.40
C GLY C 209 13.63 -49.27 -2.12
N ALA C 210 14.91 -49.60 -1.98
CA ALA C 210 15.96 -48.57 -1.84
C ALA C 210 16.25 -48.00 -3.20
N VAL C 211 16.76 -46.78 -3.24
CA VAL C 211 17.01 -46.12 -4.54
C VAL C 211 18.49 -45.87 -4.67
N LEU C 212 19.02 -46.22 -5.84
CA LEU C 212 20.47 -46.15 -6.11
C LEU C 212 20.71 -45.16 -7.21
N PRO C 213 21.33 -44.00 -6.89
CA PRO C 213 21.61 -43.04 -7.96
C PRO C 213 22.66 -43.59 -8.89
N ILE C 214 22.41 -43.52 -10.20
CA ILE C 214 23.35 -44.02 -11.19
C ILE C 214 24.14 -42.86 -11.80
N ARG C 215 23.43 -41.83 -12.25
CA ARG C 215 24.03 -40.71 -12.94
C ARG C 215 23.10 -39.49 -12.89
N VAL C 216 23.68 -38.31 -13.05
CA VAL C 216 22.94 -37.10 -13.30
C VAL C 216 22.57 -37.07 -14.77
N HIS C 217 21.26 -37.03 -15.03
CA HIS C 217 20.70 -37.07 -16.37
C HIS C 217 20.65 -35.66 -16.98
N THR C 218 20.11 -34.70 -16.22
CA THR C 218 19.95 -33.32 -16.67
C THR C 218 20.17 -32.34 -15.51
N ILE C 219 20.86 -31.22 -15.78
CA ILE C 219 20.99 -30.10 -14.85
C ILE C 219 20.49 -28.83 -15.51
N VAL C 220 19.64 -28.08 -14.82
CA VAL C 220 19.22 -26.75 -15.23
C VAL C 220 19.77 -25.75 -14.24
N ILE C 221 20.39 -24.68 -14.73
CA ILE C 221 20.73 -23.52 -13.90
C ILE C 221 20.33 -22.24 -14.63
N SER C 222 19.51 -21.43 -13.96
CA SER C 222 19.23 -20.06 -14.40
C SER C 222 19.64 -19.14 -13.27
N VAL C 223 20.49 -18.15 -13.58
CA VAL C 223 20.96 -17.22 -12.55
C VAL C 223 21.02 -15.79 -13.09
N GLN C 224 20.55 -14.87 -12.27
CA GLN C 224 20.55 -13.46 -12.60
C GLN C 224 22.00 -12.96 -12.72
N HIS C 225 22.21 -12.02 -13.64
CA HIS C 225 23.57 -11.58 -13.93
C HIS C 225 23.62 -10.12 -14.36
N ASP C 226 24.84 -9.58 -14.40
CA ASP C 226 25.03 -8.18 -14.79
C ASP C 226 24.94 -7.99 -16.31
N GLU C 227 24.96 -6.74 -16.74
CA GLU C 227 24.77 -6.41 -18.16
C GLU C 227 26.02 -6.53 -19.02
N GLU C 228 27.18 -6.79 -18.42
CA GLU C 228 28.46 -6.85 -19.17
C GLU C 228 28.82 -8.26 -19.65
N VAL C 229 28.54 -9.26 -18.85
CA VAL C 229 29.04 -10.61 -19.09
C VAL C 229 28.33 -11.30 -20.27
N CYS C 230 29.09 -12.03 -21.09
CA CYS C 230 28.52 -12.69 -22.27
C CYS C 230 27.99 -14.09 -21.92
N LEU C 231 27.03 -14.56 -22.70
CA LEU C 231 26.38 -15.88 -22.46
C LEU C 231 27.37 -17.04 -22.40
N ASP C 232 28.29 -17.09 -23.36
CA ASP C 232 29.24 -18.21 -23.44
C ASP C 232 30.13 -18.30 -22.21
N GLU C 233 30.61 -17.16 -21.73
CA GLU C 233 31.43 -17.12 -20.51
C GLU C 233 30.60 -17.57 -19.30
N MET C 234 29.36 -17.11 -19.19
CA MET C 234 28.50 -17.58 -18.10
C MET C 234 28.30 -19.10 -18.12
N ARG C 235 28.00 -19.64 -19.30
CA ARG C 235 27.74 -21.07 -19.41
C ARG C 235 28.96 -21.89 -19.07
N ASP C 236 30.12 -21.46 -19.55
CA ASP C 236 31.38 -22.12 -19.19
C ASP C 236 31.61 -22.10 -17.67
N ALA C 237 31.42 -20.95 -17.04
CA ALA C 237 31.61 -20.83 -15.59
C ALA C 237 30.64 -21.70 -14.81
N LEU C 238 29.38 -21.75 -15.25
CA LEU C 238 28.38 -22.58 -14.58
C LEU C 238 28.75 -24.06 -14.63
N LYS C 239 29.31 -24.51 -15.75
CA LYS C 239 29.72 -25.91 -15.86
C LYS C 239 30.98 -26.20 -15.05
N GLU C 240 32.00 -25.36 -15.22
CA GLU C 240 33.35 -25.64 -14.67
C GLU C 240 33.50 -25.25 -13.20
N LYS C 241 32.98 -24.08 -12.81
CA LYS C 241 33.17 -23.56 -11.45
C LYS C 241 32.04 -23.89 -10.49
N VAL C 242 30.86 -24.22 -11.02
CA VAL C 242 29.69 -24.48 -10.18
C VAL C 242 29.37 -25.98 -10.21
N ILE C 243 28.92 -26.50 -11.35
CA ILE C 243 28.51 -27.91 -11.43
C ILE C 243 29.63 -28.87 -11.06
N LYS C 244 30.81 -28.70 -11.67
CA LYS C 244 31.94 -29.60 -11.38
C LYS C 244 32.50 -29.45 -9.96
N ALA C 245 32.25 -28.31 -9.31
CA ALA C 245 32.63 -28.13 -7.91
C ALA C 245 31.67 -28.80 -6.95
N VAL C 246 30.44 -29.07 -7.38
CA VAL C 246 29.37 -29.55 -6.50
C VAL C 246 29.01 -31.02 -6.73
N VAL C 247 28.88 -31.42 -8.00
CA VAL C 247 28.42 -32.77 -8.31
C VAL C 247 29.63 -33.70 -8.40
N PRO C 248 29.62 -34.81 -7.64
CA PRO C 248 30.71 -35.80 -7.79
C PRO C 248 30.92 -36.22 -9.24
N ALA C 249 32.16 -36.23 -9.69
CA ALA C 249 32.53 -36.62 -11.06
C ALA C 249 31.93 -37.95 -11.54
N LYS C 250 31.79 -38.91 -10.61
CA LYS C 250 31.23 -40.22 -10.95
C LYS C 250 29.79 -40.18 -11.47
N TYR C 251 29.04 -39.12 -11.13
CA TYR C 251 27.66 -38.96 -11.62
C TYR C 251 27.54 -38.17 -12.93
N LEU C 252 28.62 -37.54 -13.39
CA LEU C 252 28.61 -36.79 -14.64
C LEU C 252 29.25 -37.61 -15.75
N ASP C 253 28.67 -37.58 -16.93
CA ASP C 253 29.25 -38.27 -18.09
C ASP C 253 28.98 -37.49 -19.37
N GLU C 254 29.44 -38.02 -20.49
CA GLU C 254 29.33 -37.34 -21.77
C GLU C 254 27.89 -37.18 -22.26
N ASP C 255 26.93 -37.94 -21.72
CA ASP C 255 25.52 -37.81 -22.07
C ASP C 255 24.69 -36.89 -21.16
N THR C 256 25.26 -36.46 -20.03
CA THR C 256 24.55 -35.54 -19.12
C THR C 256 24.14 -34.28 -19.89
N ILE C 257 22.87 -33.91 -19.74
CA ILE C 257 22.29 -32.76 -20.46
C ILE C 257 22.38 -31.51 -19.58
N TYR C 258 22.90 -30.43 -20.15
CA TYR C 258 23.06 -29.14 -19.45
C TYR C 258 22.21 -28.05 -20.08
N HIS C 259 21.30 -27.49 -19.29
CA HIS C 259 20.50 -26.34 -19.71
C HIS C 259 20.93 -25.17 -18.83
N LEU C 260 21.90 -24.40 -19.33
CA LEU C 260 22.54 -23.33 -18.54
C LEU C 260 22.15 -22.01 -19.17
N GLN C 261 21.55 -21.12 -18.36
CA GLN C 261 20.86 -19.92 -18.87
C GLN C 261 19.99 -20.24 -20.09
N PRO C 262 19.07 -21.21 -19.95
CA PRO C 262 18.33 -21.73 -21.11
C PRO C 262 17.38 -20.72 -21.77
N SER C 263 16.91 -19.70 -21.07
CA SER C 263 16.09 -18.70 -21.75
C SER C 263 16.89 -17.48 -22.25
N GLY C 264 18.23 -17.57 -22.25
CA GLY C 264 19.08 -16.42 -22.65
C GLY C 264 19.23 -15.44 -21.48
N ARG C 265 19.23 -14.15 -21.76
CA ARG C 265 19.57 -13.16 -20.73
C ARG C 265 18.59 -13.13 -19.53
N PHE C 266 19.14 -12.84 -18.38
CA PHE C 266 18.45 -12.84 -17.09
C PHE C 266 19.08 -11.68 -16.30
N VAL C 267 18.87 -10.47 -16.82
CA VAL C 267 19.35 -9.27 -16.14
C VAL C 267 18.31 -8.80 -15.11
N ILE C 268 17.04 -8.83 -15.53
CA ILE C 268 15.91 -8.48 -14.68
C ILE C 268 15.48 -9.70 -13.90
N GLY C 269 15.36 -9.52 -12.60
CA GLY C 269 15.26 -10.63 -11.66
C GLY C 269 14.84 -10.06 -10.34
N GLY C 270 14.80 -10.91 -9.32
CA GLY C 270 14.39 -10.50 -7.99
C GLY C 270 12.91 -10.19 -8.02
N PRO C 271 12.46 -9.36 -7.07
CA PRO C 271 11.07 -8.95 -7.03
C PRO C 271 10.62 -8.09 -8.23
N GLN C 272 11.52 -7.46 -8.96
CA GLN C 272 11.14 -6.70 -10.15
C GLN C 272 10.60 -7.66 -11.22
N GLY C 273 11.31 -8.77 -11.41
CA GLY C 273 10.92 -9.76 -12.40
C GLY C 273 9.64 -10.52 -12.07
N ASP C 274 9.40 -10.74 -10.80
CA ASP C 274 8.38 -11.70 -10.39
C ASP C 274 7.99 -11.37 -8.98
N ALA C 275 6.69 -11.31 -8.67
CA ALA C 275 6.24 -11.05 -7.29
C ALA C 275 6.58 -12.31 -6.51
N GLY C 276 6.98 -12.11 -5.27
CA GLY C 276 7.23 -13.21 -4.36
C GLY C 276 6.33 -13.14 -3.15
N LEU C 277 6.10 -14.30 -2.56
CA LEU C 277 5.30 -14.44 -1.36
C LEU C 277 5.92 -15.50 -0.45
N THR C 278 5.73 -15.34 0.85
CA THR C 278 6.07 -16.38 1.83
C THR C 278 5.30 -17.66 1.57
N GLY C 279 5.97 -18.80 1.74
CA GLY C 279 5.29 -20.11 1.71
C GLY C 279 4.92 -20.61 0.32
N ARG C 280 5.65 -20.17 -0.69
CA ARG C 280 5.44 -20.59 -2.06
C ARG C 280 6.58 -21.48 -2.60
N LYS C 281 7.44 -21.97 -1.69
CA LYS C 281 8.49 -22.90 -2.04
C LYS C 281 8.52 -24.09 -1.08
N ILE C 282 7.34 -24.64 -0.79
CA ILE C 282 7.23 -25.61 0.29
C ILE C 282 7.88 -26.97 -0.05
N ILE C 283 7.98 -27.28 -1.34
CA ILE C 283 8.59 -28.53 -1.79
C ILE C 283 10.12 -28.40 -1.82
N VAL C 284 10.59 -27.24 -2.26
CA VAL C 284 12.01 -26.86 -2.13
C VAL C 284 12.47 -26.92 -0.66
N ASP C 285 11.57 -26.50 0.23
CA ASP C 285 11.86 -26.46 1.66
C ASP C 285 11.98 -27.84 2.31
N THR C 286 11.43 -28.86 1.68
CA THR C 286 11.26 -30.17 2.29
C THR C 286 12.01 -31.23 1.50
N TYR C 287 11.33 -32.03 0.68
CA TYR C 287 11.95 -33.21 0.09
C TYR C 287 12.03 -33.23 -1.44
N GLY C 288 11.74 -32.11 -2.09
CA GLY C 288 11.96 -32.04 -3.53
C GLY C 288 11.05 -32.95 -4.37
N GLY C 289 9.86 -33.30 -3.83
CA GLY C 289 8.92 -34.17 -4.49
C GLY C 289 8.90 -35.61 -3.98
N TRP C 290 9.96 -35.99 -3.26
CA TRP C 290 10.03 -37.30 -2.64
C TRP C 290 9.19 -37.32 -1.37
N GLY C 291 8.92 -38.51 -0.86
CA GLY C 291 8.19 -38.67 0.39
C GLY C 291 6.76 -38.21 0.21
N ALA C 292 6.29 -37.27 1.02
CA ALA C 292 4.97 -36.68 0.85
C ALA C 292 4.90 -35.38 1.60
N HIS C 293 3.87 -34.59 1.35
CA HIS C 293 3.71 -33.30 2.00
C HIS C 293 2.24 -33.10 2.34
N GLY C 294 1.99 -32.67 3.57
CA GLY C 294 0.63 -32.47 4.05
C GLY C 294 0.04 -31.09 3.82
N GLY C 295 0.89 -30.10 3.53
CA GLY C 295 0.41 -28.80 2.96
C GLY C 295 0.81 -27.49 3.59
N GLY C 296 1.27 -27.51 4.81
CA GLY C 296 1.58 -26.27 5.54
C GLY C 296 2.94 -25.69 5.14
N ALA C 297 3.00 -24.35 5.04
CA ALA C 297 4.29 -23.65 4.86
C ALA C 297 4.96 -23.49 6.25
N PHE C 298 6.28 -23.30 6.23
CA PHE C 298 7.04 -23.14 7.46
C PHE C 298 7.31 -21.70 7.90
N SER C 299 7.79 -20.88 6.99
CA SER C 299 8.38 -19.59 7.38
C SER C 299 7.36 -18.59 7.90
N GLY C 300 7.80 -17.81 8.90
CA GLY C 300 6.98 -16.79 9.52
C GLY C 300 6.07 -17.31 10.62
N LYS C 301 6.20 -18.59 10.96
CA LYS C 301 5.32 -19.25 11.94
C LYS C 301 6.17 -19.70 13.12
N ASP C 302 5.75 -19.32 14.31
CA ASP C 302 6.45 -19.76 15.52
C ASP C 302 6.18 -21.26 15.76
N TYR C 303 6.93 -21.79 16.70
CA TYR C 303 6.95 -23.25 16.99
C TYR C 303 5.62 -23.81 17.52
N THR C 304 4.68 -22.99 17.99
CA THR C 304 3.36 -23.53 18.38
C THR C 304 2.53 -23.97 17.18
N LYS C 305 2.92 -23.57 15.97
CA LYS C 305 2.29 -24.06 14.76
C LYS C 305 2.84 -25.46 14.46
N VAL C 306 2.01 -26.45 14.75
CA VAL C 306 2.37 -27.87 14.61
C VAL C 306 2.82 -28.27 13.20
N ASP C 307 2.27 -27.56 12.22
CA ASP C 307 2.70 -27.60 10.80
C ASP C 307 4.20 -27.56 10.63
N ARG C 308 4.85 -26.77 11.48
CA ARG C 308 6.29 -26.63 11.42
C ARG C 308 6.95 -27.58 12.41
N SER C 309 6.66 -27.45 13.69
CA SER C 309 7.37 -28.23 14.71
C SER C 309 7.22 -29.77 14.56
N ALA C 310 6.03 -30.23 14.24
CA ALA C 310 5.81 -31.67 14.06
C ALA C 310 6.38 -32.20 12.73
N ALA C 311 6.46 -31.33 11.72
CA ALA C 311 7.19 -31.69 10.49
C ALA C 311 8.68 -31.89 10.77
N TYR C 312 9.25 -30.99 11.58
CA TYR C 312 10.63 -31.14 12.00
C TYR C 312 10.83 -32.45 12.81
N ALA C 313 9.93 -32.71 13.75
CA ALA C 313 10.03 -33.94 14.55
C ALA C 313 9.88 -35.21 13.68
N ALA C 314 8.99 -35.17 12.68
CA ALA C 314 8.83 -36.32 11.81
C ALA C 314 10.10 -36.63 11.01
N ARG C 315 10.73 -35.56 10.51
CA ARG C 315 12.05 -35.67 9.90
C ARG C 315 13.08 -36.31 10.84
N TRP C 316 13.10 -35.81 12.08
CA TRP C 316 14.03 -36.31 13.11
C TRP C 316 13.88 -37.84 13.31
N VAL C 317 12.62 -38.29 13.37
CA VAL C 317 12.33 -39.72 13.50
C VAL C 317 12.85 -40.51 12.28
N ALA C 318 12.48 -40.04 11.08
CA ALA C 318 12.89 -40.72 9.84
C ALA C 318 14.42 -40.83 9.72
N LYS C 319 15.10 -39.72 9.97
CA LYS C 319 16.55 -39.68 9.88
C LYS C 319 17.20 -40.59 10.94
N SER C 320 16.62 -40.60 12.14
CA SER C 320 17.12 -41.49 13.20
C SER C 320 17.00 -42.97 12.83
N LEU C 321 15.90 -43.34 12.17
CA LEU C 321 15.72 -44.71 11.70
C LEU C 321 16.76 -45.16 10.66
N VAL C 322 17.04 -44.28 9.71
CA VAL C 322 17.99 -44.57 8.64
C VAL C 322 19.44 -44.56 9.18
N LYS C 323 19.80 -43.52 9.93
CA LYS C 323 21.14 -43.45 10.52
C LYS C 323 21.41 -44.55 11.56
N GLY C 324 20.34 -45.03 12.20
CA GLY C 324 20.44 -46.17 13.10
C GLY C 324 20.57 -47.53 12.42
N GLY C 325 20.55 -47.56 11.09
CA GLY C 325 20.72 -48.80 10.32
C GLY C 325 19.49 -49.67 10.29
N LEU C 326 18.33 -49.13 10.65
CA LEU C 326 17.10 -49.92 10.72
C LEU C 326 16.39 -50.02 9.39
N CYS C 327 16.64 -49.08 8.49
CA CYS C 327 16.14 -49.15 7.12
C CYS C 327 16.98 -48.25 6.25
N ARG C 328 16.82 -48.41 4.93
CA ARG C 328 17.56 -47.60 3.98
C ARG C 328 16.77 -46.40 3.52
N ARG C 329 15.44 -46.44 3.66
CA ARG C 329 14.55 -45.42 3.13
C ARG C 329 13.25 -45.55 3.92
N VAL C 330 12.65 -44.44 4.33
CA VAL C 330 11.48 -44.50 5.18
C VAL C 330 10.63 -43.25 5.08
N LEU C 331 9.31 -43.46 5.16
CA LEU C 331 8.32 -42.40 5.24
C LEU C 331 7.57 -42.59 6.53
N VAL C 332 7.59 -41.55 7.36
CA VAL C 332 6.91 -41.55 8.66
C VAL C 332 5.71 -40.62 8.58
N GLN C 333 4.53 -41.12 8.90
CA GLN C 333 3.29 -40.36 8.69
C GLN C 333 2.68 -40.31 10.11
N VAL C 334 2.57 -39.08 10.63
CA VAL C 334 2.12 -38.84 11.99
C VAL C 334 0.80 -38.10 11.83
N SER C 335 -0.24 -38.65 12.46
CA SER C 335 -1.54 -38.01 12.50
C SER C 335 -1.74 -37.49 13.94
N TYR C 336 -2.43 -36.35 14.01
CA TYR C 336 -2.87 -35.75 15.27
C TYR C 336 -4.38 -35.52 15.23
N ALA C 337 -4.99 -35.69 16.39
CA ALA C 337 -6.45 -35.59 16.56
C ALA C 337 -6.76 -34.38 17.43
N ILE C 338 -7.83 -33.65 17.08
CA ILE C 338 -8.26 -32.48 17.88
C ILE C 338 -8.42 -32.90 19.36
N GLY C 339 -7.85 -32.07 20.25
CA GLY C 339 -7.95 -32.31 21.68
C GLY C 339 -7.04 -33.40 22.27
N VAL C 340 -6.18 -34.02 21.45
CA VAL C 340 -5.29 -35.09 21.91
C VAL C 340 -3.85 -34.58 21.77
N SER C 341 -3.04 -34.79 22.81
CA SER C 341 -1.65 -34.31 22.78
C SER C 341 -0.77 -35.34 22.05
N HIS C 342 -0.85 -36.62 22.47
CA HIS C 342 -0.18 -37.71 21.79
C HIS C 342 -0.74 -37.89 20.37
N PRO C 343 0.13 -38.26 19.41
CA PRO C 343 -0.36 -38.56 18.06
C PRO C 343 -1.44 -39.62 18.05
N LEU C 344 -2.41 -39.43 17.17
CA LEU C 344 -3.56 -40.33 17.05
C LEU C 344 -3.17 -41.69 16.47
N SER C 345 -2.25 -41.64 15.51
CA SER C 345 -1.73 -42.80 14.83
C SER C 345 -0.37 -42.39 14.24
N ILE C 346 0.49 -43.40 14.11
CA ILE C 346 1.76 -43.27 13.41
C ILE C 346 1.85 -44.47 12.45
N SER C 347 2.23 -44.17 11.21
CA SER C 347 2.56 -45.20 10.25
C SER C 347 4.02 -44.99 9.79
N ILE C 348 4.71 -46.11 9.71
CA ILE C 348 6.02 -46.20 9.12
C ILE C 348 5.93 -47.06 7.86
N PHE C 349 6.42 -46.49 6.76
CA PHE C 349 6.51 -47.21 5.48
C PHE C 349 7.99 -47.25 5.13
N HIS C 350 8.56 -48.46 5.13
CA HIS C 350 10.00 -48.59 4.87
C HIS C 350 10.33 -49.03 3.44
N TYR C 351 9.33 -49.09 2.59
CA TYR C 351 9.49 -49.43 1.16
C TYR C 351 10.09 -50.82 0.92
N GLY C 352 10.05 -51.70 1.92
CA GLY C 352 10.74 -52.98 1.89
C GLY C 352 12.23 -52.95 2.15
N THR C 353 12.75 -51.84 2.71
CA THR C 353 14.20 -51.66 2.90
C THR C 353 14.72 -52.02 4.31
N SER C 354 14.01 -52.86 5.04
CA SER C 354 14.44 -53.28 6.39
C SER C 354 14.21 -54.78 6.52
N GLN C 355 15.03 -55.44 7.34
CA GLN C 355 14.72 -56.81 7.77
C GLN C 355 13.59 -56.84 8.80
N LYS C 356 13.38 -55.73 9.50
CA LYS C 356 12.29 -55.61 10.47
C LYS C 356 10.98 -55.25 9.77
N SER C 357 9.87 -55.69 10.36
CA SER C 357 8.55 -55.31 9.89
C SER C 357 8.31 -53.84 10.21
N GLU C 358 7.37 -53.25 9.48
CA GLU C 358 6.93 -51.89 9.75
C GLU C 358 6.35 -51.75 11.17
N ARG C 359 5.62 -52.77 11.63
CA ARG C 359 5.13 -52.82 13.02
C ARG C 359 6.26 -52.79 14.05
N GLU C 360 7.34 -53.51 13.77
CA GLU C 360 8.55 -53.48 14.63
C GLU C 360 9.19 -52.09 14.67
N LEU C 361 9.30 -51.45 13.51
CA LEU C 361 9.84 -50.09 13.45
C LEU C 361 8.96 -49.12 14.23
N LEU C 362 7.63 -49.28 14.13
CA LEU C 362 6.69 -48.47 14.92
C LEU C 362 6.91 -48.65 16.43
N GLU C 363 7.14 -49.87 16.88
CA GLU C 363 7.45 -50.11 18.30
C GLU C 363 8.72 -49.38 18.74
N ILE C 364 9.74 -49.42 17.89
CA ILE C 364 11.00 -48.72 18.14
C ILE C 364 10.78 -47.20 18.24
N VAL C 365 9.98 -46.67 17.32
CA VAL C 365 9.65 -45.23 17.34
C VAL C 365 8.92 -44.87 18.64
N LYS C 366 7.90 -45.64 19.02
CA LYS C 366 7.12 -45.34 20.20
C LYS C 366 7.95 -45.46 21.50
N LYS C 367 8.91 -46.38 21.51
CA LYS C 367 9.82 -46.51 22.63
C LYS C 367 10.81 -45.35 22.77
N ASN C 368 11.17 -44.72 21.66
CA ASN C 368 12.26 -43.74 21.62
C ASN C 368 11.84 -42.29 21.43
N PHE C 369 10.59 -42.04 21.03
CA PHE C 369 10.11 -40.70 20.75
C PHE C 369 8.81 -40.38 21.46
N ASP C 370 8.74 -39.13 21.90
CA ASP C 370 7.55 -38.53 22.46
C ASP C 370 7.21 -37.37 21.51
N LEU C 371 6.18 -37.57 20.70
CA LEU C 371 5.83 -36.63 19.65
C LEU C 371 4.66 -35.72 20.02
N ARG C 372 4.46 -35.50 21.32
CA ARG C 372 3.53 -34.45 21.77
C ARG C 372 4.14 -33.08 21.42
N PRO C 373 3.34 -32.14 20.89
CA PRO C 373 3.92 -30.86 20.43
C PRO C 373 4.72 -30.11 21.49
N GLY C 374 4.24 -30.11 22.73
CA GLY C 374 4.91 -29.43 23.81
C GLY C 374 6.25 -30.05 24.21
N VAL C 375 6.39 -31.35 23.93
CA VAL C 375 7.60 -32.07 24.26
C VAL C 375 8.60 -31.94 23.11
N ILE C 376 8.12 -32.00 21.87
CA ILE C 376 8.96 -31.71 20.70
C ILE C 376 9.65 -30.35 20.84
N VAL C 377 8.93 -29.32 21.28
CA VAL C 377 9.49 -27.97 21.43
C VAL C 377 10.70 -27.98 22.41
N ARG C 378 10.56 -28.74 23.48
CA ARG C 378 11.65 -28.90 24.45
C ARG C 378 12.84 -29.68 23.87
N ASP C 379 12.55 -30.82 23.28
CA ASP C 379 13.60 -31.73 22.75
C ASP C 379 14.40 -31.13 21.60
N LEU C 380 13.75 -30.35 20.74
CA LEU C 380 14.42 -29.71 19.59
C LEU C 380 14.75 -28.23 19.84
N ASP C 381 14.53 -27.75 21.07
CA ASP C 381 14.92 -26.40 21.49
C ASP C 381 14.32 -25.31 20.60
N LEU C 382 13.02 -25.42 20.33
CA LEU C 382 12.40 -24.62 19.24
C LEU C 382 12.02 -23.17 19.62
N LYS C 383 12.25 -22.75 20.87
CA LYS C 383 12.04 -21.33 21.21
C LYS C 383 13.25 -20.44 20.82
N LYS C 384 14.36 -21.05 20.40
CA LYS C 384 15.53 -20.30 19.99
C LYS C 384 15.34 -19.60 18.63
N PRO C 385 15.94 -18.41 18.46
CA PRO C 385 15.85 -17.67 17.20
C PRO C 385 16.78 -18.23 16.12
N ILE C 386 16.45 -19.42 15.64
CA ILE C 386 17.28 -20.16 14.67
C ILE C 386 16.60 -20.29 13.31
N TYR C 387 15.50 -19.58 13.12
CA TYR C 387 14.64 -19.85 11.97
C TYR C 387 15.07 -19.21 10.64
N GLN C 388 15.68 -18.04 10.68
CA GLN C 388 16.14 -17.40 9.45
C GLN C 388 17.10 -18.31 8.69
N ARG C 389 17.92 -19.07 9.40
CA ARG C 389 18.85 -20.02 8.78
C ARG C 389 18.15 -21.14 7.99
N THR C 390 16.93 -21.48 8.39
CA THR C 390 16.16 -22.53 7.69
C THR C 390 15.54 -22.09 6.36
N ALA C 391 15.45 -20.78 6.13
CA ALA C 391 14.60 -20.22 5.09
C ALA C 391 15.17 -20.20 3.68
N ALA C 392 16.42 -20.63 3.52
CA ALA C 392 16.96 -20.92 2.17
C ALA C 392 17.79 -22.19 2.26
N TYR C 393 17.91 -22.92 1.14
CA TYR C 393 18.72 -24.15 1.02
C TYR C 393 18.13 -25.39 1.72
N GLY C 394 16.85 -25.33 2.06
CA GLY C 394 16.13 -26.46 2.61
C GLY C 394 16.09 -26.46 4.13
N HIS C 395 14.97 -26.90 4.70
CA HIS C 395 14.86 -27.08 6.15
C HIS C 395 15.46 -28.41 6.59
N PHE C 396 15.67 -29.34 5.65
CA PHE C 396 16.16 -30.67 5.96
C PHE C 396 17.47 -30.98 5.23
N GLY C 397 18.29 -31.81 5.85
CA GLY C 397 19.57 -32.20 5.29
C GLY C 397 20.78 -31.44 5.76
N ARG C 398 20.62 -30.51 6.69
CA ARG C 398 21.73 -29.68 7.17
C ARG C 398 22.05 -29.97 8.64
N ASP C 399 23.28 -30.33 8.95
CA ASP C 399 23.64 -30.81 10.31
C ASP C 399 23.54 -29.81 11.49
N SER C 400 23.45 -28.53 11.19
CA SER C 400 23.36 -27.48 12.21
C SER C 400 21.98 -27.36 12.90
N PHE C 401 20.98 -28.12 12.48
CA PHE C 401 19.63 -28.03 13.07
C PHE C 401 19.36 -29.20 14.01
N PRO C 402 18.63 -28.98 15.14
CA PRO C 402 18.47 -30.11 16.11
C PRO C 402 17.73 -31.35 15.57
N TRP C 403 16.79 -31.14 14.65
CA TRP C 403 16.04 -32.24 14.03
C TRP C 403 16.89 -33.06 13.02
N GLU C 404 18.10 -32.61 12.73
CA GLU C 404 19.04 -33.30 11.87
C GLU C 404 20.15 -34.05 12.63
N VAL C 405 20.12 -34.00 13.96
CA VAL C 405 21.04 -34.76 14.80
C VAL C 405 20.29 -36.04 15.15
N PRO C 406 20.69 -37.18 14.54
CA PRO C 406 19.90 -38.38 14.81
C PRO C 406 19.94 -38.79 16.29
N LYS C 407 18.81 -39.30 16.78
CA LYS C 407 18.73 -39.80 18.12
C LYS C 407 19.23 -41.25 18.13
N LYS C 408 20.12 -41.55 19.09
CA LYS C 408 20.58 -42.91 19.29
C LYS C 408 19.40 -43.74 19.82
N LEU C 409 19.07 -44.83 19.12
CA LEU C 409 17.88 -45.60 19.43
C LEU C 409 18.23 -46.78 20.35
N GLU D 31 -1.80 -55.42 12.61
CA GLU D 31 -2.82 -54.56 11.93
C GLU D 31 -2.38 -54.16 10.50
N GLY D 32 -3.29 -54.32 9.54
CA GLY D 32 -3.04 -53.94 8.14
C GLY D 32 -3.73 -52.67 7.67
N THR D 33 -4.24 -51.84 8.59
CA THR D 33 -4.93 -50.59 8.22
C THR D 33 -4.07 -49.37 8.56
N PHE D 34 -4.39 -48.24 7.95
CA PHE D 34 -3.79 -46.97 8.33
C PHE D 34 -4.83 -45.86 8.21
N LEU D 35 -4.56 -44.73 8.85
CA LEU D 35 -5.40 -43.53 8.78
C LEU D 35 -4.76 -42.53 7.84
N PHE D 36 -5.60 -41.76 7.16
CA PHE D 36 -5.12 -40.68 6.30
C PHE D 36 -6.13 -39.55 6.36
N THR D 37 -5.61 -38.35 6.45
CA THR D 37 -6.44 -37.14 6.61
C THR D 37 -6.16 -36.17 5.45
N SER D 38 -7.25 -35.61 4.89
CA SER D 38 -7.15 -34.46 3.99
C SER D 38 -8.06 -33.34 4.49
N GLU D 39 -7.73 -32.11 4.07
CA GLU D 39 -8.53 -30.96 4.41
C GLU D 39 -8.95 -30.18 3.20
N SER D 40 -10.00 -29.40 3.39
CA SER D 40 -10.43 -28.44 2.40
C SER D 40 -10.86 -27.18 3.13
N VAL D 41 -10.86 -26.08 2.40
CA VAL D 41 -11.34 -24.81 2.95
C VAL D 41 -12.36 -24.19 2.03
N GLY D 42 -13.21 -23.37 2.61
CA GLY D 42 -14.30 -22.72 1.91
C GLY D 42 -13.83 -21.46 1.18
N GLU D 43 -14.74 -20.93 0.37
CA GLU D 43 -14.47 -19.76 -0.45
C GLU D 43 -14.06 -18.53 0.37
N GLY D 44 -14.55 -18.42 1.60
CA GLY D 44 -14.24 -17.34 2.50
C GLY D 44 -12.96 -17.47 3.32
N HIS D 45 -12.27 -18.60 3.25
CA HIS D 45 -10.98 -18.74 3.94
C HIS D 45 -10.03 -17.76 3.23
N PRO D 46 -9.27 -16.98 3.98
CA PRO D 46 -8.48 -15.87 3.35
C PRO D 46 -7.51 -16.31 2.25
N ASP D 47 -6.88 -17.47 2.39
CA ASP D 47 -6.02 -18.00 1.30
C ASP D 47 -6.85 -18.30 0.03
N LYS D 48 -8.02 -18.91 0.22
CA LYS D 48 -8.89 -19.22 -0.92
C LYS D 48 -9.54 -17.98 -1.54
N ILE D 49 -9.79 -16.94 -0.74
CA ILE D 49 -10.23 -15.64 -1.28
C ILE D 49 -9.22 -15.18 -2.32
N CYS D 50 -7.94 -15.27 -1.95
CA CYS D 50 -6.86 -14.81 -2.83
C CYS D 50 -6.79 -15.63 -4.12
N ASP D 51 -6.90 -16.95 -3.98
CA ASP D 51 -6.92 -17.82 -5.17
C ASP D 51 -8.06 -17.45 -6.10
N GLN D 52 -9.24 -17.23 -5.55
CA GLN D 52 -10.42 -16.91 -6.38
C GLN D 52 -10.27 -15.55 -7.06
N ILE D 53 -9.77 -14.56 -6.34
CA ILE D 53 -9.54 -13.23 -6.92
C ILE D 53 -8.48 -13.29 -8.01
N SER D 54 -7.39 -14.03 -7.75
CA SER D 54 -6.34 -14.20 -8.76
C SER D 54 -6.87 -14.79 -10.07
N ASP D 55 -7.71 -15.81 -9.96
CA ASP D 55 -8.34 -16.42 -11.13
C ASP D 55 -9.45 -15.59 -11.76
N ALA D 56 -10.16 -14.78 -10.96
CA ALA D 56 -11.09 -13.77 -11.51
C ALA D 56 -10.38 -12.78 -12.41
N VAL D 57 -9.21 -12.32 -11.95
CA VAL D 57 -8.38 -11.42 -12.75
C VAL D 57 -7.90 -12.10 -14.03
N LEU D 58 -7.41 -13.32 -13.89
CA LEU D 58 -6.99 -14.09 -15.07
C LEU D 58 -8.14 -14.22 -16.09
N ASP D 59 -9.31 -14.63 -15.61
CA ASP D 59 -10.48 -14.77 -16.48
C ASP D 59 -10.86 -13.44 -17.16
N ALA D 60 -10.80 -12.34 -16.42
CA ALA D 60 -11.14 -11.02 -16.97
C ALA D 60 -10.21 -10.70 -18.16
N HIS D 61 -8.92 -11.00 -18.01
CA HIS D 61 -7.98 -10.82 -19.12
C HIS D 61 -8.27 -11.74 -20.30
N LEU D 62 -8.48 -13.02 -20.02
CA LEU D 62 -8.69 -14.02 -21.08
C LEU D 62 -9.99 -13.78 -21.86
N GLN D 63 -10.99 -13.21 -21.20
CA GLN D 63 -12.25 -12.84 -21.89
C GLN D 63 -12.03 -11.86 -23.03
N GLN D 64 -11.08 -10.95 -22.87
CA GLN D 64 -10.74 -9.96 -23.91
C GLN D 64 -9.55 -10.36 -24.78
N ASP D 65 -8.56 -11.03 -24.19
CA ASP D 65 -7.33 -11.39 -24.87
C ASP D 65 -6.95 -12.83 -24.51
N PRO D 66 -7.30 -13.79 -25.38
CA PRO D 66 -7.00 -15.20 -25.11
C PRO D 66 -5.51 -15.53 -24.95
N ASP D 67 -4.63 -14.66 -25.44
CA ASP D 67 -3.19 -14.84 -25.33
C ASP D 67 -2.53 -14.02 -24.21
N ALA D 68 -3.34 -13.45 -23.31
CA ALA D 68 -2.81 -12.72 -22.17
C ALA D 68 -1.84 -13.59 -21.35
N LYS D 69 -0.74 -12.97 -20.92
CA LYS D 69 0.20 -13.57 -19.99
C LYS D 69 -0.10 -12.92 -18.62
N VAL D 70 -0.40 -13.75 -17.63
CA VAL D 70 -0.87 -13.30 -16.34
C VAL D 70 -0.14 -14.07 -15.23
N ALA D 71 0.37 -13.32 -14.25
CA ALA D 71 0.94 -13.90 -13.03
C ALA D 71 0.47 -13.00 -11.90
N CYS D 72 -0.77 -13.19 -11.46
CA CYS D 72 -1.41 -12.27 -10.52
C CYS D 72 -1.47 -12.90 -9.12
N GLU D 73 -0.74 -12.31 -8.18
CA GLU D 73 -0.77 -12.75 -6.79
C GLU D 73 -1.71 -11.82 -6.03
N THR D 74 -2.48 -12.40 -5.11
CA THR D 74 -3.38 -11.63 -4.28
C THR D 74 -3.00 -11.81 -2.80
N VAL D 75 -3.11 -10.73 -2.04
CA VAL D 75 -2.89 -10.73 -0.59
C VAL D 75 -4.14 -10.17 0.06
N ALA D 76 -4.61 -10.81 1.14
CA ALA D 76 -5.81 -10.36 1.85
C ALA D 76 -5.50 -10.24 3.34
N LYS D 77 -5.97 -9.19 3.97
CA LYS D 77 -5.82 -9.00 5.40
C LYS D 77 -6.93 -8.06 5.83
N THR D 78 -7.03 -7.74 7.11
CA THR D 78 -8.06 -6.81 7.60
C THR D 78 -8.25 -5.64 6.64
N GLY D 79 -9.46 -5.56 6.07
CA GLY D 79 -9.83 -4.42 5.24
C GLY D 79 -9.13 -4.26 3.90
N MET D 80 -8.37 -5.26 3.44
CA MET D 80 -7.45 -5.04 2.30
C MET D 80 -7.39 -6.22 1.35
N ILE D 81 -7.50 -5.93 0.04
CA ILE D 81 -7.06 -6.80 -1.02
C ILE D 81 -5.95 -6.09 -1.79
N LEU D 82 -4.79 -6.73 -1.97
CA LEU D 82 -3.69 -6.19 -2.75
C LEU D 82 -3.41 -7.14 -3.91
N LEU D 83 -3.24 -6.62 -5.12
CA LEU D 83 -2.84 -7.39 -6.29
C LEU D 83 -1.40 -7.04 -6.65
N ALA D 84 -0.58 -8.05 -6.86
CA ALA D 84 0.83 -7.82 -7.24
C ALA D 84 1.24 -8.84 -8.30
N GLY D 85 2.08 -8.41 -9.23
CA GLY D 85 2.50 -9.34 -10.26
C GLY D 85 2.64 -8.68 -11.61
N GLU D 86 2.60 -9.50 -12.64
CA GLU D 86 3.03 -9.12 -13.99
C GLU D 86 1.98 -9.57 -14.98
N ILE D 87 1.61 -8.71 -15.90
CA ILE D 87 0.63 -9.01 -16.95
C ILE D 87 1.12 -8.47 -18.30
N THR D 88 0.98 -9.25 -19.36
CA THR D 88 1.14 -8.71 -20.74
C THR D 88 -0.15 -9.09 -21.45
N SER D 89 -0.94 -8.08 -21.75
CA SER D 89 -2.30 -8.28 -22.25
C SER D 89 -2.78 -7.05 -23.01
N ARG D 90 -3.64 -7.28 -24.00
CA ARG D 90 -4.37 -6.20 -24.67
C ARG D 90 -5.68 -5.85 -23.98
N ALA D 91 -6.05 -6.56 -22.91
CA ALA D 91 -7.30 -6.30 -22.22
C ALA D 91 -7.24 -4.99 -21.44
N ALA D 92 -8.39 -4.35 -21.28
CA ALA D 92 -8.55 -3.22 -20.36
C ALA D 92 -9.47 -3.71 -19.26
N VAL D 93 -8.89 -3.93 -18.10
CA VAL D 93 -9.57 -4.59 -16.98
C VAL D 93 -9.67 -3.58 -15.85
N ASP D 94 -10.87 -3.44 -15.30
CA ASP D 94 -11.12 -2.59 -14.14
C ASP D 94 -10.91 -3.47 -12.91
N TYR D 95 -9.73 -3.38 -12.31
CA TYR D 95 -9.39 -4.24 -11.18
C TYR D 95 -10.26 -4.01 -9.94
N GLN D 96 -10.68 -2.76 -9.70
CA GLN D 96 -11.59 -2.47 -8.57
C GLN D 96 -12.88 -3.26 -8.72
N LYS D 97 -13.44 -3.23 -9.92
CA LYS D 97 -14.65 -3.98 -10.20
C LYS D 97 -14.46 -5.49 -10.12
N VAL D 98 -13.40 -6.01 -10.71
CA VAL D 98 -13.17 -7.45 -10.70
C VAL D 98 -12.99 -7.96 -9.27
N VAL D 99 -12.17 -7.28 -8.50
CA VAL D 99 -11.93 -7.67 -7.11
C VAL D 99 -13.21 -7.58 -6.27
N ARG D 100 -13.87 -6.42 -6.32
CA ARG D 100 -15.05 -6.21 -5.47
C ARG D 100 -16.21 -7.15 -5.85
N GLU D 101 -16.40 -7.39 -7.14
CA GLU D 101 -17.40 -8.38 -7.60
C GLU D 101 -17.10 -9.81 -7.13
N ALA D 102 -15.83 -10.19 -7.10
CA ALA D 102 -15.42 -11.50 -6.57
C ALA D 102 -15.70 -11.62 -5.07
N VAL D 103 -15.38 -10.57 -4.32
CA VAL D 103 -15.64 -10.55 -2.87
C VAL D 103 -17.16 -10.60 -2.62
N LYS D 104 -17.92 -9.83 -3.38
CA LYS D 104 -19.39 -9.91 -3.31
C LYS D 104 -19.89 -11.34 -3.57
N HIS D 105 -19.38 -11.97 -4.61
CA HIS D 105 -19.79 -13.34 -4.97
C HIS D 105 -19.48 -14.34 -3.84
N ILE D 106 -18.30 -14.20 -3.25
CA ILE D 106 -17.89 -15.01 -2.10
C ILE D 106 -18.89 -14.86 -0.94
N GLY D 107 -19.36 -13.64 -0.74
CA GLY D 107 -20.42 -13.35 0.22
C GLY D 107 -20.10 -12.32 1.29
N TYR D 108 -19.00 -11.57 1.15
CA TYR D 108 -18.60 -10.58 2.17
C TYR D 108 -19.13 -9.22 1.82
N ASP D 109 -20.23 -8.84 2.46
CA ASP D 109 -20.95 -7.61 2.13
C ASP D 109 -21.32 -6.75 3.36
N ASP D 110 -20.63 -6.92 4.48
CA ASP D 110 -20.93 -6.14 5.69
C ASP D 110 -19.86 -6.28 6.76
N SER D 111 -19.67 -5.18 7.53
CA SER D 111 -18.81 -5.17 8.72
C SER D 111 -19.06 -6.34 9.67
N SER D 112 -20.33 -6.68 9.86
CA SER D 112 -20.74 -7.74 10.79
C SER D 112 -20.16 -9.11 10.42
N LYS D 113 -19.80 -9.29 9.13
CA LYS D 113 -19.21 -10.55 8.66
C LYS D 113 -17.69 -10.51 8.66
N GLY D 114 -17.10 -9.35 8.96
CA GLY D 114 -15.66 -9.19 9.01
C GLY D 114 -15.04 -8.61 7.75
N PHE D 115 -15.83 -8.41 6.68
CA PHE D 115 -15.26 -7.91 5.41
C PHE D 115 -16.40 -7.46 4.53
N ASP D 116 -16.19 -6.40 3.75
CA ASP D 116 -17.24 -5.85 2.90
C ASP D 116 -16.67 -5.40 1.56
N TYR D 117 -17.15 -5.99 0.48
CA TYR D 117 -16.70 -5.63 -0.87
C TYR D 117 -16.91 -4.16 -1.20
N LYS D 118 -17.93 -3.53 -0.60
CA LYS D 118 -18.27 -2.14 -0.89
C LYS D 118 -17.25 -1.16 -0.35
N THR D 119 -16.63 -1.49 0.78
CA THR D 119 -15.86 -0.53 1.55
C THR D 119 -14.43 -0.96 1.86
N CYS D 120 -14.00 -2.12 1.41
CA CYS D 120 -12.61 -2.55 1.64
C CYS D 120 -11.65 -1.77 0.75
N ASN D 121 -10.39 -1.75 1.15
CA ASN D 121 -9.27 -1.18 0.38
C ASN D 121 -8.84 -2.16 -0.68
N VAL D 122 -8.81 -1.72 -1.93
CA VAL D 122 -8.19 -2.48 -3.03
C VAL D 122 -6.97 -1.73 -3.55
N LEU D 123 -5.81 -2.34 -3.48
CA LEU D 123 -4.54 -1.78 -3.91
C LEU D 123 -3.99 -2.56 -5.07
N VAL D 124 -3.54 -1.89 -6.12
CA VAL D 124 -3.08 -2.57 -7.35
C VAL D 124 -1.62 -2.25 -7.64
N ALA D 125 -0.78 -3.28 -7.69
CA ALA D 125 0.65 -3.18 -7.99
C ALA D 125 1.00 -4.15 -9.12
N LEU D 126 0.16 -4.14 -10.13
CA LEU D 126 0.34 -5.00 -11.32
C LEU D 126 1.11 -4.24 -12.36
N GLU D 127 2.13 -4.88 -12.92
CA GLU D 127 2.96 -4.23 -13.94
C GLU D 127 2.62 -4.86 -15.27
N GLN D 128 2.04 -4.04 -16.15
CA GLN D 128 1.46 -4.46 -17.43
C GLN D 128 2.44 -4.08 -18.60
N GLN D 129 3.47 -4.89 -18.64
CA GLN D 129 4.48 -4.97 -19.71
C GLN D 129 4.00 -5.25 -21.19
N GLU D 143 1.59 -22.59 -31.27
CA GLU D 143 2.83 -23.18 -31.71
C GLU D 143 3.35 -24.25 -30.73
N GLU D 144 3.72 -25.37 -31.32
CA GLU D 144 4.11 -26.55 -30.56
C GLU D 144 5.43 -26.33 -29.80
N ASP D 145 6.30 -25.46 -30.32
CA ASP D 145 7.59 -25.21 -29.71
C ASP D 145 7.69 -23.93 -28.85
N ILE D 146 6.56 -23.40 -28.40
CA ILE D 146 6.58 -22.38 -27.36
C ILE D 146 7.28 -23.03 -26.13
N GLY D 147 8.23 -22.29 -25.55
CA GLY D 147 9.01 -22.82 -24.43
C GLY D 147 8.20 -22.76 -23.16
N ALA D 148 8.53 -23.64 -22.21
CA ALA D 148 7.96 -23.56 -20.88
C ALA D 148 8.26 -22.17 -20.31
N GLY D 149 7.28 -21.61 -19.61
CA GLY D 149 7.42 -20.29 -18.98
C GLY D 149 8.31 -20.25 -17.76
N ASP D 150 8.66 -21.41 -17.22
CA ASP D 150 9.56 -21.54 -16.06
C ASP D 150 10.14 -22.95 -16.07
N GLN D 151 11.17 -23.19 -15.25
CA GLN D 151 11.55 -24.51 -14.91
C GLN D 151 10.50 -25.06 -13.92
N GLY D 152 10.55 -26.36 -13.67
CA GLY D 152 9.80 -26.93 -12.57
C GLY D 152 9.49 -28.40 -12.73
N LEU D 153 8.89 -28.95 -11.68
CA LEU D 153 8.41 -30.31 -11.66
C LEU D 153 6.93 -30.33 -11.24
N MET D 154 6.18 -31.28 -11.80
CA MET D 154 4.76 -31.37 -11.58
C MET D 154 4.37 -32.82 -11.47
N PHE D 155 3.40 -33.14 -10.61
CA PHE D 155 2.88 -34.49 -10.52
C PHE D 155 1.42 -34.59 -10.90
N GLY D 156 1.04 -35.75 -11.41
CA GLY D 156 -0.34 -36.16 -11.57
C GLY D 156 -0.59 -37.43 -10.79
N TYR D 157 -1.81 -37.62 -10.31
CA TYR D 157 -2.15 -38.77 -9.49
C TYR D 157 -3.57 -39.18 -9.79
N ALA D 158 -3.82 -40.48 -9.74
CA ALA D 158 -5.17 -41.01 -9.84
C ALA D 158 -5.25 -42.30 -9.06
N THR D 159 -6.44 -42.59 -8.56
CA THR D 159 -6.69 -43.78 -7.77
C THR D 159 -8.09 -44.28 -8.07
N ASP D 160 -8.25 -45.60 -8.17
CA ASP D 160 -9.57 -46.17 -8.50
C ASP D 160 -10.55 -46.25 -7.31
N GLU D 161 -10.20 -45.67 -6.17
CA GLU D 161 -11.00 -45.77 -4.97
C GLU D 161 -12.35 -45.01 -5.02
N THR D 162 -12.47 -44.02 -5.91
CA THR D 162 -13.74 -43.34 -6.18
C THR D 162 -13.97 -43.30 -7.68
N GLU D 163 -15.23 -43.09 -8.09
CA GLU D 163 -15.56 -42.91 -9.52
C GLU D 163 -14.81 -41.74 -10.17
N GLU D 164 -14.62 -40.66 -9.41
CA GLU D 164 -13.84 -39.50 -9.93
C GLU D 164 -12.31 -39.73 -9.95
N CYS D 165 -11.85 -40.92 -9.56
CA CYS D 165 -10.44 -41.29 -9.61
C CYS D 165 -9.59 -40.43 -8.67
N MET D 166 -10.18 -40.05 -7.54
CA MET D 166 -9.52 -39.22 -6.53
C MET D 166 -9.55 -39.86 -5.17
N PRO D 167 -8.63 -39.46 -4.28
CA PRO D 167 -8.71 -40.00 -2.91
C PRO D 167 -10.03 -39.64 -2.22
N LEU D 168 -10.60 -40.59 -1.48
CA LEU D 168 -11.86 -40.32 -0.81
C LEU D 168 -11.74 -39.17 0.22
N THR D 169 -10.61 -39.08 0.90
CA THR D 169 -10.44 -38.06 1.94
C THR D 169 -10.65 -36.65 1.37
N ILE D 170 -9.99 -36.35 0.26
CA ILE D 170 -10.07 -35.00 -0.33
C ILE D 170 -11.41 -34.74 -1.03
N VAL D 171 -11.96 -35.77 -1.70
CA VAL D 171 -13.29 -35.64 -2.33
C VAL D 171 -14.33 -35.25 -1.29
N LEU D 172 -14.36 -35.98 -0.17
CA LEU D 172 -15.34 -35.69 0.87
C LEU D 172 -15.12 -34.32 1.52
N ALA D 173 -13.85 -33.97 1.78
CA ALA D 173 -13.56 -32.66 2.39
C ALA D 173 -14.05 -31.52 1.49
N HIS D 174 -13.75 -31.60 0.20
CA HIS D 174 -14.21 -30.57 -0.75
C HIS D 174 -15.72 -30.52 -0.84
N LYS D 175 -16.35 -31.69 -0.96
CA LYS D 175 -17.82 -31.73 -1.13
C LYS D 175 -18.55 -31.22 0.10
N LEU D 176 -17.97 -31.38 1.28
CA LEU D 176 -18.58 -30.81 2.49
C LEU D 176 -18.59 -29.27 2.38
N ASN D 177 -17.47 -28.66 1.97
CA ASN D 177 -17.43 -27.20 1.79
C ASN D 177 -18.41 -26.73 0.69
N ALA D 178 -18.46 -27.47 -0.41
CA ALA D 178 -19.36 -27.13 -1.52
C ALA D 178 -20.82 -27.18 -1.09
N LYS D 179 -21.15 -28.17 -0.26
CA LYS D 179 -22.51 -28.30 0.26
C LYS D 179 -22.87 -27.14 1.16
N LEU D 180 -21.95 -26.73 2.04
CA LEU D 180 -22.17 -25.55 2.87
C LEU D 180 -22.48 -24.32 1.99
N ALA D 181 -21.66 -24.09 0.97
CA ALA D 181 -21.86 -22.97 0.06
C ALA D 181 -23.22 -23.05 -0.67
N GLU D 182 -23.59 -24.25 -1.09
CA GLU D 182 -24.87 -24.47 -1.77
C GLU D 182 -26.04 -24.09 -0.88
N LEU D 183 -26.02 -24.57 0.36
CA LEU D 183 -27.11 -24.31 1.31
C LEU D 183 -27.13 -22.89 1.84
N ARG D 184 -25.95 -22.25 1.88
CA ARG D 184 -25.88 -20.83 2.18
C ARG D 184 -26.55 -20.01 1.07
N ARG D 185 -26.15 -20.28 -0.17
CA ARG D 185 -26.60 -19.50 -1.31
C ARG D 185 -28.06 -19.74 -1.70
N ASN D 186 -28.57 -20.94 -1.47
CA ASN D 186 -29.99 -21.22 -1.78
C ASN D 186 -30.94 -20.86 -0.63
N GLY D 187 -30.38 -20.37 0.49
CA GLY D 187 -31.18 -19.88 1.59
C GLY D 187 -31.79 -20.94 2.50
N THR D 188 -31.46 -22.21 2.31
CA THR D 188 -31.84 -23.29 3.25
C THR D 188 -31.27 -23.12 4.66
N LEU D 189 -30.00 -22.72 4.70
CA LEU D 189 -29.32 -22.41 5.97
C LEU D 189 -28.82 -20.96 5.90
N PRO D 190 -29.73 -19.98 6.09
CA PRO D 190 -29.37 -18.57 5.88
C PRO D 190 -28.41 -17.98 6.92
N TRP D 191 -28.20 -18.68 8.02
CA TRP D 191 -27.22 -18.28 9.06
C TRP D 191 -25.76 -18.60 8.69
N LEU D 192 -25.52 -19.36 7.62
CA LEU D 192 -24.14 -19.64 7.18
C LEU D 192 -23.43 -18.42 6.62
N ARG D 193 -22.13 -18.35 6.85
CA ARG D 193 -21.27 -17.31 6.27
C ARG D 193 -20.13 -17.97 5.48
N PRO D 194 -19.33 -17.17 4.75
CA PRO D 194 -18.43 -17.79 3.76
C PRO D 194 -17.21 -18.61 4.20
N ASP D 195 -16.65 -18.31 5.35
CA ASP D 195 -15.32 -18.92 5.74
C ASP D 195 -15.65 -20.30 6.37
N SER D 196 -14.94 -21.33 5.91
CA SER D 196 -15.08 -22.68 6.48
C SER D 196 -13.80 -23.48 6.36
N LYS D 197 -13.67 -24.52 7.18
CA LYS D 197 -12.61 -25.52 7.06
C LYS D 197 -13.22 -26.87 7.37
N THR D 198 -12.86 -27.86 6.56
CA THR D 198 -13.27 -29.23 6.81
C THR D 198 -12.05 -30.13 6.79
N GLN D 199 -12.15 -31.22 7.53
CA GLN D 199 -11.07 -32.21 7.55
C GLN D 199 -11.70 -33.59 7.69
N VAL D 200 -11.24 -34.52 6.85
CA VAL D 200 -11.78 -35.87 6.84
C VAL D 200 -10.63 -36.86 7.00
N THR D 201 -10.76 -37.71 8.02
CA THR D 201 -9.85 -38.81 8.27
C THR D 201 -10.56 -40.10 7.88
N VAL D 202 -9.95 -40.86 6.98
CA VAL D 202 -10.46 -42.15 6.52
C VAL D 202 -9.51 -43.25 6.97
N GLN D 203 -10.10 -44.37 7.37
CA GLN D 203 -9.36 -45.58 7.68
C GLN D 203 -9.30 -46.44 6.42
N TYR D 204 -8.08 -46.78 6.03
CA TYR D 204 -7.80 -47.52 4.80
C TYR D 204 -7.18 -48.87 5.08
N MET D 205 -7.35 -49.80 4.14
CA MET D 205 -6.44 -50.97 4.05
C MET D 205 -5.70 -50.90 2.73
N GLN D 206 -4.51 -51.48 2.73
CA GLN D 206 -3.68 -51.61 1.51
C GLN D 206 -4.13 -52.89 0.79
N ASP D 207 -4.24 -52.82 -0.53
CA ASP D 207 -4.68 -53.94 -1.36
C ASP D 207 -3.75 -54.04 -2.56
N ARG D 208 -2.60 -54.68 -2.34
CA ARG D 208 -1.62 -54.92 -3.41
C ARG D 208 -1.24 -53.65 -4.17
N GLY D 209 -0.87 -52.62 -3.39
CA GLY D 209 -0.50 -51.34 -3.91
C GLY D 209 -1.66 -50.35 -4.06
N ALA D 210 -2.87 -50.85 -4.28
CA ALA D 210 -4.05 -49.99 -4.27
C ALA D 210 -4.43 -49.66 -2.81
N VAL D 211 -5.24 -48.64 -2.61
CA VAL D 211 -5.77 -48.33 -1.29
C VAL D 211 -7.30 -48.47 -1.27
N LEU D 212 -7.82 -49.09 -0.22
CA LEU D 212 -9.25 -49.39 -0.07
C LEU D 212 -9.80 -48.62 1.11
N PRO D 213 -10.68 -47.66 0.87
CA PRO D 213 -11.32 -46.97 2.01
C PRO D 213 -12.25 -47.90 2.74
N ILE D 214 -12.14 -47.96 4.05
CA ILE D 214 -13.01 -48.84 4.86
C ILE D 214 -14.13 -48.02 5.49
N ARG D 215 -13.77 -46.93 6.15
CA ARG D 215 -14.73 -46.12 6.91
C ARG D 215 -14.18 -44.71 7.13
N VAL D 216 -15.09 -43.78 7.34
CA VAL D 216 -14.72 -42.45 7.82
C VAL D 216 -14.50 -42.53 9.33
N HIS D 217 -13.30 -42.19 9.75
CA HIS D 217 -12.86 -42.23 11.15
C HIS D 217 -13.27 -40.96 11.90
N THR D 218 -12.96 -39.80 11.31
CA THR D 218 -13.23 -38.50 11.92
C THR D 218 -13.63 -37.47 10.83
N ILE D 219 -14.64 -36.64 11.14
CA ILE D 219 -14.98 -35.46 10.33
C ILE D 219 -14.91 -34.23 11.22
N VAL D 220 -14.21 -33.21 10.73
CA VAL D 220 -14.19 -31.89 11.37
C VAL D 220 -14.85 -30.92 10.42
N ILE D 221 -15.77 -30.10 10.94
CA ILE D 221 -16.29 -28.95 10.19
C ILE D 221 -16.33 -27.74 11.11
N SER D 222 -15.69 -26.67 10.66
CA SER D 222 -15.80 -25.34 11.27
C SER D 222 -16.33 -24.41 10.19
N VAL D 223 -17.44 -23.71 10.45
CA VAL D 223 -18.01 -22.80 9.47
C VAL D 223 -18.51 -21.53 10.12
N GLN D 224 -18.22 -20.41 9.46
CA GLN D 224 -18.65 -19.12 9.91
C GLN D 224 -20.18 -19.01 9.91
N HIS D 225 -20.73 -18.26 10.85
CA HIS D 225 -22.16 -18.15 11.02
C HIS D 225 -22.61 -16.82 11.62
N ASP D 226 -23.91 -16.56 11.58
CA ASP D 226 -24.46 -15.30 12.10
C ASP D 226 -24.57 -15.31 13.64
N GLU D 227 -24.94 -14.17 14.21
CA GLU D 227 -24.98 -14.01 15.66
C GLU D 227 -26.23 -14.58 16.34
N GLU D 228 -27.25 -14.97 15.55
CA GLU D 228 -28.52 -15.43 16.13
C GLU D 228 -28.58 -16.94 16.38
N VAL D 229 -27.99 -17.73 15.50
CA VAL D 229 -28.19 -19.17 15.50
C VAL D 229 -27.49 -19.86 16.70
N CYS D 230 -28.16 -20.84 17.30
CA CYS D 230 -27.64 -21.53 18.49
C CYS D 230 -26.79 -22.73 18.07
N LEU D 231 -25.84 -23.13 18.95
CA LEU D 231 -24.93 -24.25 18.64
C LEU D 231 -25.67 -25.55 18.31
N ASP D 232 -26.67 -25.91 19.09
CA ASP D 232 -27.40 -27.16 18.87
C ASP D 232 -28.07 -27.25 17.49
N GLU D 233 -28.70 -26.16 17.07
CA GLU D 233 -29.29 -26.14 15.73
C GLU D 233 -28.25 -26.18 14.64
N MET D 234 -27.12 -25.50 14.81
CA MET D 234 -26.02 -25.63 13.83
C MET D 234 -25.51 -27.07 13.73
N ARG D 235 -25.30 -27.70 14.87
CA ARG D 235 -24.73 -29.08 14.90
C ARG D 235 -25.69 -30.04 14.22
N ASP D 236 -27.00 -29.92 14.52
CA ASP D 236 -28.01 -30.74 13.87
C ASP D 236 -27.98 -30.56 12.34
N ALA D 237 -27.96 -29.30 11.90
CA ALA D 237 -27.93 -29.01 10.45
C ALA D 237 -26.69 -29.56 9.77
N LEU D 238 -25.54 -29.41 10.42
CA LEU D 238 -24.28 -29.91 9.88
C LEU D 238 -24.30 -31.43 9.71
N LYS D 239 -24.91 -32.14 10.66
CA LYS D 239 -24.99 -33.60 10.57
C LYS D 239 -25.99 -34.02 9.53
N GLU D 240 -27.20 -33.46 9.58
CA GLU D 240 -28.32 -33.96 8.77
C GLU D 240 -28.33 -33.44 7.34
N LYS D 241 -28.06 -32.13 7.18
CA LYS D 241 -28.19 -31.49 5.86
C LYS D 241 -26.88 -31.40 5.10
N VAL D 242 -25.74 -31.54 5.79
CA VAL D 242 -24.43 -31.45 5.17
C VAL D 242 -23.77 -32.84 5.12
N ILE D 243 -23.37 -33.38 6.26
CA ILE D 243 -22.62 -34.64 6.30
C ILE D 243 -23.40 -35.80 5.65
N LYS D 244 -24.64 -36.00 6.07
CA LYS D 244 -25.46 -37.10 5.52
C LYS D 244 -25.86 -36.91 4.06
N ALA D 245 -25.83 -35.66 3.58
CA ALA D 245 -26.07 -35.38 2.16
C ALA D 245 -24.85 -35.67 1.29
N VAL D 246 -23.67 -35.68 1.88
CA VAL D 246 -22.41 -35.78 1.14
C VAL D 246 -21.73 -37.13 1.28
N VAL D 247 -21.64 -37.66 2.50
CA VAL D 247 -20.86 -38.87 2.76
C VAL D 247 -21.76 -40.09 2.59
N PRO D 248 -21.36 -41.04 1.71
CA PRO D 248 -22.16 -42.28 1.62
C PRO D 248 -22.34 -42.95 2.99
N ALA D 249 -23.58 -43.35 3.30
CA ALA D 249 -23.92 -44.02 4.57
C ALA D 249 -23.03 -45.21 4.91
N LYS D 250 -22.59 -45.95 3.88
CA LYS D 250 -21.75 -47.13 4.10
C LYS D 250 -20.40 -46.82 4.78
N TYR D 251 -19.92 -45.59 4.67
CA TYR D 251 -18.67 -45.18 5.31
C TYR D 251 -18.83 -44.59 6.73
N LEU D 252 -20.07 -44.33 7.15
CA LEU D 252 -20.35 -43.80 8.48
C LEU D 252 -20.83 -44.93 9.39
N ASP D 253 -20.35 -44.94 10.63
CA ASP D 253 -20.81 -45.91 11.62
C ASP D 253 -20.88 -45.29 13.00
N GLU D 254 -21.26 -46.10 13.99
CA GLU D 254 -21.43 -45.64 15.35
C GLU D 254 -20.14 -45.13 16.03
N ASP D 255 -18.98 -45.50 15.50
CA ASP D 255 -17.69 -45.04 16.05
C ASP D 255 -17.10 -43.80 15.35
N THR D 256 -17.68 -43.38 14.22
CA THR D 256 -17.22 -42.18 13.52
C THR D 256 -17.24 -40.97 14.46
N ILE D 257 -16.12 -40.25 14.52
CA ILE D 257 -15.96 -39.10 15.42
C ILE D 257 -16.34 -37.81 14.69
N TYR D 258 -17.18 -36.99 15.30
CA TYR D 258 -17.62 -35.71 14.74
C TYR D 258 -17.19 -34.52 15.59
N HIS D 259 -16.39 -33.64 14.99
CA HIS D 259 -15.97 -32.40 15.62
C HIS D 259 -16.62 -31.25 14.84
N LEU D 260 -17.75 -30.78 15.35
CA LEU D 260 -18.53 -29.74 14.69
C LEU D 260 -18.42 -28.44 15.48
N GLN D 261 -17.99 -27.37 14.80
CA GLN D 261 -17.62 -26.10 15.44
C GLN D 261 -16.75 -26.34 16.68
N PRO D 262 -15.62 -27.09 16.52
CA PRO D 262 -14.83 -27.49 17.69
C PRO D 262 -14.14 -26.35 18.43
N SER D 263 -13.87 -25.22 17.79
CA SER D 263 -13.30 -24.09 18.53
C SER D 263 -14.37 -23.08 19.00
N GLY D 264 -15.64 -23.46 18.98
CA GLY D 264 -16.71 -22.64 19.52
C GLY D 264 -17.20 -21.68 18.48
N ARG D 265 -17.63 -20.52 18.92
CA ARG D 265 -18.37 -19.59 18.00
C ARG D 265 -17.44 -19.00 16.94
N PHE D 266 -18.01 -18.76 15.79
CA PHE D 266 -17.25 -18.43 14.56
C PHE D 266 -18.09 -17.41 13.83
N VAL D 267 -18.26 -16.24 14.44
CA VAL D 267 -19.04 -15.16 13.88
C VAL D 267 -18.26 -14.34 12.87
N ILE D 268 -17.03 -14.02 13.22
CA ILE D 268 -16.13 -13.24 12.37
C ILE D 268 -15.28 -14.22 11.63
N GLY D 269 -15.07 -13.98 10.32
CA GLY D 269 -14.10 -14.77 9.59
C GLY D 269 -13.54 -14.00 8.43
N GLY D 270 -12.97 -14.74 7.47
CA GLY D 270 -12.37 -14.12 6.31
C GLY D 270 -11.11 -13.38 6.70
N PRO D 271 -10.75 -12.33 5.96
CA PRO D 271 -9.44 -11.69 6.22
C PRO D 271 -9.34 -10.93 7.55
N GLN D 272 -10.45 -10.64 8.23
CA GLN D 272 -10.43 -9.90 9.49
C GLN D 272 -9.53 -10.54 10.54
N GLY D 273 -8.46 -9.83 10.90
CA GLY D 273 -7.49 -10.32 11.88
C GLY D 273 -6.70 -11.53 11.42
N ASP D 274 -6.47 -11.63 10.10
CA ASP D 274 -5.90 -12.80 9.52
C ASP D 274 -5.09 -12.27 8.29
N ALA D 275 -4.37 -13.12 7.65
CA ALA D 275 -3.78 -12.80 6.36
C ALA D 275 -3.85 -14.02 5.47
N GLY D 276 -4.19 -13.79 4.22
CA GLY D 276 -4.23 -14.82 3.21
C GLY D 276 -3.38 -14.42 2.03
N LEU D 277 -2.92 -15.42 1.28
CA LEU D 277 -2.14 -15.23 0.06
C LEU D 277 -2.55 -16.27 -0.98
N THR D 278 -2.40 -15.90 -2.26
CA THR D 278 -2.54 -16.85 -3.37
C THR D 278 -1.53 -17.98 -3.25
N GLY D 279 -1.97 -19.21 -3.56
CA GLY D 279 -1.07 -20.34 -3.61
C GLY D 279 -0.53 -20.90 -2.32
N ARG D 280 -1.32 -20.73 -1.27
CA ARG D 280 -1.05 -21.26 0.05
C ARG D 280 -1.96 -22.42 0.44
N LYS D 281 -2.69 -22.96 -0.53
CA LYS D 281 -3.54 -24.13 -0.36
C LYS D 281 -3.29 -25.13 -1.48
N ILE D 282 -2.01 -25.37 -1.80
CA ILE D 282 -1.70 -26.15 -3.01
C ILE D 282 -2.00 -27.65 -2.86
N ILE D 283 -2.02 -28.13 -1.63
CA ILE D 283 -2.34 -29.54 -1.34
C ILE D 283 -3.84 -29.74 -1.34
N VAL D 284 -4.56 -28.78 -0.74
CA VAL D 284 -6.02 -28.70 -0.86
C VAL D 284 -6.46 -28.65 -2.32
N ASP D 285 -5.72 -27.93 -3.15
CA ASP D 285 -6.03 -27.77 -4.57
C ASP D 285 -5.88 -29.03 -5.41
N THR D 286 -5.09 -29.98 -4.90
CA THR D 286 -4.67 -31.11 -5.69
C THR D 286 -5.20 -32.40 -5.09
N TYR D 287 -4.39 -33.13 -4.35
CA TYR D 287 -4.72 -34.50 -3.91
C TYR D 287 -4.81 -34.71 -2.40
N GLY D 288 -4.81 -33.64 -1.63
CA GLY D 288 -4.99 -33.75 -0.19
C GLY D 288 -3.96 -34.51 0.58
N GLY D 289 -2.74 -34.53 0.07
CA GLY D 289 -1.60 -35.19 0.73
C GLY D 289 -1.18 -36.44 0.02
N TRP D 290 -2.07 -36.99 -0.80
CA TRP D 290 -1.79 -38.19 -1.57
C TRP D 290 -0.91 -37.85 -2.75
N GLY D 291 -0.26 -38.88 -3.29
CA GLY D 291 0.60 -38.68 -4.46
C GLY D 291 1.80 -37.86 -4.07
N ALA D 292 2.03 -36.76 -4.79
CA ALA D 292 3.18 -35.89 -4.53
C ALA D 292 2.85 -34.53 -5.12
N HIS D 293 3.66 -33.54 -4.75
CA HIS D 293 3.50 -32.20 -5.30
C HIS D 293 4.84 -31.60 -5.67
N GLY D 294 4.91 -30.92 -6.80
CA GLY D 294 6.15 -30.25 -7.27
C GLY D 294 6.40 -28.84 -6.73
N GLY D 295 5.42 -28.27 -6.04
CA GLY D 295 5.46 -26.99 -5.33
C GLY D 295 4.79 -25.78 -5.95
N GLY D 296 4.45 -25.87 -7.25
CA GLY D 296 3.87 -24.74 -7.96
C GLY D 296 2.40 -24.49 -7.64
N ALA D 297 2.01 -23.24 -7.44
CA ALA D 297 0.62 -22.86 -7.27
C ALA D 297 -0.06 -22.73 -8.62
N PHE D 298 -1.38 -22.83 -8.63
CA PHE D 298 -2.16 -22.72 -9.86
C PHE D 298 -2.73 -21.34 -10.13
N SER D 299 -3.38 -20.75 -9.13
CA SER D 299 -4.24 -19.59 -9.39
C SER D 299 -3.45 -18.34 -9.81
N GLY D 300 -4.06 -17.57 -10.69
CA GLY D 300 -3.49 -16.33 -11.20
C GLY D 300 -2.52 -16.51 -12.35
N LYS D 301 -2.40 -17.74 -12.87
CA LYS D 301 -1.43 -18.07 -13.90
C LYS D 301 -2.08 -18.53 -15.18
N ASP D 302 -1.65 -17.96 -16.33
CA ASP D 302 -2.06 -18.46 -17.63
C ASP D 302 -1.36 -19.76 -18.00
N TYR D 303 -1.78 -20.34 -19.14
CA TYR D 303 -1.32 -21.67 -19.60
C TYR D 303 0.19 -21.81 -19.84
N THR D 304 0.90 -20.71 -20.09
CA THR D 304 2.34 -20.80 -20.32
C THR D 304 3.11 -21.11 -19.03
N LYS D 305 2.46 -20.93 -17.87
CA LYS D 305 3.07 -21.32 -16.61
C LYS D 305 2.84 -22.81 -16.44
N VAL D 306 3.89 -23.59 -16.70
CA VAL D 306 3.78 -25.05 -16.63
C VAL D 306 3.40 -25.55 -15.27
N ASP D 307 3.64 -24.79 -14.19
CA ASP D 307 3.11 -25.11 -12.85
C ASP D 307 1.63 -25.47 -12.86
N ARG D 308 0.89 -24.80 -13.73
CA ARG D 308 -0.52 -25.06 -13.86
C ARG D 308 -0.81 -26.03 -15.01
N SER D 309 -0.43 -25.66 -16.22
CA SER D 309 -0.85 -26.44 -17.38
C SER D 309 -0.29 -27.87 -17.39
N ALA D 310 0.97 -28.05 -16.98
CA ALA D 310 1.55 -29.39 -16.95
C ALA D 310 1.02 -30.23 -15.78
N ALA D 311 0.64 -29.58 -14.68
CA ALA D 311 -0.04 -30.28 -13.59
C ALA D 311 -1.41 -30.78 -14.05
N TYR D 312 -2.15 -29.97 -14.79
CA TYR D 312 -3.42 -30.41 -15.37
C TYR D 312 -3.21 -31.57 -16.35
N ALA D 313 -2.20 -31.45 -17.21
CA ALA D 313 -1.88 -32.53 -18.17
C ALA D 313 -1.45 -33.80 -17.45
N ALA D 314 -0.67 -33.68 -16.38
CA ALA D 314 -0.23 -34.85 -15.62
C ALA D 314 -1.40 -35.56 -14.97
N ARG D 315 -2.35 -34.80 -14.42
CA ARG D 315 -3.62 -35.36 -13.94
C ARG D 315 -4.35 -36.12 -15.04
N TRP D 316 -4.45 -35.48 -16.21
CA TRP D 316 -5.13 -36.07 -17.36
C TRP D 316 -4.51 -37.41 -17.74
N VAL D 317 -3.18 -37.49 -17.74
CA VAL D 317 -2.45 -38.72 -18.05
C VAL D 317 -2.76 -39.78 -16.98
N ALA D 318 -2.62 -39.42 -15.71
CA ALA D 318 -2.84 -40.35 -14.60
C ALA D 318 -4.27 -40.92 -14.63
N LYS D 319 -5.26 -40.04 -14.80
CA LYS D 319 -6.65 -40.46 -14.85
C LYS D 319 -6.92 -41.33 -16.07
N SER D 320 -6.31 -41.00 -17.19
CA SER D 320 -6.42 -41.82 -18.40
C SER D 320 -5.88 -43.23 -18.21
N LEU D 321 -4.76 -43.35 -17.51
CA LEU D 321 -4.18 -44.68 -17.21
C LEU D 321 -5.09 -45.54 -16.33
N VAL D 322 -5.68 -44.94 -15.31
CA VAL D 322 -6.55 -45.67 -14.38
C VAL D 322 -7.89 -46.02 -15.05
N LYS D 323 -8.52 -45.04 -15.68
CA LYS D 323 -9.79 -45.28 -16.39
C LYS D 323 -9.65 -46.23 -17.57
N GLY D 324 -8.46 -46.27 -18.17
CA GLY D 324 -8.14 -47.22 -19.23
C GLY D 324 -7.85 -48.64 -18.75
N GLY D 325 -7.90 -48.87 -17.43
CA GLY D 325 -7.67 -50.21 -16.87
C GLY D 325 -6.23 -50.66 -16.86
N LEU D 326 -5.29 -49.73 -17.04
CA LEU D 326 -3.87 -50.08 -17.08
C LEU D 326 -3.25 -50.18 -15.67
N CYS D 327 -3.86 -49.51 -14.71
CA CYS D 327 -3.44 -49.61 -13.32
C CYS D 327 -4.58 -49.18 -12.40
N ARG D 328 -4.45 -49.46 -11.13
CA ARG D 328 -5.43 -49.05 -10.13
C ARG D 328 -5.06 -47.72 -9.46
N ARG D 329 -3.77 -47.37 -9.48
CA ARG D 329 -3.26 -46.23 -8.76
C ARG D 329 -1.96 -45.85 -9.44
N VAL D 330 -1.72 -44.55 -9.65
CA VAL D 330 -0.53 -44.12 -10.39
C VAL D 330 -0.12 -42.70 -10.05
N LEU D 331 1.20 -42.48 -10.05
CA LEU D 331 1.80 -41.18 -9.88
C LEU D 331 2.65 -40.89 -11.12
N VAL D 332 2.39 -39.74 -11.74
CA VAL D 332 3.11 -39.26 -12.91
C VAL D 332 3.97 -38.08 -12.52
N GLN D 333 5.27 -38.12 -12.80
CA GLN D 333 6.11 -36.92 -12.76
C GLN D 333 6.49 -36.37 -14.13
N VAL D 334 6.43 -35.05 -14.27
CA VAL D 334 6.95 -34.35 -15.45
CA VAL D 334 7.00 -34.38 -15.45
C VAL D 334 7.88 -33.19 -15.01
N SER D 335 8.87 -32.82 -15.82
CA SER D 335 9.64 -31.62 -15.51
C SER D 335 10.09 -30.83 -16.72
N TYR D 336 10.31 -29.52 -16.55
CA TYR D 336 10.60 -28.60 -17.64
C TYR D 336 11.80 -27.72 -17.33
N ALA D 337 12.45 -27.19 -18.36
CA ALA D 337 13.39 -26.06 -18.23
C ALA D 337 12.79 -24.84 -18.92
N ILE D 338 13.02 -23.66 -18.33
CA ILE D 338 12.49 -22.40 -18.88
C ILE D 338 13.01 -22.24 -20.31
N GLY D 339 12.10 -21.87 -21.22
CA GLY D 339 12.44 -21.67 -22.62
C GLY D 339 12.60 -22.92 -23.48
N VAL D 340 12.35 -24.12 -22.92
CA VAL D 340 12.47 -25.39 -23.64
C VAL D 340 11.08 -26.00 -23.73
N SER D 341 10.69 -26.51 -24.89
CA SER D 341 9.32 -27.02 -25.08
C SER D 341 9.15 -28.44 -24.50
N HIS D 342 9.99 -29.37 -24.91
CA HIS D 342 9.82 -30.78 -24.50
C HIS D 342 10.14 -30.95 -23.01
N PRO D 343 9.40 -31.82 -22.32
CA PRO D 343 9.78 -32.11 -20.93
C PRO D 343 11.19 -32.65 -20.82
N LEU D 344 11.87 -32.30 -19.76
CA LEU D 344 13.18 -32.86 -19.42
C LEU D 344 13.06 -34.30 -18.96
N SER D 345 11.99 -34.61 -18.24
CA SER D 345 11.80 -35.95 -17.72
C SER D 345 10.33 -36.29 -17.60
N ILE D 346 10.01 -37.57 -17.78
CA ILE D 346 8.67 -38.11 -17.54
C ILE D 346 8.85 -39.43 -16.82
N SER D 347 8.13 -39.63 -15.73
CA SER D 347 8.27 -40.83 -14.88
C SER D 347 6.91 -41.34 -14.49
N ILE D 348 6.69 -42.64 -14.47
CA ILE D 348 5.41 -43.24 -14.10
C ILE D 348 5.62 -44.29 -12.99
N PHE D 349 4.93 -44.14 -11.86
CA PHE D 349 5.05 -45.06 -10.72
C PHE D 349 3.67 -45.63 -10.42
N HIS D 350 3.50 -46.94 -10.56
CA HIS D 350 2.15 -47.54 -10.47
C HIS D 350 1.87 -48.29 -9.17
N TYR D 351 2.80 -48.19 -8.21
CA TYR D 351 2.63 -48.79 -6.86
C TYR D 351 2.46 -50.32 -6.87
N GLY D 352 2.86 -50.96 -7.97
CA GLY D 352 2.62 -52.39 -8.19
C GLY D 352 1.20 -52.76 -8.60
N THR D 353 0.41 -51.80 -9.08
CA THR D 353 -1.01 -52.04 -9.38
C THR D 353 -1.32 -52.33 -10.86
N SER D 354 -0.32 -52.79 -11.61
CA SER D 354 -0.49 -53.10 -13.03
C SER D 354 0.21 -54.41 -13.36
N GLN D 355 -0.30 -55.13 -14.35
CA GLN D 355 0.44 -56.26 -14.94
C GLN D 355 1.59 -55.77 -15.83
N LYS D 356 1.49 -54.55 -16.33
CA LYS D 356 2.55 -53.94 -17.14
C LYS D 356 3.63 -53.34 -16.26
N SER D 357 4.86 -53.32 -16.76
CA SER D 357 5.96 -52.66 -16.09
C SER D 357 5.77 -51.15 -16.18
N GLU D 358 6.42 -50.43 -15.28
CA GLU D 358 6.41 -48.97 -15.33
C GLU D 358 7.03 -48.44 -16.62
N ARG D 359 8.08 -49.11 -17.11
CA ARG D 359 8.67 -48.77 -18.43
C ARG D 359 7.64 -48.90 -19.56
N GLU D 360 6.83 -49.96 -19.53
CA GLU D 360 5.76 -50.15 -20.51
C GLU D 360 4.71 -49.03 -20.44
N LEU D 361 4.30 -48.66 -19.23
CA LEU D 361 3.35 -47.58 -19.07
C LEU D 361 3.93 -46.27 -19.57
N LEU D 362 5.23 -46.01 -19.34
CA LEU D 362 5.89 -44.82 -19.88
C LEU D 362 5.87 -44.80 -21.42
N GLU D 363 6.10 -45.95 -22.05
CA GLU D 363 5.99 -46.04 -23.52
C GLU D 363 4.57 -45.70 -24.01
N ILE D 364 3.57 -46.20 -23.31
CA ILE D 364 2.16 -45.93 -23.62
C ILE D 364 1.87 -44.44 -23.50
N VAL D 365 2.36 -43.82 -22.43
CA VAL D 365 2.19 -42.37 -22.24
C VAL D 365 2.84 -41.59 -23.38
N LYS D 366 4.09 -41.92 -23.72
CA LYS D 366 4.79 -41.20 -24.79
C LYS D 366 4.17 -41.41 -26.17
N LYS D 367 3.57 -42.56 -26.39
CA LYS D 367 2.83 -42.83 -27.63
C LYS D 367 1.52 -42.04 -27.75
N ASN D 368 0.90 -41.72 -26.60
CA ASN D 368 -0.46 -41.17 -26.58
C ASN D 368 -0.54 -39.68 -26.20
N PHE D 369 0.52 -39.12 -25.62
CA PHE D 369 0.51 -37.75 -25.10
C PHE D 369 1.72 -36.96 -25.57
N ASP D 370 1.51 -35.68 -25.82
CA ASP D 370 2.53 -34.72 -26.20
C ASP D 370 2.45 -33.63 -25.12
N LEU D 371 3.44 -33.59 -24.23
CA LEU D 371 3.38 -32.73 -23.05
C LEU D 371 4.18 -31.41 -23.22
N ARG D 372 4.37 -30.98 -24.46
CA ARG D 372 4.86 -29.63 -24.70
C ARG D 372 3.75 -28.64 -24.35
N PRO D 373 4.09 -27.52 -23.68
CA PRO D 373 3.08 -26.53 -23.29
C PRO D 373 2.17 -26.02 -24.40
N GLY D 374 2.74 -25.80 -25.57
CA GLY D 374 1.96 -25.36 -26.73
C GLY D 374 0.95 -26.35 -27.23
N VAL D 375 1.18 -27.64 -26.96
CA VAL D 375 0.25 -28.69 -27.36
C VAL D 375 -0.82 -28.88 -26.28
N ILE D 376 -0.36 -28.89 -25.03
CA ILE D 376 -1.26 -29.01 -23.87
C ILE D 376 -2.36 -27.95 -23.91
N VAL D 377 -2.00 -26.71 -24.19
CA VAL D 377 -2.99 -25.59 -24.28
C VAL D 377 -4.09 -25.89 -25.27
N ARG D 378 -3.74 -26.48 -26.40
CA ARG D 378 -4.74 -26.86 -27.41
C ARG D 378 -5.60 -28.01 -26.94
N ASP D 379 -4.95 -29.07 -26.44
CA ASP D 379 -5.68 -30.28 -26.03
C ASP D 379 -6.65 -30.06 -24.87
N LEU D 380 -6.27 -29.21 -23.91
CA LEU D 380 -7.08 -28.93 -22.73
C LEU D 380 -7.82 -27.59 -22.81
N ASP D 381 -7.77 -26.94 -23.96
CA ASP D 381 -8.54 -25.71 -24.20
C ASP D 381 -8.25 -24.61 -23.15
N LEU D 382 -6.97 -24.38 -22.88
CA LEU D 382 -6.58 -23.59 -21.71
C LEU D 382 -6.63 -22.06 -21.88
N LYS D 383 -6.97 -21.58 -23.08
CA LYS D 383 -7.19 -20.12 -23.24
C LYS D 383 -8.59 -19.68 -22.82
N LYS D 384 -9.49 -20.61 -22.50
CA LYS D 384 -10.86 -20.26 -22.08
C LYS D 384 -10.87 -19.67 -20.66
N PRO D 385 -11.76 -18.68 -20.41
CA PRO D 385 -11.83 -18.06 -19.08
C PRO D 385 -12.66 -18.92 -18.11
N ILE D 386 -12.11 -20.07 -17.74
CA ILE D 386 -12.80 -21.07 -16.91
C ILE D 386 -12.12 -21.22 -15.56
N TYR D 387 -11.20 -20.32 -15.24
CA TYR D 387 -10.31 -20.55 -14.09
C TYR D 387 -10.87 -20.21 -12.73
N GLN D 388 -11.73 -19.19 -12.65
CA GLN D 388 -12.33 -18.84 -11.35
C GLN D 388 -13.05 -20.04 -10.72
N ARG D 389 -13.69 -20.86 -11.57
CA ARG D 389 -14.38 -22.09 -11.10
C ARG D 389 -13.44 -23.11 -10.46
N THR D 390 -12.16 -23.12 -10.85
CA THR D 390 -11.18 -24.05 -10.29
C THR D 390 -10.68 -23.66 -8.90
N ALA D 391 -10.89 -22.41 -8.49
CA ALA D 391 -10.16 -21.83 -7.37
C ALA D 391 -10.68 -22.16 -5.97
N ALA D 392 -11.83 -22.85 -5.91
CA ALA D 392 -12.28 -23.48 -4.69
C ALA D 392 -12.82 -24.87 -5.03
N TYR D 393 -12.79 -25.74 -4.04
CA TYR D 393 -13.33 -27.11 -4.12
C TYR D 393 -12.46 -28.08 -4.91
N GLY D 394 -11.23 -27.70 -5.22
CA GLY D 394 -10.27 -28.57 -5.85
C GLY D 394 -10.20 -28.42 -7.34
N HIS D 395 -8.98 -28.56 -7.87
CA HIS D 395 -8.80 -28.47 -9.32
C HIS D 395 -9.10 -29.79 -10.03
N PHE D 396 -9.15 -30.88 -9.27
CA PHE D 396 -9.26 -32.23 -9.83
C PHE D 396 -10.44 -32.98 -9.25
N GLY D 397 -10.93 -33.97 -10.00
CA GLY D 397 -12.07 -34.78 -9.62
C GLY D 397 -13.44 -34.23 -10.04
N ARG D 398 -13.47 -33.14 -10.81
CA ARG D 398 -14.72 -32.49 -11.18
C ARG D 398 -14.93 -32.63 -12.70
N ASP D 399 -16.08 -33.18 -13.11
CA ASP D 399 -16.25 -33.67 -14.50
C ASP D 399 -16.33 -32.59 -15.61
N SER D 400 -16.56 -31.34 -15.23
CA SER D 400 -16.71 -30.27 -16.21
C SER D 400 -15.37 -29.74 -16.79
N PHE D 401 -14.22 -30.26 -16.33
CA PHE D 401 -12.92 -29.76 -16.79
C PHE D 401 -12.29 -30.72 -17.82
N PRO D 402 -11.61 -30.16 -18.85
CA PRO D 402 -11.07 -31.04 -19.92
C PRO D 402 -10.02 -32.08 -19.47
N TRP D 403 -9.26 -31.74 -18.44
CA TRP D 403 -8.26 -32.68 -17.88
C TRP D 403 -8.87 -33.83 -17.07
N GLU D 404 -10.19 -33.79 -16.87
CA GLU D 404 -10.92 -34.85 -16.21
C GLU D 404 -11.66 -35.78 -17.19
N VAL D 405 -11.56 -35.52 -18.49
CA VAL D 405 -12.14 -36.41 -19.50
C VAL D 405 -11.01 -37.33 -19.96
N PRO D 406 -11.03 -38.60 -19.53
CA PRO D 406 -9.90 -39.46 -19.90
C PRO D 406 -9.73 -39.64 -21.39
N LYS D 407 -8.47 -39.71 -21.83
CA LYS D 407 -8.15 -40.02 -23.21
C LYS D 407 -8.18 -41.54 -23.40
N LYS D 408 -8.87 -41.99 -24.44
CA LYS D 408 -8.88 -43.39 -24.83
C LYS D 408 -7.49 -43.77 -25.32
N LEU D 409 -6.87 -44.76 -24.69
CA LEU D 409 -5.47 -45.11 -25.01
C LEU D 409 -5.43 -46.28 -25.99
N LYS D 410 -4.67 -46.11 -27.07
CA LYS D 410 -4.34 -47.18 -28.02
C LYS D 410 -2.83 -47.30 -28.13
S SO4 E . -27.33 31.96 19.08
O1 SO4 E . -26.31 30.99 19.54
O2 SO4 E . -27.80 31.62 17.72
O3 SO4 E . -26.74 33.32 19.08
O4 SO4 E . -28.49 31.91 20.00
S SO4 F . 0.43 49.35 26.60
O1 SO4 F . 1.24 48.27 26.01
O2 SO4 F . -1.01 49.04 26.44
O3 SO4 F . 0.77 49.46 28.05
O4 SO4 F . 0.74 50.63 25.92
S SO4 G . 21.26 32.88 16.58
O1 SO4 G . 21.36 32.65 18.04
O2 SO4 G . 20.41 31.81 15.99
O3 SO4 G . 22.60 32.82 15.96
O4 SO4 G . 20.65 34.20 16.32
S SO4 H . 9.78 39.94 26.71
O1 SO4 H . 10.75 38.98 27.30
O2 SO4 H . 8.62 39.23 26.15
O3 SO4 H . 9.32 40.84 27.79
O4 SO4 H . 10.45 40.72 25.64
S SO4 I . -20.63 34.47 17.70
O1 SO4 I . -20.84 33.16 17.05
O2 SO4 I . -19.29 34.50 18.34
O3 SO4 I . -21.67 34.66 18.75
O4 SO4 I . -20.76 35.57 16.72
S SO4 J . 0.27 31.56 9.07
O1 SO4 J . 0.20 30.10 8.80
O2 SO4 J . 1.15 31.82 10.22
O3 SO4 J . -1.12 32.03 9.35
O4 SO4 J . 0.85 32.31 7.92
S SO4 K . -21.77 2.24 1.57
O1 SO4 K . -20.79 1.94 0.51
O2 SO4 K . -22.20 0.97 2.23
O3 SO4 K . -22.93 2.96 1.02
O4 SO4 K . -21.15 3.10 2.59
O1 PG4 L . -9.35 -7.65 14.63
C1 PG4 L . -8.48 -6.94 13.74
C2 PG4 L . -8.50 -5.45 14.07
O2 PG4 L . -7.16 -4.95 14.14
C3 PG4 L . -6.43 -5.32 15.29
C4 PG4 L . -5.86 -4.08 15.97
O3 PG4 L . -6.26 -4.03 17.34
C5 PG4 L . -7.37 -3.18 17.65
C6 PG4 L . -6.87 -1.93 18.35
O4 PG4 L . -7.93 -1.38 19.15
C7 PG4 L . -8.82 -0.51 18.45
C8 PG4 L . -10.21 -0.56 19.06
O5 PG4 L . -10.54 0.72 19.62
O1 PG4 M . -11.35 19.94 18.55
C1 PG4 M . -12.28 18.87 18.58
C2 PG4 M . -11.64 17.67 19.25
O2 PG4 M . -11.31 16.68 18.26
C3 PG4 M . -10.07 16.03 18.47
C4 PG4 M . -10.14 15.01 19.61
O3 PG4 M . -9.21 15.40 20.64
C5 PG4 M . -8.79 14.37 21.54
C6 PG4 M . -9.32 14.66 22.95
O4 PG4 M . -8.24 14.98 23.84
C7 PG4 M . -8.69 15.33 25.15
C8 PG4 M . -7.59 15.11 26.18
O5 PG4 M . -6.30 15.41 25.63
NA NA N . -4.96 16.77 22.28
C1 GOL O . 14.41 22.32 -9.96
O1 GOL O . 13.07 22.20 -10.53
C2 GOL O . 15.34 21.30 -10.60
O2 GOL O . 14.74 19.98 -10.62
C3 GOL O . 16.66 21.34 -9.84
O3 GOL O . 17.64 20.62 -10.54
S SO4 P . 4.69 21.65 4.59
O1 SO4 P . 5.46 21.07 5.72
O2 SO4 P . 4.56 20.62 3.53
O3 SO4 P . 3.39 22.12 5.09
O4 SO4 P . 5.41 22.81 4.05
S SO4 Q . 11.16 39.63 -13.92
O1 SO4 Q . 9.85 39.92 -13.31
O2 SO4 Q . 11.46 38.19 -13.80
O3 SO4 Q . 12.22 40.41 -13.22
O4 SO4 Q . 11.11 40.01 -15.34
S SO4 R . 18.01 39.52 -15.98
O1 SO4 R . 19.01 39.04 -15.00
O2 SO4 R . 18.32 38.93 -17.31
O3 SO4 R . 16.66 39.08 -15.56
O4 SO4 R . 18.04 40.99 -16.07
S SO4 S . -21.18 38.12 -19.69
O1 SO4 S . -20.89 36.75 -20.16
O2 SO4 S . -21.35 38.12 -18.21
O3 SO4 S . -22.43 38.58 -20.33
O4 SO4 S . -20.05 38.99 -20.06
S SO4 T . 26.76 40.00 2.38
O1 SO4 T . 26.95 39.38 1.04
O2 SO4 T . 26.74 38.94 3.41
O3 SO4 T . 27.86 40.96 2.65
O4 SO4 T . 25.48 40.73 2.40
S SO4 U . 19.20 19.37 2.80
O1 SO4 U . 19.24 18.10 3.55
O2 SO4 U . 18.19 19.29 1.71
O3 SO4 U . 18.85 20.49 3.71
O4 SO4 U . 20.55 19.63 2.22
S SO4 V . 33.08 19.45 -0.30
O1 SO4 V . 33.39 18.16 -0.98
O2 SO4 V . 33.03 19.23 1.17
O3 SO4 V . 31.78 19.96 -0.74
O4 SO4 V . 34.15 20.42 -0.64
S SO4 W . -16.55 44.82 -3.55
O1 SO4 W . -15.93 45.08 -4.87
O2 SO4 W . -16.74 43.38 -3.40
O3 SO4 W . -15.65 45.29 -2.46
O4 SO4 W . -17.87 45.51 -3.51
O1 PG4 X . -0.82 41.03 -0.51
C1 PG4 X . -1.98 41.14 0.29
C2 PG4 X . -1.65 41.70 1.66
O2 PG4 X . -1.52 40.63 2.59
C3 PG4 X . -0.38 39.81 2.39
C4 PG4 X . 0.91 40.51 2.79
O3 PG4 X . 0.75 41.77 3.45
C5 PG4 X . 1.96 42.54 3.42
C6 PG4 X . 1.95 43.50 2.24
O4 PG4 X . 1.18 44.62 2.62
C7 PG4 X . 1.52 45.81 1.93
C8 PG4 X . 0.67 46.95 2.47
O5 PG4 X . -0.67 46.49 2.69
O1 PG4 Y . -11.24 46.99 4.73
C1 PG4 Y . -12.29 46.45 3.90
C2 PG4 Y . -11.68 45.80 2.67
O2 PG4 Y . -11.80 44.38 2.74
C3 PG4 Y . -10.96 43.77 3.72
C4 PG4 Y . -10.64 42.34 3.33
O3 PG4 Y . -9.67 42.32 2.27
C5 PG4 Y . -8.30 42.42 2.68
C6 PG4 Y . -7.55 43.32 1.69
O4 PG4 Y . -6.97 44.44 2.39
C7 PG4 Y . -7.32 45.71 1.84
C8 PG4 Y . -6.81 46.86 2.70
O5 PG4 Y . -5.51 46.57 3.22
O1 PG4 Z . 5.32 -46.29 -3.35
C1 PG4 Z . 5.72 -45.60 -4.55
C2 PG4 Z . 6.48 -44.34 -4.17
O2 PG4 Z . 6.26 -43.34 -5.17
C3 PG4 Z . 7.35 -42.43 -5.36
C4 PG4 Z . 8.29 -43.00 -6.41
O3 PG4 Z . 9.66 -42.83 -6.02
C5 PG4 Z . 10.57 -43.71 -6.70
C6 PG4 Z . 10.71 -45.00 -5.91
O4 PG4 Z . 10.61 -46.16 -6.73
C7 PG4 Z . 9.47 -47.00 -6.45
C8 PG4 Z . 9.63 -47.69 -5.10
O5 PG4 Z . 8.99 -48.96 -5.11
C1 GOL AA . -19.36 -21.73 3.43
O1 GOL AA . -20.63 -21.10 3.56
C2 GOL AA . -18.89 -21.66 1.97
O2 GOL AA . -18.42 -20.34 1.60
C3 GOL AA . -17.79 -22.69 1.79
O3 GOL AA . -17.14 -22.64 0.51
S SO4 BA . 4.89 -55.11 -12.44
O1 SO4 BA . 5.79 -56.27 -12.20
O2 SO4 BA . 4.00 -55.43 -13.58
O3 SO4 BA . 5.70 -53.91 -12.76
O4 SO4 BA . 4.08 -54.84 -11.23
S SO4 CA . -24.74 -39.81 -0.55
O1 SO4 CA . -23.27 -39.67 -0.67
O2 SO4 CA . -25.07 -41.22 -0.30
O3 SO4 CA . -25.22 -38.98 0.58
O4 SO4 CA . -25.38 -39.37 -1.81
S SO4 DA . -0.73 -22.38 5.93
O1 SO4 DA . 0.60 -22.76 5.46
O2 SO4 DA . -1.66 -23.52 5.81
O3 SO4 DA . -0.67 -21.94 7.34
O4 SO4 DA . -1.27 -21.26 5.09
S SO4 EA . 1.43 -31.00 -8.61
O1 SO4 EA . 2.90 -31.18 -8.54
O2 SO4 EA . 0.69 -32.04 -7.83
O3 SO4 EA . 1.06 -29.66 -8.13
O4 SO4 EA . 1.01 -31.04 -10.02
O1 PG4 FA . -18.49 -3.14 18.86
C1 PG4 FA . -19.52 -4.02 19.32
C2 PG4 FA . -20.56 -4.22 18.22
O2 PG4 FA . -20.29 -5.43 17.50
C3 PG4 FA . -19.44 -5.21 16.36
C4 PG4 FA . -18.99 -6.54 15.74
O3 PG4 FA . -18.41 -6.29 14.45
C5 PG4 FA . -17.43 -7.24 14.00
C6 PG4 FA . -16.16 -6.54 13.49
O4 PG4 FA . -15.02 -7.41 13.63
C7 PG4 FA . -14.15 -7.15 14.74
C8 PG4 FA . -13.44 -8.43 15.17
O5 PG4 FA . -12.00 -8.33 15.07
O1 PG4 GA . 0.88 -41.23 -1.60
C1 PG4 GA . 1.27 -40.45 -0.46
C2 PG4 GA . 2.11 -41.31 0.49
O2 PG4 GA . 1.37 -41.64 1.67
C3 PG4 GA . 0.34 -42.62 1.48
C4 PG4 GA . 0.66 -43.86 2.31
O3 PG4 GA . -0.34 -44.85 2.09
C5 PG4 GA . -0.14 -45.67 0.94
C6 PG4 GA . 0.47 -47.01 1.33
O4 PG4 GA . 1.53 -47.35 0.42
C7 PG4 GA . 2.81 -46.76 0.67
C8 PG4 GA . 3.16 -45.79 -0.46
O5 PG4 GA . 4.55 -45.88 -0.77
#